data_8JPC
#
_entry.id   8JPC
#
_cell.length_a   1.00
_cell.length_b   1.00
_cell.length_c   1.00
_cell.angle_alpha   90.00
_cell.angle_beta   90.00
_cell.angle_gamma   90.00
#
_symmetry.space_group_name_H-M   'P 1'
#
loop_
_entity.id
_entity.type
_entity.pdbx_description
1 polymer NTS(8-13)
2 polymer 'Neurotensin receptor type 1'
3 polymer 'Beta-adrenergic receptor kinase 1'
4 polymer 'Guanine nucleotide-binding protein G(q) subunit alpha'
5 non-polymer 2-[{2-(1-fluorocyclopropyl)-4-[4-(2-methoxyphenyl)piperidin-1-yl]quinazolin-6-yl}(methyl)amino]ethan-1-ol
6 non-polymer STAUROSPORINE
7 non-polymer "GUANOSINE-5'-DIPHOSPHATE"
8 non-polymer 'MAGNESIUM ION'
9 non-polymer 'TETRAFLUOROALUMINATE ION'
#
loop_
_entity_poly.entity_id
_entity_poly.type
_entity_poly.pdbx_seq_one_letter_code
_entity_poly.pdbx_strand_id
1 'polypeptide(L)' RRPYIL L
2 'polypeptide(L)'
;MRLNSSAPGTPGTPAADPFQRAQAGLEEALLAPGFGNASGNASERVLAAPSSELDVNTDIYSKVLVTAVYLALFVVGTVG
NTVTAFTLARKKSLQSLQSTVHYHLGSLALSDLLTLLLAMPVELYNFIWVHHPWAFGDAGCRGYYFLRDACTYATALNVA
SLSVERYLAICHPFKAKTLMSRSRTKKFISAIWLASALLAVPMLFTMGEQNRSADGQHAGGLVCTPTIHTATVKVVIQVN
TFMSFIFPMVVISVLNTIIANKLTVMVRQAAEQGQVCTVGGEHSTFSMAIEPGRVQALRHGVRVLRAVVIAFVVCWLPYH
VRRLMFCYISDEQWTPFLYDFYHYFYMVTNALFYVSSTINPILYNLVSANFRHIFLATLACLCPVWRRRRKRPAFSRKAD
SVSSNHTLSSNATRETLY
;
R
3 'polypeptide(L)'
;ADLEAVLADVSYLMAMEKSKATPAARASKKILLPEPSIRSVMQKYLEDRGEVTFEKIFSQKLGYLLFRDFCLKHLEEAKP
LVEFYEEIKKYEKLETEEERLVCSREIFDTYIMKELLACSHPFSKSAIEHVQGHLVKKQVPPDLFQPYIEEICQNLRGDV
FQKFIESDKFTRFCQWKNVELNIHLTMNDFSVHRIIGRGGFGEVYGCRKADTGKMYAMKCLDKKRIKMKQGETLALNERI
MLSLVSTGDCPFIVCMSYAFHTPDKLSFILDLMNGGDLHYHLSQHGVFSEPDMIFYAAEIILGLEHMHNRFVVYRDLKPA
NILLDEHGHVRISDLGLACDFSKKKPHASVGTHGYMAPEVLQKGVAYDSSADWFSLGCMLFKLLRGHSPFRQHKTKDKHE
IDRMTLTMAVELPDSFSPELRSLLEGLLQRDVNRRLGCLGRGAQEVKESPFFRDLDWQMVFLQKYPPPLIPPRGEVNAAD
AFDIGSFDEEDTKGIKLLDSDQELYRNFPLTISERWQQEVAETVFDTINAETDRLEARKKTKNKQLGHEEDYALGKDCIM
HGYMSKMGNPFLTQWQRRYFYLFPNRLEWRGEGEAPQSLLTMEEIQSVEETQIKERKCLLLKIRGGKQFVLQCDSDPELV
QWKKELRDAYREAQQLVQRVPKMKNKPRSPVVELSKVPLIQRGSANGL
;
G
4 'polypeptide(L)'
;MGCTLSAEDKAAVERSKMIDRNLREDGERSRRELKLLLLGTGESGKSTFIKQMRIIHGSGYSDEDKRGFTKLVYQNIFTA
MQAMIRAMDTLKIPYKYEHNKAHAQLVREVDVEKVSAFENPYVDAIKSLWNDPGIQECYDRRREYQLSDSTKYYLNDLDR
VADPAYLPTQQDVLRVRVPTTGIIEYPFDLQSVIFRMVDVGGQRSERRKWIHCFENVTSIMFLVALSEYDQVLVESDNEN
RMEESKALFRTIITYPWFQNSSVILFLNKKDLLEEKIMYSHLVDYFPEYDGPQRDAQAAREFILKMFVDLNPDSDKIIYS
HFTCATDTENIRFVFAAVKDTILQLNLKEYNLV
;
Q
#
loop_
_chem_comp.id
_chem_comp.type
_chem_comp.name
_chem_comp.formula
ALF non-polymer 'TETRAFLUOROALUMINATE ION' 'Al F4 -1'
GDP RNA linking GUANOSINE-5'-DIPHOSPHATE 'C10 H15 N5 O11 P2'
MG non-polymer 'MAGNESIUM ION' 'Mg 2'
SRW non-polymer 2-[{2-(1-fluorocyclopropyl)-4-[4-(2-methoxyphenyl)piperidin-1-yl]quinazolin-6-yl}(methyl)amino]ethan-1-ol 'C26 H31 F N4 O2'
STU non-polymer STAUROSPORINE 'C28 H26 N4 O3'
#
# COMPACT_ATOMS: atom_id res chain seq x y z
N ARG A 1 -16.87 -79.18 6.70
CA ARG A 1 -15.39 -79.04 6.76
C ARG A 1 -15.01 -77.58 6.84
N ARG A 2 -14.93 -77.05 8.07
CA ARG A 2 -14.63 -75.64 8.30
C ARG A 2 -13.12 -75.44 8.36
N PRO A 3 -12.57 -74.44 7.65
CA PRO A 3 -11.10 -74.26 7.66
C PRO A 3 -10.60 -73.63 8.95
N TYR A 4 -9.30 -73.44 9.03
CA TYR A 4 -8.65 -72.93 10.24
C TYR A 4 -7.77 -71.72 9.98
N ILE A 5 -7.07 -71.69 8.83
CA ILE A 5 -6.12 -70.62 8.58
C ILE A 5 -6.86 -69.28 8.50
N LEU A 6 -6.15 -68.21 8.89
CA LEU A 6 -6.69 -66.86 8.83
C LEU A 6 -6.09 -66.07 7.67
N SER B 52 -11.71 -86.29 7.62
CA SER B 52 -11.14 -85.10 8.32
C SER B 52 -9.77 -84.74 7.74
N GLU B 53 -9.75 -83.74 6.85
CA GLU B 53 -8.52 -83.33 6.20
C GLU B 53 -7.46 -82.96 7.22
N LEU B 54 -6.37 -83.74 7.26
CA LEU B 54 -5.25 -83.45 8.14
C LEU B 54 -4.21 -82.54 7.49
N ASP B 55 -3.96 -82.74 6.20
CA ASP B 55 -2.95 -81.98 5.47
C ASP B 55 -3.60 -81.33 4.25
N VAL B 56 -2.95 -80.27 3.77
CA VAL B 56 -3.50 -79.50 2.65
C VAL B 56 -3.60 -80.37 1.40
N ASN B 57 -4.58 -80.07 0.55
CA ASN B 57 -4.74 -80.72 -0.73
C ASN B 57 -4.22 -79.87 -1.88
N THR B 58 -3.49 -78.80 -1.59
CA THR B 58 -3.00 -77.90 -2.61
C THR B 58 -1.99 -78.59 -3.52
N ASP B 59 -1.99 -78.19 -4.79
CA ASP B 59 -1.11 -78.79 -5.78
C ASP B 59 0.34 -78.37 -5.55
N ILE B 60 1.26 -79.23 -5.99
CA ILE B 60 2.68 -78.89 -5.92
C ILE B 60 3.01 -77.76 -6.88
N TYR B 61 2.36 -77.74 -8.05
CA TYR B 61 2.57 -76.66 -9.00
C TYR B 61 2.30 -75.31 -8.35
N SER B 62 1.18 -75.19 -7.66
CA SER B 62 0.90 -73.97 -6.90
C SER B 62 1.93 -73.77 -5.80
N LYS B 63 2.27 -74.84 -5.07
CA LYS B 63 3.23 -74.72 -3.98
C LYS B 63 4.54 -74.11 -4.46
N VAL B 64 4.89 -74.32 -5.73
CA VAL B 64 6.12 -73.75 -6.28
C VAL B 64 5.88 -72.36 -6.85
N LEU B 65 4.82 -72.19 -7.64
CA LEU B 65 4.59 -70.90 -8.31
C LEU B 65 4.32 -69.80 -7.29
N VAL B 66 3.44 -70.07 -6.32
CA VAL B 66 3.13 -69.05 -5.31
C VAL B 66 4.36 -68.74 -4.48
N THR B 67 5.15 -69.76 -4.15
CA THR B 67 6.38 -69.52 -3.39
C THR B 67 7.34 -68.63 -4.18
N ALA B 68 7.49 -68.90 -5.47
CA ALA B 68 8.33 -68.05 -6.30
C ALA B 68 7.81 -66.61 -6.33
N VAL B 69 6.50 -66.45 -6.44
CA VAL B 69 5.91 -65.10 -6.41
C VAL B 69 6.22 -64.42 -5.09
N TYR B 70 6.06 -65.15 -3.98
CA TYR B 70 6.32 -64.58 -2.66
C TYR B 70 7.77 -64.11 -2.56
N LEU B 71 8.72 -64.92 -3.01
CA LEU B 71 10.12 -64.54 -2.90
C LEU B 71 10.45 -63.37 -3.83
N ALA B 72 9.87 -63.37 -5.03
CA ALA B 72 10.11 -62.29 -5.98
C ALA B 72 9.57 -60.96 -5.44
N LEU B 73 8.44 -61.00 -4.74
CA LEU B 73 7.96 -59.78 -4.10
C LEU B 73 8.78 -59.41 -2.87
N PHE B 74 9.27 -60.43 -2.15
CA PHE B 74 10.06 -60.19 -0.95
C PHE B 74 11.35 -59.45 -1.29
N VAL B 75 12.02 -59.87 -2.36
CA VAL B 75 13.31 -59.24 -2.70
C VAL B 75 13.10 -57.76 -2.95
N VAL B 76 12.09 -57.40 -3.75
CA VAL B 76 11.85 -56.00 -4.05
C VAL B 76 11.43 -55.24 -2.80
N GLY B 77 10.43 -55.76 -2.08
CA GLY B 77 9.92 -55.05 -0.92
C GLY B 77 10.88 -55.01 0.25
N THR B 78 11.99 -55.73 0.17
CA THR B 78 13.07 -55.58 1.15
C THR B 78 14.13 -54.60 0.64
N VAL B 79 14.72 -54.88 -0.53
CA VAL B 79 15.82 -54.04 -1.01
C VAL B 79 15.34 -52.62 -1.26
N GLY B 80 14.33 -52.46 -2.12
CA GLY B 80 13.87 -51.13 -2.47
C GLY B 80 13.30 -50.38 -1.29
N ASN B 81 12.61 -51.09 -0.39
CA ASN B 81 12.02 -50.43 0.77
C ASN B 81 13.08 -49.95 1.74
N THR B 82 14.12 -50.77 1.99
CA THR B 82 15.20 -50.33 2.85
C THR B 82 15.95 -49.15 2.21
N VAL B 83 16.14 -49.21 0.89
CA VAL B 83 16.79 -48.09 0.21
C VAL B 83 15.97 -46.82 0.35
N THR B 84 14.64 -46.95 0.21
CA THR B 84 13.77 -45.81 0.41
C THR B 84 13.92 -45.23 1.81
N ALA B 85 13.88 -46.10 2.82
CA ALA B 85 14.05 -45.64 4.19
C ALA B 85 15.37 -44.92 4.37
N PHE B 86 16.43 -45.42 3.73
CA PHE B 86 17.74 -44.79 3.84
C PHE B 86 17.76 -43.43 3.16
N THR B 87 17.12 -43.31 2.00
CA THR B 87 17.22 -42.08 1.21
C THR B 87 16.66 -40.89 1.98
N LEU B 88 15.52 -41.05 2.62
CA LEU B 88 14.88 -39.97 3.37
C LEU B 88 15.49 -39.85 4.76
N THR B 100 7.26 -31.62 5.47
CA THR B 100 7.67 -32.68 6.39
C THR B 100 7.07 -34.02 5.96
N VAL B 101 6.64 -34.10 4.71
CA VAL B 101 6.03 -35.33 4.20
C VAL B 101 7.05 -36.46 4.19
N HIS B 102 8.33 -36.15 3.99
CA HIS B 102 9.34 -37.19 3.87
C HIS B 102 9.30 -38.14 5.06
N TYR B 103 8.99 -37.62 6.25
CA TYR B 103 8.84 -38.47 7.42
C TYR B 103 7.71 -39.48 7.20
N HIS B 104 6.58 -39.03 6.64
CA HIS B 104 5.47 -39.94 6.39
C HIS B 104 5.84 -40.98 5.34
N LEU B 105 6.54 -40.55 4.28
CA LEU B 105 6.95 -41.48 3.22
C LEU B 105 7.85 -42.55 3.83
N GLY B 106 8.82 -42.18 4.68
CA GLY B 106 9.71 -43.14 5.32
C GLY B 106 8.99 -44.04 6.30
N SER B 107 8.02 -43.48 7.04
CA SER B 107 7.24 -44.29 7.97
C SER B 107 6.46 -45.37 7.25
N LEU B 108 5.80 -45.01 6.15
CA LEU B 108 5.06 -46.00 5.37
C LEU B 108 6.02 -47.04 4.78
N ALA B 109 7.21 -46.60 4.36
CA ALA B 109 8.21 -47.55 3.89
C ALA B 109 8.59 -48.55 4.98
N LEU B 110 8.80 -48.06 6.20
CA LEU B 110 9.12 -48.95 7.31
C LEU B 110 7.98 -49.90 7.60
N SER B 111 6.74 -49.39 7.57
CA SER B 111 5.58 -50.24 7.83
C SER B 111 5.49 -51.37 6.80
N ASP B 112 5.68 -51.05 5.53
CA ASP B 112 5.63 -52.08 4.50
C ASP B 112 6.80 -53.06 4.65
N LEU B 113 7.98 -52.56 4.98
CA LEU B 113 9.13 -53.45 5.15
C LEU B 113 8.88 -54.42 6.29
N LEU B 114 8.29 -53.96 7.39
CA LEU B 114 7.93 -54.85 8.47
C LEU B 114 6.87 -55.86 8.03
N THR B 115 5.80 -55.36 7.40
CA THR B 115 4.72 -56.19 6.89
C THR B 115 5.29 -57.36 6.10
N LEU B 116 6.32 -57.10 5.30
CA LEU B 116 6.93 -58.17 4.51
C LEU B 116 7.84 -59.05 5.37
N LEU B 117 8.90 -58.47 5.94
CA LEU B 117 9.94 -59.26 6.57
C LEU B 117 9.38 -60.06 7.75
N LEU B 118 8.70 -59.39 8.67
CA LEU B 118 8.23 -60.08 9.87
C LEU B 118 7.21 -61.17 9.52
N ALA B 119 6.32 -60.89 8.57
CA ALA B 119 5.16 -61.73 8.37
C ALA B 119 5.39 -62.86 7.36
N MET B 120 5.90 -62.54 6.18
CA MET B 120 5.92 -63.53 5.10
C MET B 120 6.64 -64.83 5.47
N PRO B 121 7.87 -64.80 6.00
CA PRO B 121 8.60 -66.07 6.15
C PRO B 121 7.89 -67.10 7.01
N VAL B 122 7.09 -66.66 7.99
CA VAL B 122 6.42 -67.61 8.86
C VAL B 122 5.41 -68.44 8.06
N GLU B 123 4.78 -67.82 7.06
CA GLU B 123 3.77 -68.53 6.28
C GLU B 123 4.37 -69.76 5.61
N LEU B 124 5.51 -69.60 4.95
CA LEU B 124 6.09 -70.69 4.18
C LEU B 124 6.35 -71.89 5.09
N TYR B 125 5.91 -73.06 4.64
CA TYR B 125 6.00 -74.35 5.32
C TYR B 125 4.97 -74.46 6.44
N ASN B 126 4.20 -73.42 6.74
CA ASN B 126 3.21 -73.47 7.81
C ASN B 126 1.84 -73.05 7.29
N PHE B 127 1.81 -72.20 6.27
CA PHE B 127 0.58 -71.76 5.65
C PHE B 127 0.57 -71.96 4.14
N ILE B 128 1.71 -71.76 3.48
CA ILE B 128 1.79 -71.85 2.03
C ILE B 128 2.17 -73.27 1.62
N TRP B 129 3.34 -73.72 2.05
CA TRP B 129 3.84 -75.03 1.65
C TRP B 129 3.20 -76.18 2.43
N VAL B 130 2.51 -75.89 3.54
CA VAL B 130 1.89 -76.93 4.35
C VAL B 130 0.78 -76.28 5.16
N HIS B 131 -0.16 -77.11 5.64
CA HIS B 131 -1.27 -76.61 6.43
C HIS B 131 -1.43 -77.41 7.72
N HIS B 132 -0.95 -78.67 7.73
CA HIS B 132 -1.17 -79.52 8.90
C HIS B 132 -0.36 -79.06 10.10
N PRO B 133 0.97 -79.09 10.08
CA PRO B 133 1.74 -78.76 11.28
C PRO B 133 1.86 -77.26 11.50
N TRP B 134 1.94 -76.89 12.78
CA TRP B 134 2.17 -75.52 13.20
C TRP B 134 3.35 -75.50 14.16
N ALA B 135 4.32 -74.62 13.89
CA ALA B 135 5.58 -74.65 14.63
C ALA B 135 5.48 -73.94 15.97
N PHE B 136 5.17 -72.64 15.95
CA PHE B 136 5.15 -71.86 17.17
C PHE B 136 4.04 -72.34 18.11
N GLY B 137 4.22 -72.04 19.40
CA GLY B 137 3.23 -72.39 20.39
C GLY B 137 2.03 -71.49 20.33
N ASP B 138 1.09 -71.74 21.26
CA ASP B 138 -0.13 -70.93 21.31
C ASP B 138 0.21 -69.46 21.42
N ALA B 139 1.09 -69.11 22.37
CA ALA B 139 1.55 -67.74 22.47
C ALA B 139 2.26 -67.31 21.20
N GLY B 140 3.01 -68.22 20.58
CA GLY B 140 3.67 -67.89 19.33
C GLY B 140 2.70 -67.52 18.22
N CYS B 141 1.66 -68.33 18.05
CA CYS B 141 0.66 -68.03 17.03
C CYS B 141 -0.09 -66.75 17.34
N ARG B 142 -0.44 -66.55 18.61
CA ARG B 142 -1.13 -65.31 18.99
C ARG B 142 -0.26 -64.10 18.68
N GLY B 143 1.02 -64.17 19.01
CA GLY B 143 1.93 -63.07 18.70
C GLY B 143 2.12 -62.87 17.21
N TYR B 144 2.16 -63.95 16.43
CA TYR B 144 2.29 -63.81 14.99
C TYR B 144 1.08 -63.09 14.40
N TYR B 145 -0.13 -63.49 14.81
CA TYR B 145 -1.31 -62.78 14.33
C TYR B 145 -1.35 -61.35 14.83
N PHE B 146 -0.88 -61.11 16.05
CA PHE B 146 -0.78 -59.75 16.57
C PHE B 146 0.11 -58.91 15.68
N LEU B 147 1.29 -59.43 15.33
CA LEU B 147 2.20 -58.69 14.45
C LEU B 147 1.58 -58.46 13.08
N ARG B 148 0.95 -59.49 12.52
CA ARG B 148 0.33 -59.35 11.21
C ARG B 148 -0.70 -58.24 11.20
N ASP B 149 -1.64 -58.30 12.14
CA ASP B 149 -2.72 -57.31 12.17
C ASP B 149 -2.20 -55.92 12.51
N ALA B 150 -1.22 -55.81 13.40
CA ALA B 150 -0.65 -54.52 13.72
C ALA B 150 0.01 -53.91 12.49
N CYS B 151 0.77 -54.72 11.74
CA CYS B 151 1.40 -54.21 10.52
C CYS B 151 0.37 -53.79 9.49
N THR B 152 -0.69 -54.58 9.32
CA THR B 152 -1.73 -54.23 8.36
C THR B 152 -2.39 -52.90 8.72
N TYR B 153 -2.83 -52.77 9.97
CA TYR B 153 -3.46 -51.55 10.41
C TYR B 153 -2.51 -50.37 10.29
N ALA B 154 -1.25 -50.57 10.66
CA ALA B 154 -0.27 -49.49 10.56
C ALA B 154 -0.11 -49.04 9.12
N THR B 155 0.00 -49.98 8.19
CA THR B 155 0.16 -49.62 6.78
C THR B 155 -1.04 -48.83 6.28
N ALA B 156 -2.25 -49.32 6.56
CA ALA B 156 -3.44 -48.62 6.07
C ALA B 156 -3.54 -47.23 6.67
N LEU B 157 -3.38 -47.11 7.99
CA LEU B 157 -3.53 -45.82 8.64
C LEU B 157 -2.40 -44.88 8.25
N ASN B 158 -1.22 -45.41 7.93
CA ASN B 158 -0.12 -44.57 7.50
C ASN B 158 -0.35 -44.06 6.08
N VAL B 159 -0.94 -44.88 5.22
CA VAL B 159 -1.31 -44.38 3.90
C VAL B 159 -2.34 -43.27 4.04
N ALA B 160 -3.32 -43.46 4.92
CA ALA B 160 -4.31 -42.39 5.15
C ALA B 160 -3.63 -41.13 5.68
N SER B 161 -2.68 -41.29 6.61
CA SER B 161 -1.99 -40.14 7.17
C SER B 161 -1.17 -39.42 6.10
N LEU B 162 -0.51 -40.17 5.22
CA LEU B 162 0.19 -39.55 4.11
C LEU B 162 -0.77 -38.75 3.24
N SER B 163 -1.92 -39.34 2.93
CA SER B 163 -2.91 -38.63 2.12
C SER B 163 -3.30 -37.31 2.77
N VAL B 164 -3.66 -37.34 4.05
CA VAL B 164 -4.14 -36.13 4.70
C VAL B 164 -3.02 -35.12 4.85
N GLU B 165 -1.81 -35.58 5.15
CA GLU B 165 -0.67 -34.67 5.30
C GLU B 165 -0.40 -33.94 3.99
N ARG B 166 -0.36 -34.69 2.89
CA ARG B 166 -0.09 -34.08 1.59
C ARG B 166 -1.21 -33.14 1.22
N TYR B 167 -2.45 -33.52 1.51
CA TYR B 167 -3.59 -32.65 1.19
C TYR B 167 -3.49 -31.32 1.93
N LEU B 168 -3.16 -31.37 3.23
CA LEU B 168 -3.01 -30.15 3.99
C LEU B 168 -1.85 -29.31 3.46
N ALA B 169 -0.74 -29.97 3.09
CA ALA B 169 0.42 -29.25 2.60
C ALA B 169 0.14 -28.57 1.27
N ILE B 170 -0.60 -29.22 0.37
CA ILE B 170 -0.84 -28.66 -0.96
C ILE B 170 -1.99 -27.64 -0.97
N CYS B 171 -3.15 -27.99 -0.41
CA CYS B 171 -4.30 -27.10 -0.52
C CYS B 171 -4.13 -25.82 0.31
N HIS B 172 -3.65 -25.94 1.54
CA HIS B 172 -3.53 -24.78 2.43
C HIS B 172 -2.16 -24.81 3.09
N PRO B 173 -1.11 -24.41 2.36
CA PRO B 173 0.25 -24.49 2.93
C PRO B 173 0.43 -23.68 4.20
N PHE B 174 -0.18 -22.50 4.28
CA PHE B 174 -0.02 -21.68 5.48
C PHE B 174 -0.58 -22.38 6.70
N LYS B 175 -1.76 -23.00 6.56
CA LYS B 175 -2.29 -23.79 7.66
C LYS B 175 -1.37 -24.95 7.99
N ALA B 176 -0.85 -25.62 6.96
CA ALA B 176 0.07 -26.73 7.19
C ALA B 176 1.29 -26.29 8.00
N LYS B 177 1.74 -25.05 7.81
CA LYS B 177 2.92 -24.58 8.53
C LYS B 177 2.74 -24.69 10.04
N THR B 178 1.50 -24.59 10.52
CA THR B 178 1.20 -24.69 11.96
C THR B 178 0.67 -26.07 12.32
N LEU B 179 -0.39 -26.51 11.65
CA LEU B 179 -0.99 -27.81 11.96
C LEU B 179 -0.05 -28.97 11.64
N MET B 180 1.00 -28.72 10.86
CA MET B 180 1.95 -29.76 10.46
C MET B 180 3.36 -29.36 10.85
N SER B 181 3.52 -28.89 12.08
CA SER B 181 4.83 -28.54 12.58
C SER B 181 5.71 -29.78 12.68
N ARG B 182 7.03 -29.56 12.67
CA ARG B 182 7.96 -30.68 12.76
C ARG B 182 7.73 -31.50 14.02
N SER B 183 7.62 -30.82 15.17
CA SER B 183 7.32 -31.53 16.41
C SER B 183 5.92 -32.14 16.37
N ARG B 184 4.95 -31.39 15.85
CA ARG B 184 3.61 -31.94 15.73
C ARG B 184 3.59 -33.12 14.77
N THR B 185 4.32 -33.03 13.66
CA THR B 185 4.40 -34.14 12.73
C THR B 185 5.04 -35.36 13.38
N LYS B 186 6.09 -35.15 14.18
CA LYS B 186 6.70 -36.25 14.91
C LYS B 186 5.70 -36.90 15.86
N LYS B 187 4.92 -36.07 16.56
CA LYS B 187 3.91 -36.62 17.47
C LYS B 187 2.88 -37.45 16.72
N PHE B 188 2.38 -36.92 15.60
CA PHE B 188 1.37 -37.64 14.84
C PHE B 188 1.91 -38.96 14.32
N ILE B 189 3.13 -38.94 13.77
CA ILE B 189 3.70 -40.15 13.20
C ILE B 189 3.96 -41.19 14.29
N SER B 190 4.44 -40.73 15.46
CA SER B 190 4.65 -41.66 16.57
C SER B 190 3.33 -42.28 17.01
N ALA B 191 2.27 -41.48 17.10
CA ALA B 191 0.98 -42.01 17.49
C ALA B 191 0.47 -43.04 16.48
N ILE B 192 0.61 -42.73 15.18
CA ILE B 192 0.07 -43.62 14.15
C ILE B 192 0.87 -44.92 14.07
N TRP B 193 2.19 -44.82 14.12
CA TRP B 193 3.07 -45.96 13.86
C TRP B 193 3.72 -46.38 15.18
N LEU B 194 3.58 -47.66 15.52
CA LEU B 194 4.11 -48.30 16.71
C LEU B 194 3.27 -47.97 17.96
N ALA B 195 2.32 -47.06 17.87
CA ALA B 195 1.42 -46.75 18.98
C ALA B 195 -0.04 -46.99 18.64
N SER B 196 -0.50 -46.48 17.50
CA SER B 196 -1.90 -46.67 17.11
C SER B 196 -2.17 -48.13 16.74
N ALA B 197 -1.23 -48.77 16.05
CA ALA B 197 -1.43 -50.15 15.63
C ALA B 197 -1.58 -51.08 16.82
N LEU B 198 -0.73 -50.90 17.84
CA LEU B 198 -0.75 -51.78 19.00
C LEU B 198 -2.04 -51.64 19.81
N LEU B 199 -2.83 -50.60 19.56
CA LEU B 199 -4.05 -50.39 20.33
C LEU B 199 -5.24 -51.13 19.72
N ALA B 200 -5.28 -51.27 18.40
CA ALA B 200 -6.42 -51.88 17.73
C ALA B 200 -6.25 -53.38 17.53
N VAL B 201 -5.02 -53.89 17.56
CA VAL B 201 -4.75 -55.30 17.28
C VAL B 201 -5.11 -56.22 18.43
N PRO B 202 -4.90 -55.84 19.71
CA PRO B 202 -5.00 -56.84 20.80
C PRO B 202 -6.27 -57.68 20.73
N MET B 203 -7.41 -57.02 20.51
CA MET B 203 -8.67 -57.73 20.38
C MET B 203 -8.82 -58.44 19.05
N LEU B 204 -7.95 -58.15 18.08
CA LEU B 204 -8.13 -58.63 16.71
C LEU B 204 -7.24 -59.81 16.35
N PHE B 205 -6.19 -60.07 17.13
CA PHE B 205 -5.24 -61.12 16.77
C PHE B 205 -4.74 -61.94 17.96
N THR B 206 -5.33 -61.80 19.14
CA THR B 206 -4.87 -62.54 20.32
C THR B 206 -5.67 -63.83 20.50
N MET B 207 -5.61 -64.67 19.46
CA MET B 207 -6.28 -65.96 19.50
C MET B 207 -5.50 -66.94 18.62
N GLY B 208 -5.68 -68.22 18.88
CA GLY B 208 -5.03 -69.26 18.10
C GLY B 208 -4.82 -70.51 18.94
N GLU B 209 -4.13 -71.47 18.34
CA GLU B 209 -3.77 -72.73 18.99
C GLU B 209 -5.02 -73.49 19.43
N GLN B 210 -5.82 -73.90 18.44
CA GLN B 210 -7.01 -74.71 18.66
C GLN B 210 -6.81 -76.02 17.91
N ASN B 211 -6.23 -77.01 18.59
CA ASN B 211 -5.96 -78.30 17.97
C ASN B 211 -7.27 -78.98 17.57
N ARG B 212 -7.48 -79.10 16.26
CA ARG B 212 -8.66 -79.75 15.71
C ARG B 212 -8.35 -80.96 14.86
N SER B 213 -7.16 -81.01 14.25
CA SER B 213 -6.80 -82.15 13.42
C SER B 213 -6.74 -83.43 14.25
N ALA B 214 -7.18 -84.54 13.65
CA ALA B 214 -7.25 -85.81 14.36
C ALA B 214 -5.89 -86.37 14.72
N ASP B 215 -4.81 -85.86 14.14
CA ASP B 215 -3.48 -86.36 14.48
C ASP B 215 -3.14 -86.14 15.95
N GLY B 216 -3.76 -85.15 16.59
CA GLY B 216 -3.57 -84.93 18.01
C GLY B 216 -2.14 -84.62 18.40
N GLN B 217 -1.48 -85.57 19.05
CA GLN B 217 -0.13 -85.33 19.55
C GLN B 217 0.83 -84.98 18.42
N HIS B 218 0.65 -85.60 17.26
CA HIS B 218 1.52 -85.33 16.13
C HIS B 218 1.51 -83.85 15.79
N ALA B 219 2.70 -83.30 15.51
CA ALA B 219 2.80 -81.88 15.18
C ALA B 219 1.82 -81.50 14.07
N GLY B 220 1.67 -82.38 13.08
CA GLY B 220 0.71 -82.14 12.01
C GLY B 220 -0.72 -82.08 12.49
N GLY B 221 -1.02 -82.62 13.67
CA GLY B 221 -2.36 -82.59 14.21
C GLY B 221 -2.70 -81.27 14.88
N LEU B 222 -1.69 -80.60 15.43
CA LEU B 222 -1.92 -79.33 16.10
C LEU B 222 -2.09 -78.22 15.06
N VAL B 223 -3.28 -77.63 15.02
CA VAL B 223 -3.62 -76.62 14.03
C VAL B 223 -4.02 -75.34 14.76
N CYS B 224 -3.45 -74.22 14.31
CA CYS B 224 -3.73 -72.92 14.89
C CYS B 224 -4.91 -72.27 14.18
N THR B 225 -5.84 -71.71 14.95
CA THR B 225 -7.03 -71.08 14.39
C THR B 225 -7.65 -70.22 15.47
N PRO B 226 -8.29 -69.10 15.11
CA PRO B 226 -8.93 -68.27 16.13
C PRO B 226 -9.97 -69.06 16.92
N THR B 227 -9.82 -69.06 18.24
CA THR B 227 -10.66 -69.86 19.11
C THR B 227 -11.93 -69.14 19.55
N ILE B 228 -12.11 -67.88 19.19
CA ILE B 228 -13.30 -67.15 19.61
C ILE B 228 -14.54 -67.83 19.05
N HIS B 229 -15.66 -67.62 19.72
CA HIS B 229 -16.92 -68.18 19.27
C HIS B 229 -17.34 -67.56 17.94
N THR B 230 -18.14 -68.30 17.19
CA THR B 230 -18.50 -67.86 15.83
C THR B 230 -19.05 -66.44 15.83
N ALA B 231 -19.95 -66.13 16.78
CA ALA B 231 -20.50 -64.79 16.84
C ALA B 231 -19.44 -63.76 17.18
N THR B 232 -18.67 -64.02 18.24
CA THR B 232 -17.64 -63.07 18.66
C THR B 232 -16.57 -62.92 17.58
N VAL B 233 -16.13 -64.04 17.00
CA VAL B 233 -15.09 -63.98 15.99
C VAL B 233 -15.59 -63.20 14.77
N LYS B 234 -16.83 -63.47 14.33
CA LYS B 234 -17.37 -62.75 13.19
C LYS B 234 -17.47 -61.25 13.49
N VAL B 235 -17.91 -60.90 14.69
CA VAL B 235 -18.02 -59.49 15.07
C VAL B 235 -16.66 -58.82 15.01
N VAL B 236 -15.63 -59.49 15.56
CA VAL B 236 -14.32 -58.85 15.59
C VAL B 236 -13.73 -58.74 14.20
N ILE B 237 -13.94 -59.72 13.32
CA ILE B 237 -13.47 -59.57 11.95
C ILE B 237 -14.19 -58.42 11.25
N GLN B 238 -15.51 -58.29 11.48
CA GLN B 238 -16.23 -57.18 10.87
C GLN B 238 -15.66 -55.85 11.35
N VAL B 239 -15.39 -55.72 12.65
CA VAL B 239 -14.83 -54.49 13.18
C VAL B 239 -13.43 -54.25 12.62
N ASN B 240 -12.65 -55.31 12.46
CA ASN B 240 -11.31 -55.17 11.90
C ASN B 240 -11.37 -54.64 10.48
N THR B 241 -12.27 -55.19 9.66
CA THR B 241 -12.42 -54.69 8.30
C THR B 241 -12.89 -53.25 8.31
N PHE B 242 -13.81 -52.91 9.22
CA PHE B 242 -14.29 -51.53 9.28
C PHE B 242 -13.15 -50.57 9.61
N MET B 243 -12.29 -50.95 10.56
CA MET B 243 -11.23 -50.05 11.00
C MET B 243 -10.09 -49.97 9.97
N SER B 244 -9.79 -51.07 9.28
CA SER B 244 -8.61 -51.13 8.43
C SER B 244 -8.89 -50.86 6.96
N PHE B 245 -10.13 -51.01 6.51
CA PHE B 245 -10.45 -50.88 5.09
C PHE B 245 -11.38 -49.72 4.80
N ILE B 246 -12.55 -49.67 5.42
CA ILE B 246 -13.55 -48.66 5.04
C ILE B 246 -13.10 -47.27 5.50
N PHE B 247 -12.58 -47.17 6.73
CA PHE B 247 -12.19 -45.84 7.24
C PHE B 247 -11.01 -45.29 6.46
N PRO B 248 -9.82 -45.98 6.46
CA PRO B 248 -8.74 -45.37 5.67
C PRO B 248 -9.07 -45.30 4.18
N MET B 249 -9.81 -46.21 3.60
CA MET B 249 -10.19 -46.10 2.20
C MET B 249 -11.04 -44.86 1.97
N VAL B 250 -11.98 -44.59 2.87
CA VAL B 250 -12.83 -43.41 2.71
C VAL B 250 -11.99 -42.14 2.74
N VAL B 251 -11.14 -42.01 3.76
CA VAL B 251 -10.36 -40.78 3.89
C VAL B 251 -9.42 -40.62 2.70
N ILE B 252 -8.74 -41.72 2.32
CA ILE B 252 -7.80 -41.66 1.20
C ILE B 252 -8.54 -41.27 -0.07
N SER B 253 -9.70 -41.89 -0.33
CA SER B 253 -10.43 -41.62 -1.55
C SER B 253 -10.86 -40.16 -1.62
N VAL B 254 -11.45 -39.65 -0.54
CA VAL B 254 -11.95 -38.27 -0.58
C VAL B 254 -10.79 -37.28 -0.70
N LEU B 255 -9.73 -37.46 0.08
CA LEU B 255 -8.61 -36.53 0.01
C LEU B 255 -7.94 -36.58 -1.35
N ASN B 256 -7.72 -37.79 -1.88
CA ASN B 256 -7.10 -37.91 -3.19
C ASN B 256 -7.98 -37.32 -4.28
N THR B 257 -9.30 -37.46 -4.16
CA THR B 257 -10.20 -36.84 -5.13
C THR B 257 -10.10 -35.32 -5.08
N ILE B 258 -10.06 -34.75 -3.88
CA ILE B 258 -9.93 -33.30 -3.77
C ILE B 258 -8.62 -32.83 -4.41
N ILE B 259 -7.52 -33.52 -4.10
CA ILE B 259 -6.23 -33.10 -4.63
C ILE B 259 -6.18 -33.29 -6.14
N ALA B 260 -6.78 -34.38 -6.64
CA ALA B 260 -6.84 -34.59 -8.08
C ALA B 260 -7.65 -33.51 -8.76
N ASN B 261 -8.75 -33.08 -8.13
CA ASN B 261 -9.54 -31.99 -8.70
C ASN B 261 -8.72 -30.71 -8.77
N LYS B 262 -7.99 -30.39 -7.69
CA LYS B 262 -7.16 -29.19 -7.70
C LYS B 262 -6.10 -29.27 -8.80
N LEU B 263 -5.44 -30.44 -8.92
CA LEU B 263 -4.39 -30.60 -9.92
C LEU B 263 -4.97 -30.53 -11.34
N THR B 264 -6.16 -31.08 -11.55
CA THR B 264 -6.80 -31.00 -12.86
C THR B 264 -7.16 -29.56 -13.19
N VAL B 265 -7.63 -28.79 -12.20
CA VAL B 265 -7.88 -27.37 -12.42
C VAL B 265 -6.58 -26.67 -12.84
N MET B 266 -5.50 -26.96 -12.13
CA MET B 266 -4.21 -26.36 -12.48
C MET B 266 -3.80 -26.74 -13.89
N VAL B 267 -3.99 -28.00 -14.27
CA VAL B 267 -3.64 -28.45 -15.61
C VAL B 267 -4.46 -27.69 -16.65
N ARG B 268 -5.76 -27.54 -16.40
CA ARG B 268 -6.61 -26.82 -17.33
C ARG B 268 -6.14 -25.37 -17.49
N GLN B 269 -5.79 -24.72 -16.39
CA GLN B 269 -5.26 -23.36 -16.47
C GLN B 269 -3.83 -23.35 -16.99
N ALA B 270 -3.03 -24.36 -16.62
CA ALA B 270 -1.66 -24.43 -17.09
C ALA B 270 -1.60 -24.60 -18.61
N ALA B 271 -2.49 -25.42 -19.16
CA ALA B 271 -2.52 -25.66 -20.60
C ALA B 271 -1.20 -26.25 -21.08
N GLU B 291 2.92 -24.90 -19.19
CA GLU B 291 4.16 -25.40 -19.77
C GLU B 291 4.08 -26.90 -19.98
N PRO B 292 4.72 -27.41 -21.03
CA PRO B 292 4.68 -28.88 -21.26
C PRO B 292 5.23 -29.68 -20.10
N GLY B 293 6.31 -29.21 -19.47
CA GLY B 293 6.85 -29.93 -18.33
C GLY B 293 5.89 -29.94 -17.16
N ARG B 294 5.32 -28.78 -16.85
CA ARG B 294 4.35 -28.71 -15.76
C ARG B 294 3.12 -29.54 -16.07
N VAL B 295 2.66 -29.51 -17.32
CA VAL B 295 1.50 -30.29 -17.72
C VAL B 295 1.78 -31.78 -17.51
N GLN B 296 2.95 -32.24 -17.97
CA GLN B 296 3.31 -33.65 -17.77
C GLN B 296 3.39 -34.00 -16.30
N ALA B 297 4.01 -33.12 -15.50
CA ALA B 297 4.17 -33.40 -14.07
C ALA B 297 2.82 -33.54 -13.39
N LEU B 298 1.92 -32.59 -13.64
CA LEU B 298 0.61 -32.64 -12.99
C LEU B 298 -0.23 -33.80 -13.50
N ARG B 299 -0.14 -34.12 -14.79
CA ARG B 299 -0.87 -35.26 -15.32
C ARG B 299 -0.42 -36.56 -14.65
N HIS B 300 0.90 -36.76 -14.58
CA HIS B 300 1.40 -37.94 -13.89
C HIS B 300 1.03 -37.93 -12.41
N GLY B 301 1.02 -36.76 -11.79
CA GLY B 301 0.64 -36.69 -10.38
C GLY B 301 -0.78 -37.14 -10.15
N VAL B 302 -1.72 -36.65 -10.97
CA VAL B 302 -3.12 -37.05 -10.80
C VAL B 302 -3.29 -38.53 -11.16
N ARG B 303 -2.59 -39.00 -12.21
CA ARG B 303 -2.69 -40.40 -12.58
C ARG B 303 -2.22 -41.29 -11.43
N VAL B 304 -1.11 -40.94 -10.80
CA VAL B 304 -0.62 -41.72 -9.67
C VAL B 304 -1.54 -41.59 -8.47
N LEU B 305 -2.15 -40.41 -8.27
CA LEU B 305 -3.07 -40.24 -7.17
C LEU B 305 -4.26 -41.18 -7.31
N ARG B 306 -4.75 -41.36 -8.54
CA ARG B 306 -5.82 -42.34 -8.77
C ARG B 306 -5.29 -43.78 -8.65
N ALA B 307 -4.12 -44.04 -9.20
CA ALA B 307 -3.55 -45.38 -9.15
C ALA B 307 -3.31 -45.83 -7.71
N VAL B 308 -3.10 -44.88 -6.79
CA VAL B 308 -2.89 -45.25 -5.40
C VAL B 308 -4.13 -45.95 -4.84
N VAL B 309 -5.30 -45.34 -5.04
CA VAL B 309 -6.52 -45.95 -4.54
C VAL B 309 -6.85 -47.21 -5.34
N ILE B 310 -6.56 -47.21 -6.63
CA ILE B 310 -6.81 -48.42 -7.43
C ILE B 310 -5.98 -49.58 -6.90
N ALA B 311 -4.70 -49.34 -6.63
CA ALA B 311 -3.86 -50.40 -6.06
C ALA B 311 -4.34 -50.80 -4.68
N PHE B 312 -4.72 -49.82 -3.85
CA PHE B 312 -5.23 -50.14 -2.52
C PHE B 312 -6.39 -51.12 -2.62
N VAL B 313 -7.39 -50.79 -3.44
CA VAL B 313 -8.56 -51.66 -3.53
C VAL B 313 -8.17 -53.02 -4.10
N VAL B 314 -7.46 -53.03 -5.24
CA VAL B 314 -7.19 -54.28 -5.92
C VAL B 314 -6.33 -55.20 -5.08
N CYS B 315 -5.54 -54.66 -4.14
CA CYS B 315 -4.65 -55.50 -3.34
C CYS B 315 -5.24 -55.84 -1.97
N TRP B 316 -6.09 -54.98 -1.42
CA TRP B 316 -6.64 -55.22 -0.09
C TRP B 316 -8.01 -55.90 -0.13
N LEU B 317 -8.89 -55.48 -1.02
CA LEU B 317 -10.23 -56.06 -1.07
C LEU B 317 -10.21 -57.57 -1.17
N PRO B 318 -9.37 -58.21 -1.98
CA PRO B 318 -9.32 -59.68 -1.96
C PRO B 318 -8.96 -60.24 -0.59
N TYR B 319 -8.01 -59.62 0.09
CA TYR B 319 -7.57 -60.11 1.39
C TYR B 319 -8.70 -60.02 2.42
N HIS B 320 -9.29 -58.83 2.55
CA HIS B 320 -10.38 -58.67 3.50
C HIS B 320 -11.58 -59.52 3.12
N VAL B 321 -11.82 -59.72 1.83
CA VAL B 321 -12.96 -60.52 1.40
C VAL B 321 -12.76 -61.98 1.78
N ARG B 322 -11.56 -62.51 1.55
CA ARG B 322 -11.29 -63.88 2.00
C ARG B 322 -11.39 -63.99 3.51
N ARG B 323 -10.84 -63.00 4.23
CA ARG B 323 -10.90 -63.03 5.69
C ARG B 323 -12.35 -63.02 6.18
N LEU B 324 -13.20 -62.22 5.55
CA LEU B 324 -14.59 -62.15 5.96
C LEU B 324 -15.34 -63.43 5.61
N MET B 325 -15.22 -63.89 4.37
CA MET B 325 -15.92 -65.10 3.94
C MET B 325 -15.42 -66.33 4.67
N PHE B 326 -14.28 -66.25 5.35
CA PHE B 326 -13.97 -67.27 6.34
C PHE B 326 -15.09 -67.34 7.37
N CYS B 327 -15.56 -66.18 7.85
CA CYS B 327 -16.55 -66.10 8.91
C CYS B 327 -17.96 -65.82 8.40
N TYR B 328 -18.11 -64.88 7.47
CA TYR B 328 -19.43 -64.48 6.97
C TYR B 328 -20.00 -65.55 6.05
N ILE B 329 -20.30 -66.70 6.64
CA ILE B 329 -20.89 -67.83 5.93
C ILE B 329 -22.13 -68.28 6.69
N SER B 330 -23.22 -68.50 5.96
CA SER B 330 -24.50 -68.86 6.57
C SER B 330 -24.58 -70.33 6.96
N ASP B 331 -23.58 -71.13 6.63
CA ASP B 331 -23.61 -72.55 6.94
C ASP B 331 -22.19 -73.04 7.17
N GLU B 332 -22.08 -74.17 7.87
CA GLU B 332 -20.80 -74.80 8.14
C GLU B 332 -20.40 -75.81 7.06
N GLN B 333 -21.23 -75.99 6.03
CA GLN B 333 -20.97 -76.98 4.99
C GLN B 333 -20.14 -76.35 3.87
N TRP B 334 -18.99 -76.95 3.58
CA TRP B 334 -18.14 -76.56 2.47
C TRP B 334 -17.93 -77.79 1.58
N THR B 335 -18.13 -77.61 0.28
CA THR B 335 -17.79 -78.69 -0.65
C THR B 335 -16.28 -78.74 -0.83
N PRO B 336 -15.70 -79.93 -1.03
CA PRO B 336 -14.23 -80.02 -1.12
C PRO B 336 -13.65 -79.14 -2.20
N PHE B 337 -14.33 -79.02 -3.34
CA PHE B 337 -13.86 -78.12 -4.39
C PHE B 337 -13.78 -76.70 -3.87
N LEU B 338 -14.78 -76.26 -3.12
CA LEU B 338 -14.72 -74.94 -2.49
C LEU B 338 -13.59 -74.86 -1.49
N TYR B 339 -13.26 -75.96 -0.81
CA TYR B 339 -12.16 -75.97 0.13
C TYR B 339 -10.84 -75.68 -0.57
N ASP B 340 -10.56 -76.42 -1.65
CA ASP B 340 -9.33 -76.21 -2.40
C ASP B 340 -9.32 -74.83 -3.04
N PHE B 341 -10.46 -74.38 -3.56
CA PHE B 341 -10.53 -73.05 -4.15
C PHE B 341 -10.25 -71.98 -3.10
N TYR B 342 -10.74 -72.18 -1.88
CA TYR B 342 -10.47 -71.23 -0.80
C TYR B 342 -9.01 -71.22 -0.41
N HIS B 343 -8.35 -72.39 -0.43
CA HIS B 343 -6.93 -72.40 -0.12
C HIS B 343 -6.12 -71.69 -1.20
N TYR B 344 -6.43 -71.94 -2.46
CA TYR B 344 -5.79 -71.20 -3.54
C TYR B 344 -6.06 -69.71 -3.42
N PHE B 345 -7.29 -69.36 -3.03
CA PHE B 345 -7.66 -67.97 -2.82
C PHE B 345 -6.83 -67.35 -1.70
N TYR B 346 -6.61 -68.11 -0.62
CA TYR B 346 -5.74 -67.63 0.45
C TYR B 346 -4.35 -67.32 -0.09
N MET B 347 -3.80 -68.24 -0.88
CA MET B 347 -2.48 -68.03 -1.43
C MET B 347 -2.43 -66.73 -2.25
N VAL B 348 -3.35 -66.59 -3.21
CA VAL B 348 -3.29 -65.44 -4.10
C VAL B 348 -3.60 -64.15 -3.34
N THR B 349 -4.52 -64.21 -2.37
CA THR B 349 -4.90 -63.01 -1.64
C THR B 349 -3.77 -62.51 -0.77
N ASN B 350 -3.07 -63.41 -0.08
CA ASN B 350 -1.91 -62.96 0.69
C ASN B 350 -0.79 -62.47 -0.23
N ALA B 351 -0.64 -63.11 -1.40
CA ALA B 351 0.33 -62.61 -2.37
C ALA B 351 0.02 -61.17 -2.76
N LEU B 352 -1.26 -60.88 -3.02
CA LEU B 352 -1.66 -59.51 -3.36
C LEU B 352 -1.45 -58.57 -2.19
N PHE B 353 -1.74 -59.04 -0.97
CA PHE B 353 -1.54 -58.22 0.21
C PHE B 353 -0.09 -57.79 0.35
N TYR B 354 0.84 -58.70 0.06
CA TYR B 354 2.26 -58.34 0.08
C TYR B 354 2.65 -57.49 -1.13
N VAL B 355 2.01 -57.72 -2.28
CA VAL B 355 2.26 -56.89 -3.45
C VAL B 355 1.96 -55.43 -3.10
N SER B 356 0.88 -55.21 -2.35
CA SER B 356 0.55 -53.85 -1.93
C SER B 356 1.72 -53.21 -1.20
N SER B 357 2.39 -53.96 -0.33
CA SER B 357 3.53 -53.43 0.40
C SER B 357 4.75 -53.26 -0.50
N THR B 358 4.83 -54.01 -1.60
CA THR B 358 5.95 -53.83 -2.53
C THR B 358 5.77 -52.64 -3.46
N ILE B 359 4.54 -52.13 -3.62
CA ILE B 359 4.27 -51.13 -4.65
C ILE B 359 4.91 -49.79 -4.30
N ASN B 360 4.90 -49.42 -3.02
CA ASN B 360 5.20 -48.04 -2.62
C ASN B 360 6.48 -47.49 -3.25
N PRO B 361 7.62 -48.18 -3.20
CA PRO B 361 8.84 -47.60 -3.81
C PRO B 361 8.71 -47.37 -5.30
N ILE B 362 7.98 -48.21 -6.02
CA ILE B 362 7.86 -48.03 -7.46
C ILE B 362 7.15 -46.71 -7.78
N LEU B 363 6.03 -46.46 -7.11
CA LEU B 363 5.32 -45.20 -7.32
C LEU B 363 6.13 -44.03 -6.78
N TYR B 364 6.87 -44.20 -5.69
CA TYR B 364 7.71 -43.12 -5.17
C TYR B 364 8.74 -42.73 -6.24
N ASN B 365 9.32 -43.71 -6.93
CA ASN B 365 10.31 -43.40 -7.96
C ASN B 365 9.65 -42.78 -9.19
N LEU B 366 8.56 -43.36 -9.65
CA LEU B 366 7.92 -42.88 -10.87
C LEU B 366 7.41 -41.45 -10.70
N VAL B 367 6.82 -41.14 -9.54
CA VAL B 367 6.15 -39.86 -9.36
C VAL B 367 7.12 -38.70 -9.15
N SER B 368 8.40 -38.97 -8.91
CA SER B 368 9.36 -37.91 -8.62
C SER B 368 10.70 -38.27 -9.23
N ALA B 369 11.13 -37.50 -10.24
CA ALA B 369 12.47 -37.69 -10.78
C ALA B 369 13.53 -37.24 -9.79
N ASN B 370 13.26 -36.18 -9.03
CA ASN B 370 14.21 -35.73 -8.02
C ASN B 370 14.49 -36.83 -7.02
N PHE B 371 13.46 -37.58 -6.63
CA PHE B 371 13.66 -38.74 -5.78
C PHE B 371 14.23 -39.92 -6.56
N ARG B 372 13.89 -40.04 -7.84
CA ARG B 372 14.37 -41.16 -8.64
C ARG B 372 15.89 -41.16 -8.72
N HIS B 373 16.48 -40.01 -8.97
CA HIS B 373 17.93 -39.95 -9.13
C HIS B 373 18.66 -40.32 -7.84
N ILE B 374 18.17 -39.82 -6.70
CA ILE B 374 18.81 -40.16 -5.44
C ILE B 374 18.59 -41.62 -5.10
N PHE B 375 17.40 -42.15 -5.40
CA PHE B 375 17.14 -43.57 -5.15
C PHE B 375 18.10 -44.45 -5.95
N LEU B 376 18.29 -44.12 -7.23
CA LEU B 376 19.22 -44.90 -8.04
C LEU B 376 20.66 -44.71 -7.58
N ALA B 377 21.00 -43.51 -7.11
CA ALA B 377 22.35 -43.27 -6.61
C ALA B 377 22.64 -44.10 -5.37
N THR B 378 21.67 -44.18 -4.45
CA THR B 378 21.86 -44.92 -3.20
C THR B 378 21.51 -46.39 -3.38
N ALA C 1 10.56 -31.92 -15.07
CA ALA C 1 10.87 -31.84 -13.61
C ALA C 1 9.92 -32.73 -12.82
N ASP C 2 10.33 -33.11 -11.61
CA ASP C 2 9.51 -33.99 -10.79
C ASP C 2 8.27 -33.25 -10.28
N LEU C 3 7.35 -34.03 -9.72
CA LEU C 3 6.09 -33.45 -9.25
C LEU C 3 6.32 -32.42 -8.14
N GLU C 4 7.24 -32.72 -7.22
CA GLU C 4 7.45 -31.82 -6.10
C GLU C 4 7.94 -30.45 -6.56
N ALA C 5 8.88 -30.42 -7.50
CA ALA C 5 9.38 -29.15 -8.01
C ALA C 5 8.27 -28.38 -8.72
N VAL C 6 7.46 -29.07 -9.52
CA VAL C 6 6.37 -28.41 -10.23
C VAL C 6 5.38 -27.81 -9.23
N LEU C 7 5.04 -28.56 -8.18
CA LEU C 7 4.13 -28.04 -7.18
C LEU C 7 4.71 -26.84 -6.45
N ALA C 8 6.01 -26.88 -6.11
CA ALA C 8 6.62 -25.73 -5.45
C ALA C 8 6.58 -24.51 -6.35
N ASP C 9 6.92 -24.68 -7.63
CA ASP C 9 6.90 -23.55 -8.56
C ASP C 9 5.49 -23.00 -8.71
N VAL C 10 4.50 -23.87 -8.83
CA VAL C 10 3.13 -23.40 -9.00
C VAL C 10 2.65 -22.66 -7.77
N SER C 11 2.95 -23.18 -6.58
CA SER C 11 2.57 -22.50 -5.35
C SER C 11 3.23 -21.13 -5.26
N TYR C 12 4.52 -21.05 -5.59
CA TYR C 12 5.23 -19.78 -5.54
C TYR C 12 4.61 -18.79 -6.51
N LEU C 13 4.36 -19.22 -7.75
CA LEU C 13 3.79 -18.32 -8.75
C LEU C 13 2.39 -17.84 -8.35
N MET C 14 1.56 -18.76 -7.85
CA MET C 14 0.20 -18.38 -7.47
C MET C 14 0.21 -17.43 -6.27
N ALA C 15 1.06 -17.68 -5.29
CA ALA C 15 1.18 -16.73 -4.19
C ALA C 15 1.69 -15.38 -4.66
N MET C 16 2.55 -15.37 -5.68
CA MET C 16 3.04 -14.11 -6.22
C MET C 16 1.95 -13.36 -6.98
N GLU C 17 1.05 -14.09 -7.64
CA GLU C 17 0.03 -13.45 -8.47
C GLU C 17 -1.31 -13.30 -7.77
N LYS C 18 -1.47 -13.87 -6.58
CA LYS C 18 -2.78 -13.92 -5.94
C LYS C 18 -3.29 -12.51 -5.61
N SER C 19 -4.56 -12.28 -5.93
CA SER C 19 -5.28 -11.06 -5.53
C SER C 19 -4.48 -9.81 -5.86
N LYS C 20 -3.98 -9.73 -7.08
CA LYS C 20 -3.23 -8.54 -7.48
C LYS C 20 -4.10 -7.29 -7.45
N ALA C 21 -5.39 -7.42 -7.79
CA ALA C 21 -6.29 -6.28 -7.78
C ALA C 21 -6.71 -5.86 -6.38
N THR C 22 -6.60 -6.75 -5.40
CA THR C 22 -6.97 -6.46 -4.01
C THR C 22 -5.82 -6.88 -3.11
N PRO C 23 -4.79 -6.05 -2.98
CA PRO C 23 -3.63 -6.44 -2.16
C PRO C 23 -3.98 -6.68 -0.70
N ALA C 24 -5.02 -6.03 -0.17
CA ALA C 24 -5.38 -6.25 1.23
C ALA C 24 -5.80 -7.68 1.48
N ALA C 25 -6.30 -8.38 0.45
CA ALA C 25 -6.78 -9.75 0.61
C ALA C 25 -5.64 -10.77 0.67
N ARG C 26 -4.40 -10.35 0.43
CA ARG C 26 -3.27 -11.28 0.44
C ARG C 26 -2.75 -11.56 1.85
N ALA C 27 -3.21 -10.81 2.85
CA ALA C 27 -2.69 -10.97 4.21
C ALA C 27 -3.38 -12.14 4.90
N SER C 28 -2.57 -13.05 5.46
CA SER C 28 -3.10 -14.15 6.26
C SER C 28 -3.14 -13.83 7.76
N LYS C 29 -2.23 -12.99 8.24
CA LYS C 29 -2.26 -12.49 9.60
C LYS C 29 -2.83 -11.07 9.59
N LYS C 30 -3.27 -10.61 10.76
CA LYS C 30 -3.89 -9.31 10.89
C LYS C 30 -3.12 -8.47 11.90
N ILE C 31 -2.90 -7.20 11.57
CA ILE C 31 -2.22 -6.28 12.47
C ILE C 31 -3.22 -5.82 13.53
N LEU C 32 -2.87 -5.99 14.79
CA LEU C 32 -3.75 -5.61 15.91
C LEU C 32 -3.20 -4.33 16.52
N LEU C 33 -3.84 -3.22 16.21
CA LEU C 33 -3.42 -1.94 16.75
C LEU C 33 -3.69 -1.88 18.26
N PRO C 34 -2.86 -1.18 19.02
CA PRO C 34 -3.11 -1.06 20.46
C PRO C 34 -4.34 -0.22 20.73
N GLU C 35 -4.75 -0.21 21.99
CA GLU C 35 -5.93 0.55 22.38
C GLU C 35 -5.68 2.04 22.20
N PRO C 36 -6.74 2.84 22.01
CA PRO C 36 -6.56 4.28 21.82
C PRO C 36 -5.93 4.97 23.03
N SER C 37 -5.89 4.32 24.19
CA SER C 37 -5.23 4.92 25.35
C SER C 37 -3.73 5.02 25.16
N ILE C 38 -3.19 4.39 24.12
CA ILE C 38 -1.74 4.38 23.91
C ILE C 38 -1.18 5.79 23.78
N ARG C 39 -1.97 6.74 23.28
CA ARG C 39 -1.42 8.04 22.96
C ARG C 39 -0.85 8.73 24.20
N SER C 40 -1.34 8.40 25.38
CA SER C 40 -0.83 9.04 26.58
C SER C 40 0.66 8.76 26.76
N VAL C 41 1.11 7.57 26.38
CA VAL C 41 2.53 7.23 26.47
C VAL C 41 3.26 7.59 25.19
N MET C 42 2.68 7.26 24.04
CA MET C 42 3.37 7.49 22.78
C MET C 42 3.54 8.96 22.47
N GLN C 43 2.60 9.80 22.92
CA GLN C 43 2.78 11.24 22.71
C GLN C 43 4.03 11.74 23.43
N LYS C 44 4.19 11.36 24.70
CA LYS C 44 5.39 11.75 25.44
C LYS C 44 6.64 11.13 24.83
N TYR C 45 6.55 9.88 24.38
CA TYR C 45 7.70 9.23 23.76
C TYR C 45 8.15 9.99 22.52
N LEU C 46 7.19 10.42 21.70
CA LEU C 46 7.54 11.14 20.48
C LEU C 46 7.95 12.58 20.77
N GLU C 47 7.32 13.22 21.75
CA GLU C 47 7.70 14.58 22.12
C GLU C 47 9.13 14.62 22.65
N ASP C 48 9.50 13.65 23.48
CA ASP C 48 10.82 13.65 24.10
C ASP C 48 11.94 13.64 23.07
N ARG C 49 11.68 13.20 21.85
CA ARG C 49 12.69 13.22 20.79
C ARG C 49 12.27 14.16 19.66
N GLY C 50 11.33 15.07 19.92
CA GLY C 50 10.97 16.09 18.94
C GLY C 50 10.45 15.53 17.64
N GLU C 51 9.54 14.56 17.71
CA GLU C 51 9.02 13.91 16.51
C GLU C 51 7.56 14.27 16.22
N VAL C 52 6.98 15.22 16.94
CA VAL C 52 5.58 15.60 16.73
C VAL C 52 5.50 16.96 16.04
N THR C 53 6.62 17.42 15.49
CA THR C 53 6.59 18.65 14.71
C THR C 53 5.89 18.40 13.38
N PHE C 54 5.42 19.49 12.76
CA PHE C 54 4.65 19.35 11.54
C PHE C 54 5.45 18.68 10.44
N GLU C 55 6.72 19.07 10.29
CA GLU C 55 7.52 18.48 9.22
C GLU C 55 7.71 16.99 9.41
N LYS C 56 8.00 16.55 10.64
CA LYS C 56 8.26 15.14 10.90
C LYS C 56 7.06 14.27 10.55
N ILE C 57 5.87 14.68 10.99
CA ILE C 57 4.67 13.88 10.73
C ILE C 57 4.27 13.98 9.26
N PHE C 58 4.25 15.20 8.73
CA PHE C 58 3.80 15.41 7.36
C PHE C 58 4.73 14.76 6.34
N SER C 59 5.98 14.50 6.71
CA SER C 59 6.90 13.80 5.83
C SER C 59 6.80 12.28 5.93
N GLN C 60 6.00 11.76 6.86
CA GLN C 60 5.81 10.33 6.98
C GLN C 60 4.58 9.90 6.20
N LYS C 61 4.65 8.72 5.59
CA LYS C 61 3.57 8.26 4.73
C LYS C 61 2.27 8.11 5.51
N LEU C 62 2.31 7.36 6.62
CA LEU C 62 1.11 7.18 7.42
C LEU C 62 0.69 8.48 8.10
N GLY C 63 1.65 9.24 8.62
CA GLY C 63 1.32 10.53 9.19
C GLY C 63 0.68 11.45 8.17
N TYR C 64 1.23 11.49 6.95
CA TYR C 64 0.63 12.31 5.90
C TYR C 64 -0.77 11.85 5.57
N LEU C 65 -0.98 10.54 5.46
CA LEU C 65 -2.31 10.04 5.13
C LEU C 65 -3.32 10.42 6.20
N LEU C 66 -2.96 10.24 7.47
CA LEU C 66 -3.89 10.57 8.54
C LEU C 66 -4.15 12.07 8.59
N PHE C 67 -3.13 12.90 8.41
CA PHE C 67 -3.34 14.34 8.42
C PHE C 67 -4.23 14.77 7.25
N ARG C 68 -3.97 14.22 6.07
CA ARG C 68 -4.78 14.55 4.89
C ARG C 68 -6.24 14.17 5.13
N ASP C 69 -6.48 12.98 5.65
CA ASP C 69 -7.85 12.52 5.83
C ASP C 69 -8.53 13.22 7.00
N PHE C 70 -7.76 13.75 7.95
CA PHE C 70 -8.33 14.62 8.97
C PHE C 70 -8.77 15.95 8.37
N CYS C 71 -7.89 16.58 7.59
CA CYS C 71 -8.21 17.87 7.02
C CYS C 71 -9.39 17.78 6.06
N LEU C 72 -9.43 16.72 5.25
CA LEU C 72 -10.46 16.61 4.23
C LEU C 72 -11.83 16.25 4.79
N LYS C 73 -11.92 15.88 6.07
CA LYS C 73 -13.16 15.38 6.63
C LYS C 73 -13.54 15.99 7.97
N HIS C 74 -12.60 16.54 8.74
CA HIS C 74 -12.89 17.01 10.08
C HIS C 74 -12.47 18.46 10.33
N LEU C 75 -12.10 19.20 9.28
CA LEU C 75 -11.73 20.61 9.44
C LEU C 75 -12.01 21.31 8.11
N GLU C 76 -13.10 22.07 8.07
CA GLU C 76 -13.51 22.73 6.83
C GLU C 76 -12.48 23.75 6.37
N GLU C 77 -11.90 24.51 7.30
CA GLU C 77 -10.94 25.54 6.92
C GLU C 77 -9.73 24.98 6.18
N ALA C 78 -9.25 23.81 6.60
CA ALA C 78 -8.05 23.23 6.01
C ALA C 78 -8.32 22.44 4.73
N LYS C 79 -9.58 22.14 4.44
CA LYS C 79 -9.90 21.34 3.26
C LYS C 79 -9.38 21.95 1.96
N PRO C 80 -9.64 23.22 1.64
CA PRO C 80 -9.09 23.77 0.39
C PRO C 80 -7.58 23.76 0.36
N LEU C 81 -6.92 23.99 1.49
CA LEU C 81 -5.46 23.98 1.51
C LEU C 81 -4.91 22.62 1.13
N VAL C 82 -5.45 21.56 1.74
CA VAL C 82 -4.95 20.22 1.45
C VAL C 82 -5.30 19.82 0.02
N GLU C 83 -6.49 20.19 -0.45
CA GLU C 83 -6.85 19.89 -1.83
C GLU C 83 -5.90 20.58 -2.81
N PHE C 84 -5.59 21.84 -2.57
CA PHE C 84 -4.67 22.58 -3.41
C PHE C 84 -3.29 21.95 -3.40
N TYR C 85 -2.80 21.60 -2.20
CA TYR C 85 -1.47 20.98 -2.11
C TYR C 85 -1.44 19.65 -2.86
N GLU C 86 -2.47 18.82 -2.67
CA GLU C 86 -2.49 17.53 -3.32
C GLU C 86 -2.55 17.65 -4.83
N GLU C 87 -3.33 18.61 -5.35
CA GLU C 87 -3.40 18.76 -6.79
C GLU C 87 -2.12 19.36 -7.35
N ILE C 88 -1.44 20.22 -6.59
CA ILE C 88 -0.12 20.68 -7.02
C ILE C 88 0.84 19.51 -7.12
N LYS C 89 0.85 18.64 -6.10
CA LYS C 89 1.71 17.47 -6.15
C LYS C 89 1.38 16.58 -7.33
N LYS C 90 0.10 16.38 -7.63
CA LYS C 90 -0.29 15.62 -8.81
C LYS C 90 0.24 16.28 -10.08
N TYR C 91 0.15 17.60 -10.15
CA TYR C 91 0.63 18.33 -11.33
C TYR C 91 2.13 18.15 -11.50
N GLU C 92 2.88 18.14 -10.41
CA GLU C 92 4.33 18.04 -10.51
C GLU C 92 4.79 16.77 -11.21
N LYS C 93 3.94 15.75 -11.27
CA LYS C 93 4.30 14.48 -11.88
C LYS C 93 3.89 14.37 -13.34
N LEU C 94 3.31 15.42 -13.92
CA LEU C 94 2.97 15.41 -15.34
C LEU C 94 4.25 15.51 -16.17
N GLU C 95 4.37 14.64 -17.17
CA GLU C 95 5.63 14.47 -17.88
C GLU C 95 5.74 15.28 -19.16
N THR C 96 4.67 15.90 -19.63
CA THR C 96 4.67 16.62 -20.89
C THR C 96 4.06 18.00 -20.73
N GLU C 97 4.62 18.98 -21.45
CA GLU C 97 4.09 20.34 -21.39
C GLU C 97 2.69 20.42 -22.00
N GLU C 98 2.38 19.57 -22.98
CA GLU C 98 1.05 19.59 -23.57
C GLU C 98 -0.02 19.31 -22.53
N GLU C 99 0.26 18.40 -21.59
CA GLU C 99 -0.66 18.10 -20.50
C GLU C 99 -0.52 19.09 -19.34
N ARG C 100 0.71 19.53 -19.06
CA ARG C 100 0.93 20.46 -17.98
C ARG C 100 0.24 21.79 -18.24
N LEU C 101 0.11 22.20 -19.51
CA LEU C 101 -0.58 23.45 -19.80
C LEU C 101 -2.02 23.42 -19.30
N VAL C 102 -2.76 22.39 -19.69
CA VAL C 102 -4.16 22.29 -19.28
C VAL C 102 -4.27 22.07 -17.79
N CYS C 103 -3.40 21.22 -17.24
CA CYS C 103 -3.46 20.96 -15.80
C CYS C 103 -3.21 22.24 -15.01
N SER C 104 -2.23 23.03 -15.42
CA SER C 104 -1.90 24.26 -14.72
C SER C 104 -3.01 25.29 -14.86
N ARG C 105 -3.61 25.39 -16.05
CA ARG C 105 -4.73 26.32 -16.20
C ARG C 105 -5.89 25.91 -15.30
N GLU C 106 -6.19 24.61 -15.24
CA GLU C 106 -7.26 24.15 -14.36
C GLU C 106 -6.96 24.46 -12.91
N ILE C 107 -5.73 24.20 -12.47
CA ILE C 107 -5.36 24.47 -11.08
C ILE C 107 -5.48 25.96 -10.79
N PHE C 108 -4.97 26.80 -11.69
CA PHE C 108 -5.04 28.24 -11.50
C PHE C 108 -6.48 28.70 -11.37
N ASP C 109 -7.34 28.30 -12.31
CA ASP C 109 -8.72 28.74 -12.27
C ASP C 109 -9.42 28.25 -11.00
N THR C 110 -9.15 27.01 -10.61
CA THR C 110 -9.88 26.42 -9.49
C THR C 110 -9.46 27.02 -8.16
N TYR C 111 -8.16 27.17 -7.93
CA TYR C 111 -7.65 27.47 -6.59
C TYR C 111 -7.05 28.86 -6.43
N ILE C 112 -6.86 29.61 -7.52
CA ILE C 112 -6.28 30.95 -7.46
C ILE C 112 -7.26 32.00 -7.97
N MET C 113 -7.73 31.84 -9.21
CA MET C 113 -8.52 32.91 -9.82
C MET C 113 -9.85 33.10 -9.11
N LYS C 114 -10.51 32.00 -8.76
CA LYS C 114 -11.79 32.06 -8.04
C LYS C 114 -11.63 32.82 -6.76
N GLU C 115 -10.65 32.43 -5.96
CA GLU C 115 -10.40 33.08 -4.67
C GLU C 115 -10.03 34.54 -4.85
N LEU C 116 -9.22 34.86 -5.86
CA LEU C 116 -8.89 36.26 -6.12
C LEU C 116 -10.14 37.06 -6.46
N LEU C 117 -11.03 36.51 -7.28
CA LEU C 117 -12.26 37.21 -7.62
C LEU C 117 -13.12 37.42 -6.38
N ALA C 118 -13.22 36.41 -5.52
CA ALA C 118 -13.96 36.54 -4.28
C ALA C 118 -13.16 37.25 -3.19
N CYS C 119 -11.90 37.58 -3.44
CA CYS C 119 -11.04 38.24 -2.46
C CYS C 119 -10.85 37.39 -1.22
N SER C 120 -10.99 36.08 -1.36
CA SER C 120 -10.78 35.15 -0.25
C SER C 120 -9.39 34.52 -0.27
N HIS C 121 -8.51 34.94 -1.16
CA HIS C 121 -7.20 34.31 -1.28
C HIS C 121 -6.32 34.73 -0.11
N PRO C 122 -5.80 33.79 0.69
CA PRO C 122 -4.92 34.18 1.81
C PRO C 122 -3.45 34.23 1.45
N PHE C 123 -3.06 33.82 0.25
CA PHE C 123 -1.65 33.70 -0.08
C PHE C 123 -1.06 35.06 -0.43
N SER C 124 0.28 35.12 -0.39
CA SER C 124 0.99 36.37 -0.55
C SER C 124 0.99 36.81 -2.02
N LYS C 125 1.16 38.12 -2.21
CA LYS C 125 1.22 38.67 -3.56
C LYS C 125 2.36 38.07 -4.36
N SER C 126 3.45 37.68 -3.69
CA SER C 126 4.63 37.20 -4.41
C SER C 126 4.30 35.92 -5.18
N ALA C 127 3.63 34.96 -4.53
CA ALA C 127 3.30 33.71 -5.21
C ALA C 127 2.33 33.94 -6.36
N ILE C 128 1.32 34.79 -6.14
CA ILE C 128 0.36 35.09 -7.19
C ILE C 128 1.08 35.67 -8.41
N GLU C 129 1.94 36.65 -8.16
CA GLU C 129 2.65 37.30 -9.27
C GLU C 129 3.62 36.34 -9.95
N HIS C 130 4.28 35.47 -9.18
CA HIS C 130 5.18 34.49 -9.77
C HIS C 130 4.44 33.56 -10.73
N VAL C 131 3.31 33.01 -10.26
CA VAL C 131 2.54 32.09 -11.09
C VAL C 131 1.99 32.82 -12.32
N GLN C 132 1.49 34.04 -12.12
CA GLN C 132 0.94 34.81 -13.24
C GLN C 132 2.01 35.11 -14.27
N GLY C 133 3.20 35.49 -13.82
CA GLY C 133 4.29 35.77 -14.76
C GLY C 133 4.72 34.55 -15.53
N HIS C 134 4.80 33.40 -14.85
CA HIS C 134 5.15 32.17 -15.56
C HIS C 134 4.07 31.79 -16.58
N LEU C 135 2.80 31.91 -16.20
CA LEU C 135 1.73 31.42 -17.07
C LEU C 135 1.45 32.37 -18.24
N VAL C 136 1.59 33.68 -18.03
CA VAL C 136 1.31 34.62 -19.11
C VAL C 136 2.26 34.39 -20.27
N LYS C 137 3.46 33.87 -20.00
CA LYS C 137 4.45 33.59 -21.04
C LYS C 137 4.36 32.17 -21.55
N LYS C 138 3.34 31.41 -21.14
CA LYS C 138 3.13 30.02 -21.58
C LYS C 138 4.17 29.07 -21.00
N GLN C 139 4.82 29.45 -19.90
CA GLN C 139 5.79 28.58 -19.26
C GLN C 139 5.11 27.72 -18.20
N VAL C 140 5.33 26.41 -18.25
CA VAL C 140 4.72 25.48 -17.30
C VAL C 140 5.79 24.55 -16.74
N PRO C 141 6.79 25.06 -16.03
CA PRO C 141 7.77 24.19 -15.41
C PRO C 141 7.14 23.43 -14.26
N PRO C 142 7.70 22.26 -13.92
CA PRO C 142 7.15 21.51 -12.77
C PRO C 142 7.20 22.28 -11.47
N ASP C 143 8.13 23.24 -11.34
CA ASP C 143 8.26 24.04 -10.13
C ASP C 143 7.37 25.26 -10.13
N LEU C 144 6.26 25.24 -10.89
CA LEU C 144 5.39 26.41 -10.96
C LEU C 144 4.89 26.83 -9.59
N PHE C 145 4.34 25.89 -8.84
CA PHE C 145 3.60 26.19 -7.62
C PHE C 145 4.42 26.01 -6.35
N GLN C 146 5.74 25.89 -6.46
CA GLN C 146 6.55 25.70 -5.27
C GLN C 146 6.33 26.79 -4.23
N PRO C 147 6.26 28.08 -4.58
CA PRO C 147 5.91 29.07 -3.56
C PRO C 147 4.57 28.77 -2.90
N TYR C 148 3.60 28.29 -3.67
CA TYR C 148 2.32 27.92 -3.10
C TYR C 148 2.45 26.70 -2.19
N ILE C 149 3.33 25.77 -2.53
CA ILE C 149 3.59 24.64 -1.63
C ILE C 149 4.13 25.15 -0.30
N GLU C 150 5.11 26.06 -0.36
CA GLU C 150 5.69 26.58 0.87
C GLU C 150 4.65 27.32 1.70
N GLU C 151 3.82 28.14 1.05
CA GLU C 151 2.83 28.90 1.80
C GLU C 151 1.72 28.01 2.36
N ILE C 152 1.35 26.95 1.62
CA ILE C 152 0.35 26.01 2.14
C ILE C 152 0.91 25.29 3.37
N CYS C 153 2.17 24.88 3.31
CA CYS C 153 2.78 24.26 4.47
C CYS C 153 2.84 25.22 5.65
N GLN C 154 3.16 26.49 5.37
CA GLN C 154 3.17 27.48 6.43
C GLN C 154 1.80 27.65 7.07
N ASN C 155 0.73 27.69 6.26
CA ASN C 155 -0.61 27.81 6.80
C ASN C 155 -1.01 26.58 7.60
N LEU C 156 -0.68 25.38 7.10
CA LEU C 156 -1.04 24.16 7.80
C LEU C 156 -0.27 24.03 9.12
N ARG C 157 0.94 24.61 9.17
CA ARG C 157 1.74 24.52 10.39
C ARG C 157 1.08 25.21 11.57
N GLY C 158 0.09 26.07 11.33
CA GLY C 158 -0.51 26.86 12.38
C GLY C 158 -1.52 26.09 13.20
N ASP C 159 -2.68 26.71 13.45
CA ASP C 159 -3.68 26.10 14.31
C ASP C 159 -4.21 24.79 13.73
N VAL C 160 -4.08 24.61 12.41
CA VAL C 160 -4.55 23.37 11.79
C VAL C 160 -3.81 22.18 12.37
N PHE C 161 -2.49 22.29 12.51
CA PHE C 161 -1.70 21.19 13.04
C PHE C 161 -2.00 20.95 14.51
N GLN C 162 -2.21 22.01 15.28
CA GLN C 162 -2.57 21.84 16.69
C GLN C 162 -3.91 21.12 16.81
N LYS C 163 -4.89 21.51 15.99
CA LYS C 163 -6.17 20.82 16.01
C LYS C 163 -6.01 19.35 15.63
N PHE C 164 -5.16 19.07 14.63
CA PHE C 164 -4.89 17.68 14.28
C PHE C 164 -4.32 16.92 15.46
N ILE C 165 -3.35 17.51 16.16
CA ILE C 165 -2.73 16.85 17.30
C ILE C 165 -3.76 16.58 18.39
N GLU C 166 -4.68 17.52 18.61
CA GLU C 166 -5.71 17.33 19.60
C GLU C 166 -6.82 16.39 19.13
N SER C 167 -6.82 16.01 17.85
CA SER C 167 -7.90 15.21 17.30
C SER C 167 -7.72 13.73 17.65
N ASP C 168 -8.71 12.93 17.24
CA ASP C 168 -8.64 11.50 17.46
C ASP C 168 -7.88 10.77 16.38
N LYS C 169 -7.43 11.48 15.34
CA LYS C 169 -6.63 10.85 14.30
C LYS C 169 -5.13 10.90 14.61
N PHE C 170 -4.68 11.87 15.40
CA PHE C 170 -3.35 11.76 15.95
C PHE C 170 -3.24 10.58 16.88
N THR C 171 -4.34 10.20 17.54
CA THR C 171 -4.35 8.96 18.30
C THR C 171 -4.12 7.76 17.40
N ARG C 172 -4.73 7.76 16.22
CA ARG C 172 -4.49 6.69 15.26
C ARG C 172 -3.04 6.69 14.79
N PHE C 173 -2.47 7.88 14.58
CA PHE C 173 -1.06 7.96 14.22
C PHE C 173 -0.18 7.38 15.32
N CYS C 174 -0.49 7.69 16.57
CA CYS C 174 0.26 7.12 17.69
C CYS C 174 0.13 5.61 17.72
N GLN C 175 -1.07 5.08 17.46
CA GLN C 175 -1.27 3.64 17.43
C GLN C 175 -0.42 2.99 16.34
N TRP C 176 -0.45 3.57 15.14
CA TRP C 176 0.34 3.01 14.05
C TRP C 176 1.83 3.11 14.32
N LYS C 177 2.28 4.22 14.92
CA LYS C 177 3.68 4.37 15.25
C LYS C 177 4.11 3.35 16.30
N ASN C 178 3.26 3.11 17.30
CA ASN C 178 3.56 2.09 18.28
C ASN C 178 3.65 0.71 17.65
N VAL C 179 2.75 0.41 16.72
CA VAL C 179 2.84 -0.86 15.99
C VAL C 179 4.15 -0.93 15.22
N GLU C 180 4.60 0.20 14.66
CA GLU C 180 5.85 0.22 13.91
C GLU C 180 7.04 -0.08 14.82
N LEU C 181 7.14 0.64 15.94
CA LEU C 181 8.31 0.54 16.79
C LEU C 181 8.38 -0.77 17.56
N ASN C 182 7.33 -1.57 17.53
CA ASN C 182 7.30 -2.88 18.18
C ASN C 182 7.45 -4.02 17.17
N ILE C 183 8.20 -3.82 16.09
CA ILE C 183 8.40 -4.88 15.12
C ILE C 183 9.53 -5.79 15.61
N HIS C 184 9.19 -7.06 15.88
CA HIS C 184 10.16 -8.07 16.29
C HIS C 184 9.93 -9.28 15.36
N LEU C 185 10.60 -9.26 14.22
CA LEU C 185 10.38 -10.28 13.21
C LEU C 185 10.99 -11.62 13.62
N THR C 186 10.34 -12.70 13.20
CA THR C 186 10.86 -14.04 13.33
C THR C 186 10.58 -14.78 12.03
N MET C 187 11.22 -15.94 11.85
CA MET C 187 11.01 -16.70 10.63
C MET C 187 9.56 -17.10 10.46
N ASN C 188 8.78 -17.13 11.54
CA ASN C 188 7.37 -17.46 11.47
C ASN C 188 6.59 -16.40 10.69
N ASP C 189 7.00 -15.13 10.77
CA ASP C 189 6.24 -14.05 10.17
C ASP C 189 6.18 -14.13 8.64
N PHE C 190 7.00 -14.96 8.01
CA PHE C 190 7.09 -15.02 6.57
C PHE C 190 6.73 -16.42 6.08
N SER C 191 6.12 -16.48 4.89
CA SER C 191 5.81 -17.75 4.24
C SER C 191 6.88 -17.99 3.17
N VAL C 192 7.90 -18.74 3.51
CA VAL C 192 9.07 -18.89 2.65
C VAL C 192 8.75 -19.87 1.53
N HIS C 193 8.90 -19.42 0.29
CA HIS C 193 8.69 -20.25 -0.89
C HIS C 193 10.02 -20.86 -1.32
N ARG C 194 10.05 -21.43 -2.52
CA ARG C 194 11.20 -22.17 -2.99
C ARG C 194 12.44 -21.28 -3.07
N ILE C 195 13.61 -21.91 -2.92
CA ILE C 195 14.87 -21.21 -3.08
C ILE C 195 14.99 -20.67 -4.49
N ILE C 196 15.53 -19.46 -4.62
CA ILE C 196 15.75 -18.86 -5.92
C ILE C 196 17.22 -18.58 -6.21
N GLY C 197 18.09 -18.64 -5.22
CA GLY C 197 19.51 -18.45 -5.47
C GLY C 197 20.31 -18.91 -4.27
N ARG C 198 21.61 -19.03 -4.48
CA ARG C 198 22.51 -19.46 -3.41
C ARG C 198 23.90 -18.89 -3.67
N GLY C 199 24.64 -18.70 -2.60
CA GLY C 199 25.98 -18.16 -2.67
C GLY C 199 26.36 -17.47 -1.38
N GLY C 200 27.64 -17.12 -1.29
CA GLY C 200 28.11 -16.47 -0.08
C GLY C 200 27.93 -17.37 1.13
N PHE C 201 27.36 -16.80 2.19
CA PHE C 201 27.16 -17.53 3.44
C PHE C 201 25.81 -18.23 3.53
N GLY C 202 24.96 -18.11 2.51
CA GLY C 202 23.66 -18.73 2.61
C GLY C 202 22.86 -18.63 1.32
N GLU C 203 21.54 -18.67 1.47
CA GLU C 203 20.62 -18.86 0.35
C GLU C 203 19.59 -17.75 0.33
N VAL C 204 18.95 -17.57 -0.83
CA VAL C 204 17.92 -16.56 -1.02
C VAL C 204 16.62 -17.27 -1.40
N TYR C 205 15.55 -16.98 -0.66
CA TYR C 205 14.24 -17.54 -0.92
C TYR C 205 13.24 -16.42 -1.13
N GLY C 206 12.31 -16.65 -2.06
CA GLY C 206 11.16 -15.78 -2.15
C GLY C 206 10.17 -16.06 -1.02
N CYS C 207 9.57 -15.00 -0.50
CA CYS C 207 8.70 -15.15 0.66
C CYS C 207 7.62 -14.08 0.63
N ARG C 208 6.53 -14.36 1.34
CA ARG C 208 5.42 -13.44 1.50
C ARG C 208 5.27 -13.09 2.97
N LYS C 209 5.27 -11.80 3.28
CA LYS C 209 5.10 -11.38 4.66
C LYS C 209 3.67 -11.67 5.11
N ALA C 210 3.53 -12.29 6.28
CA ALA C 210 2.24 -12.84 6.68
C ALA C 210 1.20 -11.76 6.86
N ASP C 211 1.53 -10.69 7.60
CA ASP C 211 0.53 -9.72 8.03
C ASP C 211 0.26 -8.62 7.02
N THR C 212 0.96 -8.61 5.87
CA THR C 212 0.64 -7.67 4.80
C THR C 212 0.53 -8.30 3.43
N GLY C 213 1.12 -9.48 3.19
CA GLY C 213 1.00 -10.14 1.92
C GLY C 213 1.96 -9.66 0.86
N LYS C 214 2.82 -8.71 1.15
CA LYS C 214 3.77 -8.22 0.17
C LYS C 214 4.86 -9.26 -0.07
N MET C 215 5.17 -9.51 -1.34
CA MET C 215 6.20 -10.46 -1.69
C MET C 215 7.58 -9.85 -1.49
N TYR C 216 8.47 -10.61 -0.87
CA TYR C 216 9.82 -10.18 -0.58
C TYR C 216 10.80 -11.25 -1.01
N ALA C 217 12.09 -10.91 -0.95
CA ALA C 217 13.16 -11.87 -1.12
C ALA C 217 13.96 -11.95 0.16
N MET C 218 13.93 -13.10 0.81
CA MET C 218 14.58 -13.30 2.09
C MET C 218 15.97 -13.90 1.84
N LYS C 219 17.00 -13.17 2.24
CA LYS C 219 18.38 -13.62 2.09
C LYS C 219 18.88 -14.06 3.46
N CYS C 220 19.12 -15.36 3.60
CA CYS C 220 19.52 -15.95 4.88
C CYS C 220 21.01 -16.26 4.86
N LEU C 221 21.70 -15.86 5.93
CA LEU C 221 23.09 -16.19 6.13
C LEU C 221 23.21 -17.07 7.36
N ASP C 222 23.93 -18.18 7.23
CA ASP C 222 24.07 -19.12 8.34
C ASP C 222 25.15 -18.63 9.29
N LYS C 223 24.81 -18.53 10.58
CA LYS C 223 25.78 -18.05 11.56
C LYS C 223 26.96 -19.00 11.67
N LYS C 224 26.71 -20.31 11.64
CA LYS C 224 27.79 -21.27 11.76
C LYS C 224 28.77 -21.14 10.60
N ARG C 225 28.26 -20.99 9.37
CA ARG C 225 29.14 -20.81 8.22
C ARG C 225 29.92 -19.51 8.33
N ILE C 226 29.28 -18.44 8.80
CA ILE C 226 29.97 -17.17 8.98
C ILE C 226 31.13 -17.33 9.95
N LYS C 227 30.88 -17.99 11.08
CA LYS C 227 31.95 -18.23 12.04
C LYS C 227 33.05 -19.11 11.44
N MET C 228 32.65 -20.11 10.65
CA MET C 228 33.63 -21.00 10.05
C MET C 228 34.57 -20.26 9.13
N LYS C 229 34.04 -19.31 8.34
CA LYS C 229 34.85 -18.56 7.39
C LYS C 229 35.17 -17.15 7.88
N GLN C 230 35.07 -16.90 9.18
CA GLN C 230 35.47 -15.63 9.78
C GLN C 230 34.80 -14.44 9.09
N GLY C 231 33.53 -14.58 8.75
CA GLY C 231 32.81 -13.57 7.99
C GLY C 231 31.95 -12.63 8.80
N GLU C 232 32.12 -12.56 10.11
CA GLU C 232 31.27 -11.68 10.91
C GLU C 232 31.39 -10.23 10.46
N THR C 233 32.62 -9.79 10.20
CA THR C 233 32.82 -8.42 9.74
C THR C 233 32.09 -8.17 8.42
N LEU C 234 32.17 -9.12 7.49
CA LEU C 234 31.46 -8.97 6.22
C LEU C 234 29.95 -9.00 6.42
N ALA C 235 29.47 -9.88 7.32
CA ALA C 235 28.04 -9.96 7.55
C ALA C 235 27.50 -8.64 8.10
N LEU C 236 28.24 -8.01 9.01
CA LEU C 236 27.80 -6.73 9.56
C LEU C 236 27.95 -5.61 8.53
N ASN C 237 29.03 -5.66 7.73
CA ASN C 237 29.24 -4.64 6.72
C ASN C 237 28.13 -4.66 5.68
N GLU C 238 27.63 -5.85 5.34
CA GLU C 238 26.52 -5.93 4.40
C GLU C 238 25.28 -5.23 4.95
N ARG C 239 24.98 -5.42 6.24
CA ARG C 239 23.85 -4.73 6.84
C ARG C 239 24.07 -3.22 6.84
N ILE C 240 25.29 -2.79 7.17
CA ILE C 240 25.57 -1.35 7.16
C ILE C 240 25.33 -0.76 5.78
N MET C 241 25.84 -1.43 4.74
CA MET C 241 25.66 -0.93 3.38
C MET C 241 24.18 -0.93 2.98
N LEU C 242 23.46 -2.00 3.31
CA LEU C 242 22.06 -2.09 2.93
C LEU C 242 21.25 -0.98 3.59
N SER C 243 21.52 -0.71 4.88
CA SER C 243 20.81 0.38 5.55
C SER C 243 21.27 1.74 5.05
N LEU C 244 22.50 1.83 4.54
CA LEU C 244 23.01 3.11 4.04
C LEU C 244 22.38 3.47 2.71
N VAL C 245 22.22 2.50 1.81
CA VAL C 245 21.66 2.81 0.50
C VAL C 245 20.15 2.65 0.44
N SER C 246 19.55 1.89 1.37
CA SER C 246 18.11 1.70 1.34
C SER C 246 17.37 2.99 1.70
N THR C 247 17.94 3.80 2.58
CA THR C 247 17.31 5.04 3.01
C THR C 247 17.35 6.03 1.86
N GLY C 248 16.23 6.17 1.16
CA GLY C 248 16.16 7.05 0.00
C GLY C 248 14.97 6.67 -0.88
N ASP C 249 15.11 6.96 -2.18
CA ASP C 249 14.06 6.64 -3.13
C ASP C 249 14.61 6.12 -4.45
N CYS C 250 15.87 5.72 -4.51
CA CYS C 250 16.46 5.27 -5.76
C CYS C 250 15.78 3.99 -6.23
N PRO C 251 15.23 3.93 -7.44
CA PRO C 251 14.62 2.69 -7.94
C PRO C 251 15.59 1.78 -8.67
N PHE C 252 16.90 1.98 -8.52
CA PHE C 252 17.89 1.20 -9.26
C PHE C 252 18.72 0.31 -8.35
N ILE C 253 18.32 0.15 -7.09
CA ILE C 253 19.03 -0.69 -6.13
C ILE C 253 18.01 -1.50 -5.36
N VAL C 254 18.34 -2.76 -5.10
CA VAL C 254 17.46 -3.62 -4.31
C VAL C 254 17.50 -3.17 -2.87
N CYS C 255 16.44 -2.49 -2.42
CA CYS C 255 16.41 -1.92 -1.09
C CYS C 255 16.04 -2.97 -0.05
N MET C 256 16.48 -2.73 1.17
CA MET C 256 16.22 -3.63 2.29
C MET C 256 15.14 -3.04 3.17
N SER C 257 14.18 -3.85 3.56
CA SER C 257 13.10 -3.38 4.43
C SER C 257 13.36 -3.71 5.89
N TYR C 258 13.70 -4.97 6.18
CA TYR C 258 13.92 -5.42 7.55
C TYR C 258 15.20 -6.24 7.62
N ALA C 259 15.74 -6.34 8.81
CA ALA C 259 16.85 -7.24 9.12
C ALA C 259 16.62 -7.85 10.48
N PHE C 260 16.82 -9.16 10.59
CA PHE C 260 16.61 -9.87 11.84
C PHE C 260 17.46 -11.14 11.79
N HIS C 261 17.48 -11.86 12.91
CA HIS C 261 18.23 -13.10 12.99
C HIS C 261 17.52 -14.09 13.90
N THR C 262 17.54 -15.35 13.49
CA THR C 262 17.11 -16.45 14.32
C THR C 262 18.33 -16.92 15.12
N PRO C 263 18.21 -17.94 15.97
CA PRO C 263 19.40 -18.39 16.72
C PRO C 263 20.54 -18.85 15.82
N ASP C 264 20.27 -19.18 14.55
CA ASP C 264 21.29 -19.70 13.66
C ASP C 264 21.40 -18.99 12.31
N LYS C 265 20.48 -18.09 11.97
CA LYS C 265 20.47 -17.43 10.68
C LYS C 265 20.43 -15.92 10.83
N LEU C 266 21.14 -15.23 9.94
CA LEU C 266 20.96 -13.79 9.76
C LEU C 266 20.15 -13.56 8.50
N SER C 267 19.09 -12.77 8.60
CA SER C 267 18.13 -12.62 7.51
C SER C 267 17.96 -11.16 7.15
N PHE C 268 18.05 -10.87 5.85
CA PHE C 268 17.69 -9.58 5.30
C PHE C 268 16.46 -9.75 4.42
N ILE C 269 15.55 -8.78 4.49
CA ILE C 269 14.34 -8.78 3.67
C ILE C 269 14.53 -7.71 2.59
N LEU C 270 14.46 -8.13 1.33
CA LEU C 270 14.81 -7.27 0.21
C LEU C 270 13.68 -7.27 -0.81
N ASP C 271 13.77 -6.32 -1.76
CA ASP C 271 12.80 -6.27 -2.84
C ASP C 271 12.85 -7.55 -3.65
N LEU C 272 11.70 -8.04 -4.11
CA LEU C 272 11.62 -9.24 -4.93
C LEU C 272 11.65 -8.82 -6.40
N MET C 273 12.76 -9.12 -7.07
CA MET C 273 12.86 -8.90 -8.51
C MET C 273 12.55 -10.21 -9.23
N ASN C 274 11.25 -10.49 -9.34
CA ASN C 274 10.79 -11.78 -9.84
C ASN C 274 11.16 -12.02 -11.29
N GLY C 275 11.76 -11.05 -11.97
CA GLY C 275 12.17 -11.25 -13.34
C GLY C 275 13.44 -12.07 -13.49
N GLY C 276 14.22 -12.20 -12.42
CA GLY C 276 15.45 -12.95 -12.47
C GLY C 276 16.64 -12.09 -12.85
N ASP C 277 17.83 -12.65 -12.65
CA ASP C 277 19.05 -11.91 -12.90
C ASP C 277 19.30 -11.77 -14.40
N LEU C 278 20.18 -10.84 -14.75
CA LEU C 278 20.44 -10.55 -16.16
C LEU C 278 21.32 -11.60 -16.82
N HIS C 279 22.09 -12.38 -16.04
CA HIS C 279 22.94 -13.40 -16.64
C HIS C 279 22.11 -14.56 -17.18
N TYR C 280 21.11 -14.99 -16.41
CA TYR C 280 20.22 -16.04 -16.87
C TYR C 280 19.50 -15.63 -18.16
N HIS C 281 18.99 -14.39 -18.16
CA HIS C 281 18.32 -13.88 -19.36
C HIS C 281 19.28 -13.72 -20.50
N LEU C 282 20.54 -13.36 -20.26
CA LEU C 282 21.54 -13.29 -21.32
C LEU C 282 21.79 -14.66 -21.93
N SER C 283 21.89 -15.68 -21.08
CA SER C 283 22.11 -17.04 -21.58
C SER C 283 20.92 -17.48 -22.41
N GLN C 284 19.70 -17.19 -21.96
CA GLN C 284 18.53 -17.62 -22.70
C GLN C 284 18.36 -16.85 -24.01
N HIS C 285 18.62 -15.54 -23.98
CA HIS C 285 18.33 -14.66 -25.11
C HIS C 285 19.54 -14.44 -26.01
N GLY C 286 20.75 -14.62 -25.49
CA GLY C 286 21.94 -14.37 -26.26
C GLY C 286 22.43 -12.95 -26.13
N VAL C 287 23.51 -12.65 -26.85
CA VAL C 287 24.14 -11.34 -26.75
C VAL C 287 23.14 -10.26 -27.13
N PHE C 288 23.13 -9.18 -26.36
CA PHE C 288 22.26 -8.05 -26.63
C PHE C 288 22.87 -7.17 -27.72
N SER C 289 22.06 -6.24 -28.22
CA SER C 289 22.52 -5.26 -29.19
C SER C 289 22.72 -3.90 -28.52
N GLU C 290 23.47 -3.04 -29.20
CA GLU C 290 23.80 -1.73 -28.64
C GLU C 290 22.57 -0.94 -28.22
N PRO C 291 21.53 -0.78 -29.04
CA PRO C 291 20.32 -0.08 -28.57
C PRO C 291 19.67 -0.76 -27.38
N ASP C 292 19.76 -2.08 -27.28
CA ASP C 292 19.23 -2.77 -26.11
C ASP C 292 20.10 -2.51 -24.89
N MET C 293 21.43 -2.52 -25.06
CA MET C 293 22.30 -2.34 -23.90
C MET C 293 22.33 -0.88 -23.45
N ILE C 294 21.86 0.04 -24.29
CA ILE C 294 21.72 1.43 -23.85
C ILE C 294 20.90 1.50 -22.57
N PHE C 295 19.78 0.78 -22.56
CA PHE C 295 18.87 0.81 -21.42
C PHE C 295 19.55 0.33 -20.14
N TYR C 296 20.19 -0.85 -20.21
CA TYR C 296 20.85 -1.41 -19.04
C TYR C 296 21.99 -0.52 -18.58
N ALA C 297 22.79 0.00 -19.51
CA ALA C 297 23.92 0.83 -19.13
C ALA C 297 23.44 2.10 -18.44
N ALA C 298 22.39 2.73 -18.96
CA ALA C 298 21.87 3.94 -18.33
C ALA C 298 21.37 3.65 -16.92
N GLU C 299 20.57 2.59 -16.77
CA GLU C 299 20.02 2.30 -15.45
C GLU C 299 21.13 1.97 -14.45
N ILE C 300 22.11 1.18 -14.87
CA ILE C 300 23.19 0.79 -13.98
C ILE C 300 24.06 2.00 -13.63
N ILE C 301 24.23 2.92 -14.58
CA ILE C 301 24.99 4.13 -14.30
C ILE C 301 24.28 4.96 -13.25
N LEU C 302 22.96 5.09 -13.36
CA LEU C 302 22.23 5.82 -12.33
C LEU C 302 22.34 5.13 -10.97
N GLY C 303 22.26 3.80 -10.94
CA GLY C 303 22.43 3.10 -9.68
C GLY C 303 23.80 3.33 -9.06
N LEU C 304 24.85 3.23 -9.88
CA LEU C 304 26.20 3.46 -9.38
C LEU C 304 26.35 4.90 -8.87
N GLU C 305 25.72 5.85 -9.56
CA GLU C 305 25.74 7.23 -9.11
C GLU C 305 25.10 7.36 -7.74
N HIS C 306 23.97 6.70 -7.54
CA HIS C 306 23.32 6.73 -6.22
C HIS C 306 24.24 6.14 -5.17
N MET C 307 24.89 5.02 -5.47
CA MET C 307 25.78 4.39 -4.50
C MET C 307 27.03 5.25 -4.25
N HIS C 308 27.62 5.79 -5.32
CA HIS C 308 28.84 6.58 -5.15
C HIS C 308 28.58 7.87 -4.40
N ASN C 309 27.40 8.47 -4.58
CA ASN C 309 27.08 9.69 -3.83
C ASN C 309 27.13 9.45 -2.33
N ARG C 310 26.90 8.20 -1.90
CA ARG C 310 26.99 7.83 -0.50
C ARG C 310 28.37 7.27 -0.14
N PHE C 311 29.33 7.31 -1.07
CA PHE C 311 30.69 6.86 -0.84
C PHE C 311 30.79 5.35 -0.66
N VAL C 312 29.87 4.60 -1.25
CA VAL C 312 29.92 3.14 -1.25
C VAL C 312 30.45 2.69 -2.60
N VAL C 313 31.45 1.82 -2.59
CA VAL C 313 32.06 1.29 -3.82
C VAL C 313 31.52 -0.12 -4.02
N TYR C 314 30.90 -0.35 -5.18
CA TYR C 314 30.31 -1.65 -5.52
C TYR C 314 31.36 -2.46 -6.27
N ARG C 315 32.08 -3.30 -5.51
CA ARG C 315 33.26 -3.92 -6.06
C ARG C 315 32.94 -5.06 -7.01
N ASP C 316 31.86 -5.81 -6.72
CA ASP C 316 31.44 -6.94 -7.55
C ASP C 316 30.28 -6.52 -8.45
N LEU C 317 30.56 -6.00 -9.66
CA LEU C 317 29.55 -5.62 -10.64
C LEU C 317 29.63 -6.62 -11.79
N LYS C 318 28.62 -7.48 -11.88
CA LYS C 318 28.52 -8.50 -12.92
C LYS C 318 27.12 -8.48 -13.50
N PRO C 319 26.91 -9.04 -14.69
CA PRO C 319 25.53 -9.24 -15.15
C PRO C 319 24.71 -10.10 -14.21
N ALA C 320 25.35 -11.04 -13.51
CA ALA C 320 24.62 -11.90 -12.60
C ALA C 320 24.02 -11.12 -11.43
N ASN C 321 24.64 -10.01 -11.05
CA ASN C 321 24.17 -9.22 -9.92
C ASN C 321 23.10 -8.22 -10.31
N ILE C 322 22.72 -8.15 -11.58
CA ILE C 322 21.72 -7.21 -12.08
C ILE C 322 20.40 -7.96 -12.22
N LEU C 323 19.38 -7.54 -11.48
CA LEU C 323 18.11 -8.23 -11.41
C LEU C 323 17.05 -7.47 -12.18
N LEU C 324 16.31 -8.18 -13.02
CA LEU C 324 15.21 -7.60 -13.78
C LEU C 324 13.93 -7.69 -12.97
N ASP C 325 13.21 -6.57 -12.86
CA ASP C 325 11.93 -6.58 -12.19
C ASP C 325 10.87 -7.18 -13.09
N GLU C 326 9.61 -7.07 -12.66
CA GLU C 326 8.52 -7.68 -13.42
C GLU C 326 8.45 -7.10 -14.83
N HIS C 327 8.57 -5.78 -14.95
CA HIS C 327 8.43 -5.11 -16.23
C HIS C 327 9.72 -5.07 -17.05
N GLY C 328 10.84 -5.50 -16.49
CA GLY C 328 12.10 -5.55 -17.20
C GLY C 328 13.12 -4.52 -16.79
N HIS C 329 12.79 -3.62 -15.87
CA HIS C 329 13.77 -2.65 -15.37
C HIS C 329 14.72 -3.32 -14.39
N VAL C 330 15.99 -2.92 -14.46
CA VAL C 330 17.07 -3.60 -13.75
C VAL C 330 17.35 -2.90 -12.44
N ARG C 331 17.95 -3.64 -11.51
CA ARG C 331 18.39 -3.11 -10.21
C ARG C 331 19.66 -3.83 -9.78
N ILE C 332 20.50 -3.12 -9.03
CA ILE C 332 21.70 -3.72 -8.46
C ILE C 332 21.33 -4.39 -7.14
N SER C 333 21.79 -5.63 -6.96
CA SER C 333 21.26 -6.49 -5.91
C SER C 333 22.24 -6.82 -4.80
N ASP C 334 23.41 -7.37 -5.13
CA ASP C 334 24.26 -8.01 -4.13
C ASP C 334 25.30 -7.01 -3.61
N LEU C 335 25.03 -6.46 -2.42
CA LEU C 335 25.97 -5.59 -1.73
C LEU C 335 26.88 -6.33 -0.76
N GLY C 336 27.15 -7.62 -1.01
CA GLY C 336 27.97 -8.37 -0.09
C GLY C 336 29.38 -7.84 0.00
N LEU C 337 29.99 -7.53 -1.14
CA LEU C 337 31.37 -7.09 -1.18
C LEU C 337 31.51 -5.57 -1.24
N ALA C 338 30.41 -4.82 -1.19
CA ALA C 338 30.50 -3.37 -1.23
C ALA C 338 31.25 -2.85 -0.01
N CYS C 339 31.92 -1.73 -0.19
CA CYS C 339 32.74 -1.12 0.86
C CYS C 339 32.55 0.39 0.82
N ASP C 340 32.95 1.04 1.91
CA ASP C 340 32.89 2.49 2.02
C ASP C 340 34.31 3.03 1.97
N PHE C 341 34.54 4.02 1.10
CA PHE C 341 35.85 4.61 0.91
C PHE C 341 35.92 6.04 1.42
N SER C 342 34.92 6.52 2.14
CA SER C 342 34.96 7.89 2.66
C SER C 342 35.98 8.01 3.78
N LYS C 343 36.02 7.04 4.69
CA LYS C 343 36.97 7.09 5.80
C LYS C 343 38.38 6.75 5.32
N LYS C 344 38.53 5.63 4.62
CA LYS C 344 39.81 5.26 4.06
C LYS C 344 39.57 4.39 2.83
N LYS C 345 40.38 4.59 1.80
CA LYS C 345 40.20 3.88 0.55
C LYS C 345 40.63 2.43 0.71
N PRO C 346 39.80 1.46 0.32
CA PRO C 346 40.19 0.05 0.48
C PRO C 346 41.42 -0.29 -0.33
N HIS C 347 41.99 -1.46 -0.03
CA HIS C 347 43.14 -1.96 -0.76
C HIS C 347 43.09 -3.46 -1.03
N ALA C 348 42.00 -4.13 -0.68
CA ALA C 348 41.91 -5.58 -0.88
C ALA C 348 41.43 -5.91 -2.29
N SER C 349 41.98 -6.98 -2.86
CA SER C 349 41.59 -7.44 -4.19
C SER C 349 40.33 -8.30 -4.07
N VAL C 350 39.19 -7.61 -3.99
CA VAL C 350 37.90 -8.25 -3.86
C VAL C 350 37.09 -8.00 -5.11
N GLY C 351 36.51 -9.05 -5.67
CA GLY C 351 35.72 -8.94 -6.87
C GLY C 351 35.53 -10.31 -7.51
N THR C 352 35.37 -10.29 -8.83
CA THR C 352 35.27 -11.50 -9.64
C THR C 352 36.23 -11.38 -10.80
N HIS C 353 37.05 -12.42 -11.01
CA HIS C 353 38.05 -12.39 -12.06
C HIS C 353 37.41 -12.12 -13.40
N GLY C 354 38.02 -11.21 -14.16
CA GLY C 354 37.46 -10.73 -15.40
C GLY C 354 36.70 -9.43 -15.30
N TYR C 355 36.31 -9.02 -14.10
CA TYR C 355 35.59 -7.77 -13.89
C TYR C 355 36.24 -6.88 -12.84
N MET C 356 37.44 -7.20 -12.38
CA MET C 356 38.09 -6.41 -11.35
C MET C 356 39.00 -5.36 -11.98
N ALA C 357 39.00 -4.17 -11.38
CA ALA C 357 39.84 -3.09 -11.89
C ALA C 357 41.31 -3.42 -11.69
N PRO C 358 42.20 -2.87 -12.53
CA PRO C 358 43.63 -3.17 -12.35
C PRO C 358 44.15 -2.77 -10.98
N GLU C 359 43.68 -1.65 -10.43
CA GLU C 359 44.12 -1.25 -9.10
C GLU C 359 43.52 -2.13 -8.02
N VAL C 360 42.32 -2.68 -8.24
CA VAL C 360 41.78 -3.65 -7.31
C VAL C 360 42.61 -4.94 -7.34
N LEU C 361 42.97 -5.39 -8.54
CA LEU C 361 43.75 -6.61 -8.67
C LEU C 361 45.19 -6.42 -8.20
N GLN C 362 45.74 -5.21 -8.32
CA GLN C 362 47.06 -4.93 -7.79
C GLN C 362 47.04 -5.02 -6.27
N LYS C 363 48.11 -5.56 -5.71
CA LYS C 363 48.16 -5.80 -4.27
C LYS C 363 48.72 -4.59 -3.53
N GLY C 364 47.99 -4.15 -2.50
CA GLY C 364 48.47 -3.09 -1.63
C GLY C 364 48.06 -1.69 -2.04
N VAL C 365 47.84 -1.48 -3.34
CA VAL C 365 47.50 -0.14 -3.82
C VAL C 365 46.02 0.15 -3.54
N ALA C 366 45.77 1.30 -2.92
CA ALA C 366 44.42 1.67 -2.56
C ALA C 366 43.61 2.07 -3.79
N TYR C 367 42.29 1.99 -3.68
CA TYR C 367 41.41 2.31 -4.78
C TYR C 367 40.12 2.90 -4.25
N ASP C 368 39.41 3.60 -5.13
CA ASP C 368 38.19 4.32 -4.78
C ASP C 368 37.09 3.85 -5.73
N SER C 369 35.97 4.58 -5.75
CA SER C 369 34.84 4.26 -6.61
C SER C 369 35.28 4.07 -8.07
N SER C 370 36.48 4.53 -8.40
CA SER C 370 37.06 4.27 -9.72
C SER C 370 36.94 2.80 -10.13
N ALA C 371 36.90 1.88 -9.17
CA ALA C 371 36.82 0.47 -9.52
C ALA C 371 35.53 0.15 -10.24
N ASP C 372 34.42 0.76 -9.83
CA ASP C 372 33.11 0.39 -10.38
C ASP C 372 33.00 0.73 -11.86
N TRP C 373 33.75 1.72 -12.34
CA TRP C 373 33.65 2.07 -13.75
C TRP C 373 34.35 1.05 -14.64
N PHE C 374 35.51 0.54 -14.22
CA PHE C 374 36.14 -0.53 -14.97
C PHE C 374 35.26 -1.76 -15.02
N SER C 375 34.64 -2.11 -13.88
CA SER C 375 33.72 -3.24 -13.86
C SER C 375 32.48 -2.97 -14.72
N LEU C 376 32.01 -1.72 -14.76
CA LEU C 376 30.91 -1.39 -15.64
C LEU C 376 31.28 -1.60 -17.10
N GLY C 377 32.49 -1.18 -17.48
CA GLY C 377 32.94 -1.42 -18.84
C GLY C 377 33.01 -2.90 -19.16
N CYS C 378 33.58 -3.69 -18.25
CA CYS C 378 33.67 -5.12 -18.46
C CYS C 378 32.29 -5.75 -18.57
N MET C 379 31.35 -5.31 -17.73
CA MET C 379 30.00 -5.86 -17.76
C MET C 379 29.30 -5.53 -19.07
N LEU C 380 29.38 -4.27 -19.50
CA LEU C 380 28.75 -3.89 -20.76
C LEU C 380 29.37 -4.66 -21.92
N PHE C 381 30.68 -4.92 -21.85
CA PHE C 381 31.31 -5.72 -22.89
C PHE C 381 30.72 -7.12 -22.93
N LYS C 382 30.47 -7.73 -21.77
CA LYS C 382 29.91 -9.07 -21.74
C LYS C 382 28.51 -9.11 -22.36
N LEU C 383 27.68 -8.12 -22.05
CA LEU C 383 26.32 -8.13 -22.57
C LEU C 383 26.31 -8.15 -24.10
N LEU C 384 27.37 -7.64 -24.73
CA LEU C 384 27.44 -7.59 -26.18
C LEU C 384 28.26 -8.71 -26.78
N ARG C 385 29.00 -9.47 -25.96
CA ARG C 385 29.89 -10.50 -26.48
C ARG C 385 29.76 -11.85 -25.78
N GLY C 386 29.06 -11.91 -24.64
CA GLY C 386 28.92 -13.16 -23.92
C GLY C 386 30.09 -13.55 -23.05
N HIS C 387 31.14 -12.73 -22.99
CA HIS C 387 32.28 -12.99 -22.14
C HIS C 387 33.00 -11.68 -21.85
N SER C 388 33.83 -11.70 -20.82
CA SER C 388 34.55 -10.50 -20.43
C SER C 388 35.58 -10.12 -21.49
N PRO C 389 36.05 -8.87 -21.49
CA PRO C 389 37.07 -8.49 -22.48
C PRO C 389 38.28 -9.40 -22.43
N PHE C 390 38.58 -9.95 -21.26
CA PHE C 390 39.64 -10.93 -21.09
C PHE C 390 39.03 -12.32 -21.06
N ARG C 391 39.89 -13.32 -21.30
CA ARG C 391 39.41 -14.69 -21.48
C ARG C 391 38.43 -15.08 -20.39
N GLN C 392 37.48 -15.95 -20.75
CA GLN C 392 36.51 -16.45 -19.79
C GLN C 392 37.11 -17.61 -18.98
N HIS C 393 36.31 -18.11 -18.03
CA HIS C 393 36.77 -19.20 -17.17
C HIS C 393 37.10 -20.45 -17.97
N LYS C 394 36.25 -20.82 -18.92
CA LYS C 394 36.48 -22.01 -19.73
C LYS C 394 37.54 -21.80 -20.79
N THR C 395 37.93 -20.55 -21.06
CA THR C 395 38.91 -20.25 -22.09
C THR C 395 40.33 -20.09 -21.56
N LYS C 396 40.49 -19.74 -20.28
CA LYS C 396 41.81 -19.51 -19.72
C LYS C 396 41.76 -19.73 -18.22
N ASP C 397 42.94 -19.91 -17.63
CA ASP C 397 43.05 -20.06 -16.18
C ASP C 397 42.77 -18.73 -15.49
N LYS C 398 42.42 -18.82 -14.21
CA LYS C 398 42.05 -17.61 -13.45
C LYS C 398 43.16 -16.57 -13.51
N HIS C 399 44.41 -16.98 -13.28
CA HIS C 399 45.51 -16.05 -13.33
C HIS C 399 45.85 -15.60 -14.75
N GLU C 400 45.47 -16.38 -15.77
CA GLU C 400 45.62 -15.91 -17.14
C GLU C 400 44.67 -14.77 -17.43
N ILE C 401 43.48 -14.78 -16.82
CA ILE C 401 42.57 -13.65 -16.91
C ILE C 401 43.18 -12.44 -16.20
N ASP C 402 43.91 -12.67 -15.12
CA ASP C 402 44.51 -11.59 -14.36
C ASP C 402 45.56 -10.84 -15.14
N ARG C 403 46.01 -11.36 -16.28
CA ARG C 403 46.95 -10.64 -17.14
C ARG C 403 46.31 -9.37 -17.70
N MET C 404 45.03 -9.16 -17.39
CA MET C 404 44.40 -7.87 -17.68
C MET C 404 45.25 -6.70 -17.19
N THR C 405 46.09 -6.93 -16.19
CA THR C 405 47.03 -5.92 -15.72
C THR C 405 48.23 -5.76 -16.65
N LEU C 406 48.38 -6.62 -17.65
CA LEU C 406 49.52 -6.57 -18.57
C LEU C 406 49.08 -6.56 -20.03
N THR C 407 48.03 -5.81 -20.37
CA THR C 407 47.55 -5.73 -21.73
C THR C 407 46.57 -4.57 -21.83
N MET C 408 45.92 -4.47 -22.99
CA MET C 408 44.89 -3.46 -23.23
C MET C 408 43.69 -4.11 -23.89
N ALA C 409 42.52 -3.53 -23.65
CA ALA C 409 41.28 -4.13 -24.13
C ALA C 409 41.28 -4.21 -25.65
N VAL C 410 40.68 -5.28 -26.17
CA VAL C 410 40.67 -5.52 -27.60
C VAL C 410 39.89 -4.43 -28.34
N GLU C 411 38.73 -4.05 -27.85
CA GLU C 411 37.93 -2.97 -28.45
C GLU C 411 37.61 -3.30 -29.92
N LEU C 412 36.77 -4.32 -30.10
CA LEU C 412 36.51 -4.84 -31.43
C LEU C 412 35.96 -3.75 -32.33
N PRO C 413 36.33 -3.73 -33.61
CA PRO C 413 35.74 -2.74 -34.53
C PRO C 413 34.42 -3.20 -35.14
N ASP C 414 34.11 -4.49 -35.06
CA ASP C 414 32.96 -5.03 -35.79
C ASP C 414 31.65 -4.79 -35.04
N SER C 415 31.53 -5.35 -33.83
CA SER C 415 30.25 -5.35 -33.12
C SER C 415 29.98 -4.05 -32.38
N PHE C 416 30.88 -3.09 -32.42
CA PHE C 416 30.74 -1.84 -31.69
C PHE C 416 30.74 -0.66 -32.64
N SER C 417 29.86 0.30 -32.37
CA SER C 417 29.89 1.56 -33.08
C SER C 417 31.03 2.43 -32.57
N PRO C 418 31.47 3.42 -33.35
CA PRO C 418 32.55 4.28 -32.88
C PRO C 418 32.27 4.92 -31.53
N GLU C 419 31.03 5.34 -31.27
CA GLU C 419 30.70 5.91 -29.98
C GLU C 419 30.91 4.89 -28.87
N LEU C 420 30.46 3.65 -29.09
CA LEU C 420 30.67 2.62 -28.09
C LEU C 420 32.15 2.27 -27.95
N ARG C 421 32.90 2.30 -29.05
CA ARG C 421 34.34 2.08 -28.96
C ARG C 421 34.98 3.12 -28.07
N SER C 422 34.61 4.38 -28.25
CA SER C 422 35.13 5.44 -27.37
C SER C 422 34.72 5.21 -25.92
N LEU C 423 33.45 4.87 -25.69
CA LEU C 423 32.99 4.64 -24.32
C LEU C 423 33.79 3.54 -23.64
N LEU C 424 33.93 2.40 -24.32
CA LEU C 424 34.63 1.26 -23.70
C LEU C 424 36.12 1.56 -23.57
N GLU C 425 36.70 2.28 -24.53
CA GLU C 425 38.08 2.70 -24.38
C GLU C 425 38.27 3.59 -23.16
N GLY C 426 37.31 4.45 -22.86
CA GLY C 426 37.36 5.26 -21.66
C GLY C 426 37.18 4.46 -20.38
N LEU C 427 36.25 3.50 -20.40
CA LEU C 427 35.93 2.75 -19.19
C LEU C 427 36.99 1.69 -18.88
N LEU C 428 37.69 1.18 -19.88
CA LEU C 428 38.69 0.13 -19.67
C LEU C 428 40.11 0.69 -19.67
N GLN C 429 40.29 1.95 -19.33
CA GLN C 429 41.62 2.53 -19.26
C GLN C 429 42.41 1.89 -18.13
N ARG C 430 43.69 1.60 -18.39
CA ARG C 430 44.54 1.02 -17.35
C ARG C 430 44.86 2.05 -16.27
N ASP C 431 45.09 3.30 -16.66
CA ASP C 431 45.46 4.34 -15.70
C ASP C 431 44.19 4.90 -15.07
N VAL C 432 44.14 4.89 -13.73
CA VAL C 432 42.96 5.37 -13.03
C VAL C 432 42.76 6.86 -13.28
N ASN C 433 43.85 7.64 -13.23
CA ASN C 433 43.73 9.08 -13.40
C ASN C 433 43.13 9.44 -14.75
N ARG C 434 43.35 8.62 -15.76
CA ARG C 434 42.84 8.88 -17.11
C ARG C 434 41.52 8.19 -17.38
N ARG C 435 41.17 7.17 -16.59
CA ARG C 435 39.96 6.40 -16.87
C ARG C 435 38.72 7.26 -16.75
N LEU C 436 37.74 6.96 -17.61
CA LEU C 436 36.48 7.68 -17.61
C LEU C 436 35.74 7.43 -16.30
N GLY C 437 35.19 8.50 -15.72
CA GLY C 437 34.44 8.39 -14.48
C GLY C 437 35.32 8.47 -13.26
N CYS C 438 36.63 8.33 -13.44
CA CYS C 438 37.58 8.42 -12.36
C CYS C 438 38.18 9.82 -12.23
N LEU C 439 37.71 10.77 -13.03
CA LEU C 439 38.18 12.14 -12.99
C LEU C 439 36.99 13.09 -13.09
N GLY C 440 37.17 14.28 -12.52
CA GLY C 440 36.10 15.26 -12.59
C GLY C 440 34.93 14.88 -11.70
N ARG C 441 33.72 15.11 -12.21
CA ARG C 441 32.51 14.90 -11.41
C ARG C 441 32.17 13.43 -11.22
N GLY C 442 32.75 12.52 -12.01
CA GLY C 442 32.51 11.11 -11.84
C GLY C 442 31.40 10.57 -12.73
N ALA C 443 30.21 10.39 -12.16
CA ALA C 443 29.10 9.84 -12.94
C ALA C 443 28.75 10.74 -14.11
N GLN C 444 28.90 12.06 -13.96
CA GLN C 444 28.59 12.97 -15.05
C GLN C 444 29.49 12.72 -16.25
N GLU C 445 30.76 12.42 -16.01
CA GLU C 445 31.69 12.19 -17.12
C GLU C 445 31.22 11.07 -18.03
N VAL C 446 30.54 10.06 -17.47
CA VAL C 446 30.00 8.97 -18.27
C VAL C 446 28.62 9.32 -18.82
N LYS C 447 27.77 9.93 -17.99
CA LYS C 447 26.41 10.24 -18.41
C LYS C 447 26.40 11.15 -19.64
N GLU C 448 27.39 12.03 -19.74
CA GLU C 448 27.50 12.94 -20.87
C GLU C 448 28.29 12.37 -22.04
N SER C 449 28.67 11.10 -21.97
CA SER C 449 29.46 10.50 -23.03
C SER C 449 28.64 10.46 -24.33
N PRO C 450 29.31 10.46 -25.49
CA PRO C 450 28.56 10.45 -26.76
C PRO C 450 27.61 9.28 -26.89
N PHE C 451 27.94 8.12 -26.33
CA PHE C 451 27.08 6.95 -26.47
C PHE C 451 25.70 7.20 -25.89
N PHE C 452 25.59 8.12 -24.93
CA PHE C 452 24.31 8.48 -24.33
C PHE C 452 23.82 9.86 -24.78
N ARG C 453 24.35 10.38 -25.89
CA ARG C 453 23.97 11.71 -26.34
C ARG C 453 22.49 11.80 -26.65
N ASP C 454 21.90 10.74 -27.21
CA ASP C 454 20.50 10.72 -27.59
C ASP C 454 19.58 10.52 -26.38
N LEU C 455 20.12 10.08 -25.25
CA LEU C 455 19.32 9.64 -24.12
C LEU C 455 19.00 10.82 -23.22
N ASP C 456 17.75 10.89 -22.75
CA ASP C 456 17.32 11.90 -21.79
C ASP C 456 17.30 11.26 -20.41
N TRP C 457 18.21 11.70 -19.54
CA TRP C 457 18.40 11.03 -18.26
C TRP C 457 17.22 11.22 -17.32
N GLN C 458 16.45 12.30 -17.48
CA GLN C 458 15.26 12.46 -16.64
C GLN C 458 14.26 11.35 -16.90
N MET C 459 14.10 10.95 -18.17
CA MET C 459 13.21 9.84 -18.47
C MET C 459 13.79 8.52 -18.00
N VAL C 460 15.12 8.40 -17.97
CA VAL C 460 15.74 7.21 -17.40
C VAL C 460 15.40 7.08 -15.92
N PHE C 461 15.55 8.17 -15.18
CA PHE C 461 15.20 8.12 -13.76
C PHE C 461 13.73 7.83 -13.56
N LEU C 462 12.87 8.46 -14.38
CA LEU C 462 11.44 8.18 -14.32
C LEU C 462 11.09 6.80 -14.90
N GLN C 463 12.03 6.15 -15.56
CA GLN C 463 11.82 4.80 -16.11
C GLN C 463 10.67 4.80 -17.12
N LYS C 464 10.75 5.72 -18.09
CA LYS C 464 9.73 5.80 -19.13
C LYS C 464 10.09 4.95 -20.34
N TYR C 465 11.38 4.65 -20.53
CA TYR C 465 11.79 3.93 -21.72
C TYR C 465 11.27 2.49 -21.67
N PRO C 466 11.03 1.86 -22.82
CA PRO C 466 10.58 0.47 -22.82
C PRO C 466 11.75 -0.49 -22.67
N PRO C 467 11.71 -1.41 -21.71
CA PRO C 467 12.81 -2.33 -21.55
C PRO C 467 12.99 -3.19 -22.79
N PRO C 468 14.24 -3.49 -23.16
CA PRO C 468 14.44 -4.40 -24.31
C PRO C 468 13.86 -5.79 -24.08
N LEU C 469 13.88 -6.28 -22.85
CA LEU C 469 13.45 -7.64 -22.54
C LEU C 469 12.43 -7.61 -21.42
N ILE C 470 11.31 -8.29 -21.60
CA ILE C 470 10.29 -8.44 -20.58
C ILE C 470 10.30 -9.90 -20.12
N PRO C 471 10.66 -10.18 -18.88
CA PRO C 471 10.76 -11.58 -18.43
C PRO C 471 9.42 -12.29 -18.58
N PRO C 472 9.43 -13.59 -18.88
CA PRO C 472 8.17 -14.34 -18.96
C PRO C 472 7.40 -14.25 -17.65
N ARG C 473 6.08 -14.14 -17.76
CA ARG C 473 5.22 -14.03 -16.58
C ARG C 473 4.79 -15.37 -16.02
N GLY C 474 4.99 -16.45 -16.77
CA GLY C 474 4.58 -17.78 -16.36
C GLY C 474 5.68 -18.69 -15.87
N GLU C 475 6.84 -18.15 -15.51
CA GLU C 475 7.97 -18.95 -15.07
C GLU C 475 8.62 -18.30 -13.86
N VAL C 476 9.46 -19.06 -13.17
CA VAL C 476 10.15 -18.52 -12.00
C VAL C 476 11.34 -17.68 -12.41
N ASN C 477 11.87 -17.88 -13.62
CA ASN C 477 13.04 -17.14 -14.10
C ASN C 477 14.24 -17.38 -13.21
N ALA C 478 14.47 -18.64 -12.85
CA ALA C 478 15.62 -19.03 -12.05
C ALA C 478 15.91 -20.50 -12.31
N ALA C 479 17.11 -20.92 -11.92
CA ALA C 479 17.47 -22.32 -12.09
C ALA C 479 16.62 -23.20 -11.18
N ASP C 480 16.50 -24.47 -11.56
CA ASP C 480 15.72 -25.41 -10.78
C ASP C 480 16.29 -25.54 -9.37
N ALA C 481 15.40 -25.68 -8.39
CA ALA C 481 15.86 -25.80 -7.01
C ALA C 481 16.82 -26.96 -6.84
N PHE C 482 16.71 -27.99 -7.70
CA PHE C 482 17.68 -29.06 -7.68
C PHE C 482 19.05 -28.60 -8.17
N ASP C 483 19.09 -27.76 -9.20
CA ASP C 483 20.36 -27.23 -9.69
C ASP C 483 21.00 -26.29 -8.69
N ILE C 484 20.21 -25.41 -8.06
CA ILE C 484 20.76 -24.48 -7.09
C ILE C 484 21.41 -25.25 -5.94
N GLY C 485 20.76 -26.31 -5.47
CA GLY C 485 21.35 -27.15 -4.47
C GLY C 485 21.34 -26.49 -3.09
N SER C 486 22.20 -27.02 -2.22
CA SER C 486 22.31 -26.54 -0.85
C SER C 486 23.71 -26.81 -0.33
N PHE C 487 24.11 -26.05 0.68
CA PHE C 487 25.41 -26.25 1.30
C PHE C 487 25.44 -27.55 2.09
N ASP C 488 26.63 -28.11 2.21
CA ASP C 488 26.81 -29.36 2.94
C ASP C 488 26.69 -29.12 4.44
N GLU C 489 25.69 -29.73 5.07
CA GLU C 489 25.50 -29.54 6.50
C GLU C 489 26.67 -30.12 7.29
N GLU C 490 27.35 -31.11 6.74
CA GLU C 490 28.49 -31.71 7.44
C GLU C 490 29.63 -30.72 7.59
N ASP C 491 29.74 -29.74 6.68
CA ASP C 491 30.85 -28.79 6.75
C ASP C 491 30.81 -27.99 8.05
N THR C 492 29.63 -27.80 8.63
CA THR C 492 29.49 -27.03 9.85
C THR C 492 29.70 -27.87 11.11
N LYS C 493 29.84 -29.18 10.99
CA LYS C 493 30.09 -30.02 12.15
C LYS C 493 31.41 -29.60 12.82
N GLY C 494 31.39 -29.57 14.15
CA GLY C 494 32.51 -29.07 14.92
C GLY C 494 32.46 -27.59 15.19
N ILE C 495 31.51 -26.86 14.62
CA ILE C 495 31.37 -25.43 14.87
C ILE C 495 30.30 -25.22 15.93
N LYS C 496 30.66 -24.49 16.99
CA LYS C 496 29.74 -24.18 18.07
C LYS C 496 29.72 -22.67 18.28
N LEU C 497 28.52 -22.13 18.48
CA LEU C 497 28.31 -20.70 18.62
C LEU C 497 28.26 -20.35 20.10
N LEU C 498 29.29 -19.66 20.58
CA LEU C 498 29.36 -19.25 21.97
C LEU C 498 28.49 -18.04 22.22
N ASP C 499 28.19 -17.79 23.49
CA ASP C 499 27.46 -16.57 23.85
C ASP C 499 28.24 -15.33 23.41
N SER C 500 29.57 -15.41 23.44
CA SER C 500 30.38 -14.31 22.95
C SER C 500 30.24 -14.11 21.45
N ASP C 501 29.79 -15.14 20.72
CA ASP C 501 29.54 -15.01 19.29
C ASP C 501 28.16 -14.42 19.02
N GLN C 502 27.14 -14.87 19.74
CA GLN C 502 25.81 -14.30 19.58
C GLN C 502 25.79 -12.83 20.00
N GLU C 503 26.80 -12.40 20.76
CA GLU C 503 26.88 -11.00 21.16
C GLU C 503 27.30 -10.10 20.01
N LEU C 504 27.95 -10.65 18.98
CA LEU C 504 28.30 -9.84 17.82
C LEU C 504 27.05 -9.32 17.11
N TYR C 505 25.94 -10.05 17.20
CA TYR C 505 24.70 -9.69 16.54
C TYR C 505 23.65 -9.16 17.51
N ARG C 506 24.07 -8.60 18.65
CA ARG C 506 23.11 -8.07 19.60
C ARG C 506 22.28 -6.95 18.98
N ASN C 507 22.93 -6.04 18.26
CA ASN C 507 22.28 -4.89 17.66
C ASN C 507 21.93 -5.11 16.19
N PHE C 508 22.04 -6.35 15.71
CA PHE C 508 21.80 -6.61 14.29
C PHE C 508 20.40 -6.24 13.85
N PRO C 509 19.32 -6.67 14.52
CA PRO C 509 17.99 -6.50 13.94
C PRO C 509 17.68 -5.03 13.68
N LEU C 510 16.96 -4.78 12.58
CA LEU C 510 16.70 -3.43 12.11
C LEU C 510 15.41 -3.41 11.31
N THR C 511 14.72 -2.28 11.35
CA THR C 511 13.57 -2.02 10.50
C THR C 511 13.64 -0.59 10.02
N ILE C 512 13.36 -0.38 8.74
CA ILE C 512 13.46 0.93 8.11
C ILE C 512 12.06 1.52 8.05
N SER C 513 11.90 2.71 8.65
CA SER C 513 10.57 3.26 8.89
C SER C 513 9.82 3.53 7.59
N GLU C 514 10.47 4.22 6.65
CA GLU C 514 9.78 4.60 5.43
C GLU C 514 9.35 3.37 4.63
N ARG C 515 10.16 2.30 4.65
CA ARG C 515 9.88 1.11 3.84
C ARG C 515 8.68 0.40 4.42
N TRP C 516 8.62 0.26 5.75
CA TRP C 516 7.49 -0.39 6.40
C TRP C 516 6.22 0.44 6.24
N GLN C 517 6.33 1.76 6.39
CA GLN C 517 5.16 2.62 6.24
C GLN C 517 4.61 2.57 4.84
N GLN C 518 5.48 2.55 3.82
CA GLN C 518 5.03 2.42 2.45
C GLN C 518 4.32 1.09 2.23
N GLU C 519 4.91 0.01 2.76
CA GLU C 519 4.27 -1.30 2.63
C GLU C 519 2.88 -1.29 3.23
N VAL C 520 2.76 -0.78 4.45
CA VAL C 520 1.47 -0.76 5.14
C VAL C 520 0.47 0.10 4.36
N ALA C 521 0.91 1.26 3.89
CA ALA C 521 0.02 2.13 3.14
C ALA C 521 -0.50 1.45 1.89
N GLU C 522 0.38 0.76 1.16
CA GLU C 522 -0.05 0.05 -0.03
C GLU C 522 -1.03 -1.07 0.29
N THR C 523 -0.77 -1.83 1.36
CA THR C 523 -1.44 -3.11 1.53
C THR C 523 -2.68 -3.05 2.43
N VAL C 524 -2.51 -2.68 3.70
CA VAL C 524 -3.55 -2.95 4.70
C VAL C 524 -3.90 -1.75 5.56
N PHE C 525 -3.54 -0.54 5.11
CA PHE C 525 -3.80 0.63 5.93
C PHE C 525 -5.29 0.86 6.10
N ASP C 526 -6.04 0.90 4.99
CA ASP C 526 -7.46 1.24 5.06
C ASP C 526 -8.26 0.16 5.75
N THR C 527 -7.98 -1.11 5.43
CA THR C 527 -8.72 -2.22 6.04
C THR C 527 -8.54 -2.21 7.55
N ILE C 528 -7.28 -2.12 7.98
CA ILE C 528 -7.01 -2.14 9.41
C ILE C 528 -7.75 -0.94 9.96
N ASN C 529 -7.58 0.28 9.43
CA ASN C 529 -8.19 1.48 9.99
C ASN C 529 -9.69 1.29 10.19
N ALA C 530 -10.37 0.73 9.19
CA ALA C 530 -11.82 0.52 9.30
C ALA C 530 -12.14 -0.46 10.42
N GLU C 531 -11.42 -1.59 10.47
CA GLU C 531 -11.68 -2.58 11.51
C GLU C 531 -11.44 -1.99 12.88
N THR C 532 -10.32 -1.25 13.02
CA THR C 532 -9.98 -0.60 14.27
C THR C 532 -11.15 0.31 14.63
N ASP C 533 -11.62 1.19 13.75
CA ASP C 533 -12.68 2.13 14.04
C ASP C 533 -13.93 1.42 14.52
N ARG C 534 -14.28 0.30 13.87
CA ARG C 534 -15.41 -0.49 14.34
C ARG C 534 -15.19 -0.99 15.76
N LEU C 535 -13.98 -1.45 16.06
CA LEU C 535 -13.69 -1.95 17.40
C LEU C 535 -13.85 -0.86 18.45
N GLU C 536 -13.30 0.33 18.22
CA GLU C 536 -13.47 1.39 19.20
C GLU C 536 -14.93 1.85 19.28
N ALA C 537 -15.65 1.85 18.17
CA ALA C 537 -17.07 2.18 18.25
C ALA C 537 -17.81 1.20 19.15
N ARG C 538 -17.54 -0.10 18.97
CA ARG C 538 -18.17 -1.13 19.78
C ARG C 538 -17.83 -0.93 21.26
N LYS C 539 -16.55 -0.76 21.57
CA LYS C 539 -16.15 -0.64 22.97
C LYS C 539 -16.66 0.66 23.60
N LYS C 540 -16.73 1.74 22.82
CA LYS C 540 -17.26 2.99 23.34
C LYS C 540 -18.74 2.85 23.66
N THR C 541 -19.51 2.20 22.79
CA THR C 541 -20.91 1.95 23.10
C THR C 541 -21.05 1.08 24.35
N LYS C 542 -20.22 0.04 24.46
CA LYS C 542 -20.28 -0.82 25.63
C LYS C 542 -19.99 -0.04 26.91
N ASN C 543 -18.95 0.80 26.89
CA ASN C 543 -18.60 1.56 28.08
C ASN C 543 -19.67 2.59 28.42
N LYS C 544 -20.24 3.25 27.42
CA LYS C 544 -21.29 4.23 27.69
C LYS C 544 -22.53 3.56 28.28
N GLN C 545 -22.90 2.39 27.75
CA GLN C 545 -24.08 1.69 28.26
C GLN C 545 -23.84 1.16 29.67
N LEU C 546 -22.69 0.52 29.89
CA LEU C 546 -22.40 -0.12 31.17
C LEU C 546 -21.60 0.76 32.12
N GLY C 547 -21.33 2.01 31.75
CA GLY C 547 -20.51 2.84 32.62
C GLY C 547 -19.05 2.44 32.56
N HIS C 548 -18.31 2.90 33.56
CA HIS C 548 -16.88 2.63 33.66
C HIS C 548 -16.15 3.11 32.41
N GLU C 549 -16.23 4.42 32.20
CA GLU C 549 -15.63 5.03 31.01
C GLU C 549 -14.14 4.72 30.95
N GLU C 550 -13.54 5.06 29.80
CA GLU C 550 -12.13 4.78 29.58
C GLU C 550 -11.27 5.47 30.62
N ASP C 551 -11.57 6.74 30.92
CA ASP C 551 -10.84 7.48 31.94
C ASP C 551 -11.69 8.64 32.41
N TYR C 552 -11.64 8.89 33.72
CA TYR C 552 -12.40 9.99 34.33
C TYR C 552 -11.50 11.22 34.38
N ALA C 553 -11.35 11.85 33.23
CA ALA C 553 -10.56 13.07 33.06
C ALA C 553 -9.08 12.87 33.36
N LEU C 554 -8.63 11.62 33.52
CA LEU C 554 -7.23 11.32 33.78
C LEU C 554 -6.70 12.10 34.98
N GLY C 555 -7.53 12.23 36.01
CA GLY C 555 -7.10 12.91 37.22
C GLY C 555 -6.90 14.40 36.99
N LYS C 556 -6.20 15.00 37.96
CA LYS C 556 -5.93 16.44 37.92
C LYS C 556 -4.49 16.75 37.53
N ASP C 557 -3.52 15.94 37.95
CA ASP C 557 -2.12 16.21 37.66
C ASP C 557 -1.37 14.95 37.20
N CYS C 558 -2.00 14.14 36.35
CA CYS C 558 -1.40 12.88 35.93
C CYS C 558 -0.28 13.14 34.93
N ILE C 559 0.92 12.65 35.25
CA ILE C 559 2.05 12.79 34.32
C ILE C 559 1.86 11.88 33.12
N MET C 560 1.45 10.64 33.36
CA MET C 560 1.27 9.66 32.29
C MET C 560 0.49 8.49 32.85
N HIS C 561 -0.18 7.76 31.95
CA HIS C 561 -0.95 6.59 32.33
C HIS C 561 -0.92 5.59 31.19
N GLY C 562 -1.11 4.32 31.54
CA GLY C 562 -1.14 3.28 30.54
C GLY C 562 -1.19 1.92 31.19
N TYR C 563 -1.49 0.92 30.35
CA TYR C 563 -1.56 -0.46 30.83
C TYR C 563 -0.17 -0.98 31.18
N MET C 564 -0.09 -1.73 32.27
CA MET C 564 1.11 -2.45 32.63
C MET C 564 0.72 -3.71 33.38
N SER C 565 1.60 -4.70 33.35
CA SER C 565 1.34 -5.99 33.98
C SER C 565 2.11 -6.11 35.28
N LYS C 566 1.40 -5.96 36.40
CA LYS C 566 2.02 -6.25 37.69
C LYS C 566 2.40 -7.72 37.73
N MET C 567 3.70 -7.98 37.88
CA MET C 567 4.29 -9.25 37.50
C MET C 567 4.88 -9.96 38.72
N GLY C 568 4.98 -11.29 38.63
CA GLY C 568 5.82 -12.06 39.51
C GLY C 568 5.15 -12.70 40.71
N ASN C 569 3.83 -12.69 40.80
CA ASN C 569 3.15 -13.31 41.93
C ASN C 569 2.97 -14.81 41.67
N PRO C 570 3.60 -15.69 42.46
CA PRO C 570 3.39 -17.13 42.22
C PRO C 570 2.00 -17.60 42.60
N PHE C 571 1.38 -17.01 43.62
CA PHE C 571 0.09 -17.46 44.12
C PHE C 571 -1.08 -16.83 43.39
N LEU C 572 -0.83 -15.92 42.45
CA LEU C 572 -1.88 -15.38 41.59
C LEU C 572 -1.47 -15.53 40.14
N THR C 573 -2.29 -15.05 39.21
CA THR C 573 -1.90 -15.03 37.82
C THR C 573 -0.63 -14.21 37.65
N GLN C 574 0.32 -14.75 36.90
CA GLN C 574 1.59 -14.06 36.72
C GLN C 574 1.40 -12.71 36.02
N TRP C 575 0.55 -12.66 35.01
CA TRP C 575 0.33 -11.46 34.20
C TRP C 575 -0.90 -10.72 34.73
N GLN C 576 -0.73 -9.99 35.83
CA GLN C 576 -1.82 -9.24 36.44
C GLN C 576 -1.95 -7.88 35.75
N ARG C 577 -2.47 -7.91 34.52
CA ARG C 577 -2.59 -6.70 33.72
C ARG C 577 -3.53 -5.71 34.39
N ARG C 578 -3.10 -4.46 34.46
CA ARG C 578 -3.86 -3.42 35.16
C ARG C 578 -3.55 -2.07 34.50
N TYR C 579 -4.28 -1.04 34.91
CA TYR C 579 -4.12 0.30 34.39
C TYR C 579 -3.49 1.19 35.44
N PHE C 580 -2.45 1.93 35.06
CA PHE C 580 -1.63 2.69 36.01
C PHE C 580 -1.68 4.18 35.67
N TYR C 581 -1.62 5.00 36.72
CA TYR C 581 -1.54 6.45 36.59
C TYR C 581 -0.31 6.93 37.33
N LEU C 582 0.43 7.85 36.73
CA LEU C 582 1.65 8.39 37.34
C LEU C 582 1.43 9.85 37.71
N PHE C 583 1.72 10.18 38.96
CA PHE C 583 1.68 11.53 39.48
C PHE C 583 3.02 11.90 40.07
N PRO C 584 3.35 13.21 40.17
CA PRO C 584 4.68 13.59 40.65
C PRO C 584 4.99 13.08 42.05
N ASN C 585 3.97 12.73 42.84
CA ASN C 585 4.20 12.23 44.19
C ASN C 585 3.87 10.76 44.37
N ARG C 586 3.07 10.16 43.48
CA ARG C 586 2.64 8.78 43.69
C ARG C 586 2.29 8.15 42.35
N LEU C 587 2.23 6.83 42.35
CA LEU C 587 1.79 6.02 41.22
C LEU C 587 0.54 5.26 41.63
N GLU C 588 -0.60 5.62 41.05
CA GLU C 588 -1.86 4.98 41.39
C GLU C 588 -2.05 3.70 40.58
N TRP C 589 -3.16 2.98 40.81
CA TRP C 589 -3.34 1.64 40.26
C TRP C 589 -4.82 1.29 40.23
N ARG C 590 -5.37 0.83 39.14
CA ARG C 590 -6.79 0.62 38.88
C ARG C 590 -7.04 -0.83 38.52
N GLY C 591 -8.19 -1.34 38.92
CA GLY C 591 -8.56 -2.71 38.62
C GLY C 591 -9.23 -2.85 37.27
N GLU C 592 -10.37 -3.54 37.22
CA GLU C 592 -11.09 -3.67 35.97
C GLU C 592 -11.65 -2.35 35.48
N GLY C 593 -11.72 -1.33 36.34
CA GLY C 593 -12.13 -0.01 35.92
C GLY C 593 -13.08 0.69 36.88
N GLU C 594 -13.45 0.02 37.97
CA GLU C 594 -14.45 0.59 38.87
C GLU C 594 -13.89 1.79 39.64
N ALA C 595 -12.69 1.65 40.21
CA ALA C 595 -12.15 2.71 41.04
C ALA C 595 -10.64 2.61 41.16
N PRO C 596 -9.89 3.66 40.80
CA PRO C 596 -8.44 3.64 41.00
C PRO C 596 -8.06 3.64 42.47
N GLN C 597 -6.87 3.10 42.77
CA GLN C 597 -6.37 3.00 44.15
C GLN C 597 -4.85 3.15 44.11
N SER C 598 -4.22 3.65 45.16
CA SER C 598 -2.80 3.90 45.19
C SER C 598 -2.03 2.59 45.36
N LEU C 599 -0.96 2.44 44.57
CA LEU C 599 -0.06 1.30 44.66
C LEU C 599 1.27 1.65 45.26
N LEU C 600 1.73 2.90 45.08
CA LEU C 600 3.10 3.25 45.42
C LEU C 600 3.21 4.77 45.52
N THR C 601 4.12 5.23 46.38
CA THR C 601 4.43 6.64 46.52
C THR C 601 5.89 6.86 46.11
N MET C 602 6.13 7.90 45.30
CA MET C 602 7.47 8.12 44.76
C MET C 602 8.50 8.31 45.87
N GLU C 603 8.09 8.89 47.01
CA GLU C 603 9.02 9.08 48.11
C GLU C 603 9.56 7.77 48.65
N GLU C 604 8.88 6.65 48.40
CA GLU C 604 9.34 5.35 48.87
C GLU C 604 10.39 4.74 47.95
N ILE C 605 10.44 5.15 46.69
CA ILE C 605 11.27 4.47 45.70
C ILE C 605 12.74 4.59 46.08
N GLN C 606 13.46 3.48 45.95
CA GLN C 606 14.91 3.47 46.12
C GLN C 606 15.63 3.55 44.78
N SER C 607 15.25 2.70 43.83
CA SER C 607 15.85 2.71 42.50
C SER C 607 14.90 2.06 41.51
N VAL C 608 15.09 2.39 40.24
CA VAL C 608 14.32 1.82 39.14
C VAL C 608 15.32 1.31 38.10
N GLU C 609 15.16 0.05 37.70
CA GLU C 609 16.09 -0.56 36.75
C GLU C 609 15.36 -1.61 35.93
N GLU C 610 15.89 -1.86 34.74
CA GLU C 610 15.32 -2.88 33.87
C GLU C 610 15.85 -4.26 34.27
N THR C 611 15.04 -5.28 34.01
CA THR C 611 15.43 -6.66 34.27
C THR C 611 14.74 -7.56 33.25
N GLN C 612 15.34 -8.73 33.05
CA GLN C 612 14.81 -9.74 32.12
C GLN C 612 14.21 -10.88 32.92
N ILE C 613 12.94 -11.17 32.66
CA ILE C 613 12.22 -12.24 33.35
C ILE C 613 11.45 -13.05 32.31
N LYS C 614 11.60 -14.37 32.35
CA LYS C 614 10.94 -15.26 31.40
C LYS C 614 11.31 -14.90 29.97
N GLU C 615 12.54 -14.42 29.76
CA GLU C 615 13.01 -14.00 28.45
C GLU C 615 12.21 -12.82 27.92
N ARG C 616 11.61 -12.04 28.82
CA ARG C 616 10.83 -10.87 28.46
C ARG C 616 11.32 -9.65 29.24
N LYS C 617 11.46 -8.54 28.54
CA LYS C 617 11.92 -7.30 29.16
C LYS C 617 10.88 -6.81 30.16
N CYS C 618 11.34 -6.35 31.32
CA CYS C 618 10.47 -5.89 32.38
C CYS C 618 11.13 -4.74 33.12
N LEU C 619 10.35 -4.08 33.96
CA LEU C 619 10.82 -2.97 34.78
C LEU C 619 10.79 -3.39 36.24
N LEU C 620 11.89 -3.15 36.95
CA LEU C 620 12.01 -3.51 38.35
C LEU C 620 12.13 -2.25 39.20
N LEU C 621 11.27 -2.12 40.19
CA LEU C 621 11.28 -1.00 41.13
C LEU C 621 11.59 -1.54 42.51
N LYS C 622 12.66 -1.01 43.12
CA LYS C 622 13.06 -1.39 44.46
C LYS C 622 12.63 -0.29 45.43
N ILE C 623 12.13 -0.70 46.59
CA ILE C 623 11.46 0.20 47.52
C ILE C 623 12.23 0.23 48.82
N ARG C 624 12.36 1.43 49.39
CA ARG C 624 12.91 1.59 50.73
C ARG C 624 12.17 0.69 51.71
N GLY C 625 12.93 -0.21 52.35
CA GLY C 625 12.35 -1.18 53.26
C GLY C 625 12.35 -2.61 52.78
N GLY C 626 12.99 -2.89 51.64
CA GLY C 626 13.10 -4.24 51.13
C GLY C 626 12.00 -4.68 50.19
N LYS C 627 10.95 -3.87 50.02
CA LYS C 627 9.89 -4.23 49.10
C LYS C 627 10.32 -3.96 47.66
N GLN C 628 9.65 -4.60 46.72
CA GLN C 628 9.92 -4.40 45.31
C GLN C 628 8.68 -4.70 44.50
N PHE C 629 8.64 -4.13 43.29
CA PHE C 629 7.56 -4.37 42.34
C PHE C 629 8.16 -4.61 40.96
N VAL C 630 7.50 -5.43 40.16
CA VAL C 630 7.92 -5.74 38.81
C VAL C 630 6.77 -5.40 37.87
N LEU C 631 7.05 -4.60 36.85
CA LEU C 631 6.06 -4.18 35.87
C LEU C 631 6.58 -4.50 34.48
N GLN C 632 5.67 -4.99 33.62
CA GLN C 632 6.02 -5.41 32.27
C GLN C 632 5.14 -4.68 31.27
N CYS C 633 5.76 -4.08 30.26
CA CYS C 633 5.07 -3.27 29.27
C CYS C 633 4.97 -4.04 27.96
N ASP C 634 4.24 -3.44 27.01
CA ASP C 634 3.82 -4.20 25.83
C ASP C 634 4.67 -3.90 24.59
N SER C 635 5.15 -2.67 24.52
CA SER C 635 5.89 -2.24 23.39
C SER C 635 7.13 -1.70 24.01
N ASP C 636 8.26 -1.87 23.33
CA ASP C 636 9.50 -1.31 23.85
C ASP C 636 9.29 0.18 24.12
N PRO C 637 8.50 0.92 23.29
CA PRO C 637 8.41 2.35 23.57
C PRO C 637 7.73 2.61 24.90
N GLU C 638 6.71 1.81 25.25
CA GLU C 638 6.08 1.95 26.56
C GLU C 638 7.11 1.70 27.66
N LEU C 639 7.92 0.65 27.52
CA LEU C 639 8.91 0.35 28.54
C LEU C 639 9.93 1.47 28.67
N VAL C 640 10.43 1.97 27.54
CA VAL C 640 11.43 3.04 27.58
C VAL C 640 10.86 4.27 28.25
N GLN C 641 9.66 4.68 27.84
CA GLN C 641 9.08 5.90 28.39
C GLN C 641 8.69 5.73 29.85
N TRP C 642 8.17 4.57 30.24
CA TRP C 642 7.85 4.34 31.64
C TRP C 642 9.10 4.38 32.50
N LYS C 643 10.17 3.74 32.05
CA LYS C 643 11.43 3.80 32.78
C LYS C 643 11.88 5.25 32.94
N LYS C 644 11.94 5.98 31.82
CA LYS C 644 12.43 7.35 31.87
C LYS C 644 11.57 8.20 32.81
N GLU C 645 10.25 8.09 32.69
CA GLU C 645 9.37 8.98 33.43
C GLU C 645 9.33 8.63 34.91
N LEU C 646 9.31 7.34 35.25
CA LEU C 646 9.37 6.95 36.65
C LEU C 646 10.69 7.41 37.27
N ARG C 647 11.80 7.22 36.56
CA ARG C 647 13.08 7.63 37.07
C ARG C 647 13.11 9.13 37.32
N ASP C 648 12.71 9.93 36.32
CA ASP C 648 12.70 11.37 36.48
C ASP C 648 11.79 11.78 37.64
N ALA C 649 10.62 11.15 37.73
CA ALA C 649 9.65 11.53 38.75
C ALA C 649 10.20 11.31 40.14
N TYR C 650 10.70 10.10 40.43
CA TYR C 650 11.15 9.85 41.80
C TYR C 650 12.43 10.62 42.09
N ARG C 651 13.32 10.75 41.10
CA ARG C 651 14.53 11.53 41.32
C ARG C 651 14.19 12.98 41.67
N GLU C 652 13.28 13.60 40.92
CA GLU C 652 12.90 14.98 41.20
C GLU C 652 12.20 15.08 42.55
N ALA C 653 11.30 14.14 42.85
CA ALA C 653 10.56 14.21 44.11
C ALA C 653 11.49 14.10 45.30
N GLN C 654 12.47 13.20 45.22
CA GLN C 654 13.39 13.01 46.34
C GLN C 654 14.43 14.12 46.43
N GLN C 655 14.86 14.67 45.28
CA GLN C 655 15.78 15.81 45.32
C GLN C 655 15.10 17.02 45.93
N LEU C 656 13.84 17.28 45.56
CA LEU C 656 13.10 18.37 46.18
C LEU C 656 12.88 18.13 47.66
N VAL C 657 12.56 16.89 48.03
CA VAL C 657 12.37 16.55 49.43
C VAL C 657 13.67 16.62 50.21
N GLN C 658 14.81 16.59 49.53
CA GLN C 658 16.10 16.66 50.19
C GLN C 658 16.26 17.98 50.93
N ARG D 32 -18.38 31.70 -35.08
CA ARG D 32 -19.24 32.67 -35.81
C ARG D 32 -19.43 33.95 -35.02
N GLU D 33 -20.19 33.87 -33.93
CA GLU D 33 -20.46 35.03 -33.10
C GLU D 33 -19.39 35.16 -32.02
N LEU D 34 -18.91 36.38 -31.82
CA LEU D 34 -17.87 36.63 -30.84
C LEU D 34 -18.48 36.76 -29.44
N LYS D 35 -17.73 36.30 -28.45
CA LYS D 35 -18.16 36.32 -27.06
C LYS D 35 -17.58 37.54 -26.36
N LEU D 36 -18.43 38.26 -25.65
CA LEU D 36 -18.03 39.41 -24.85
C LEU D 36 -18.45 39.19 -23.40
N LEU D 37 -17.77 39.86 -22.50
CA LEU D 37 -18.10 39.85 -21.08
C LEU D 37 -18.34 41.28 -20.61
N LEU D 38 -19.29 41.44 -19.70
CA LEU D 38 -19.52 42.70 -19.01
C LEU D 38 -19.21 42.45 -17.54
N LEU D 39 -18.06 42.95 -17.10
CA LEU D 39 -17.57 42.69 -15.75
C LEU D 39 -17.59 43.98 -14.94
N GLY D 40 -17.67 43.81 -13.64
CA GLY D 40 -17.70 44.94 -12.72
C GLY D 40 -18.30 44.51 -11.40
N THR D 41 -18.07 45.34 -10.39
CA THR D 41 -18.61 45.06 -9.06
C THR D 41 -20.14 45.20 -9.08
N GLY D 42 -20.77 44.62 -8.07
CA GLY D 42 -22.21 44.70 -7.98
C GLY D 42 -22.69 46.13 -7.90
N GLU D 43 -23.87 46.37 -8.48
CA GLU D 43 -24.53 47.67 -8.53
C GLU D 43 -23.89 48.57 -9.58
N SER D 44 -22.79 48.14 -10.21
CA SER D 44 -22.07 49.01 -11.13
C SER D 44 -22.93 49.47 -12.31
N GLY D 45 -23.79 48.61 -12.84
CA GLY D 45 -24.66 48.97 -13.94
C GLY D 45 -24.56 48.10 -15.18
N LYS D 46 -24.10 46.85 -15.07
CA LYS D 46 -23.96 46.01 -16.25
C LYS D 46 -25.31 45.69 -16.88
N SER D 47 -26.27 45.26 -16.07
CA SER D 47 -27.58 44.89 -16.60
C SER D 47 -28.26 46.07 -17.28
N THR D 48 -28.03 47.28 -16.78
CA THR D 48 -28.57 48.46 -17.43
C THR D 48 -28.00 48.61 -18.83
N PHE D 49 -26.69 48.38 -18.98
CA PHE D 49 -26.09 48.43 -20.31
C PHE D 49 -26.63 47.33 -21.20
N ILE D 50 -26.89 46.15 -20.64
CA ILE D 50 -27.51 45.08 -21.43
C ILE D 50 -28.87 45.53 -21.94
N LYS D 51 -29.67 46.14 -21.06
CA LYS D 51 -30.98 46.63 -21.47
C LYS D 51 -30.84 47.66 -22.59
N GLN D 52 -29.89 48.59 -22.43
CA GLN D 52 -29.71 49.61 -23.45
C GLN D 52 -29.32 49.00 -24.79
N MET D 53 -28.40 48.03 -24.76
CA MET D 53 -27.97 47.38 -26.00
C MET D 53 -29.14 46.66 -26.65
N ARG D 54 -29.97 45.97 -25.85
CA ARG D 54 -31.15 45.33 -26.40
C ARG D 54 -32.08 46.35 -27.03
N ILE D 55 -32.27 47.49 -26.36
CA ILE D 55 -33.21 48.49 -26.86
C ILE D 55 -32.73 49.07 -28.18
N ILE D 56 -31.44 49.36 -28.29
CA ILE D 56 -30.93 49.98 -29.52
C ILE D 56 -30.77 48.95 -30.62
N HIS D 57 -29.93 47.95 -30.42
CA HIS D 57 -29.61 46.94 -31.43
C HIS D 57 -30.36 45.64 -31.21
N GLY D 58 -31.54 45.71 -30.62
CA GLY D 58 -32.34 44.51 -30.41
C GLY D 58 -33.82 44.76 -30.56
N SER D 59 -34.61 44.19 -29.65
CA SER D 59 -36.07 44.33 -29.67
C SER D 59 -36.50 45.21 -28.51
N GLY D 60 -37.23 46.27 -28.82
CA GLY D 60 -37.75 47.13 -27.77
C GLY D 60 -38.73 46.39 -26.88
N TYR D 61 -38.85 46.86 -25.65
CA TYR D 61 -39.72 46.19 -24.68
C TYR D 61 -41.18 46.44 -25.03
N SER D 62 -42.01 45.42 -24.82
CA SER D 62 -43.41 45.46 -25.24
C SER D 62 -44.30 45.91 -24.08
N ASP D 63 -45.61 45.99 -24.36
CA ASP D 63 -46.56 46.41 -23.34
C ASP D 63 -46.59 45.43 -22.17
N GLU D 64 -46.54 44.13 -22.47
CA GLU D 64 -46.49 43.14 -21.40
C GLU D 64 -45.24 43.31 -20.56
N ASP D 65 -44.12 43.63 -21.20
CA ASP D 65 -42.89 43.89 -20.46
C ASP D 65 -43.08 45.00 -19.45
N LYS D 66 -43.67 46.12 -19.89
CA LYS D 66 -43.89 47.24 -18.97
C LYS D 66 -44.90 46.89 -17.89
N ARG D 67 -45.93 46.11 -18.24
CA ARG D 67 -46.88 45.68 -17.24
C ARG D 67 -46.20 44.86 -16.15
N GLY D 68 -45.30 43.96 -16.54
CA GLY D 68 -44.53 43.25 -15.54
C GLY D 68 -43.61 44.15 -14.74
N PHE D 69 -42.95 45.08 -15.43
CA PHE D 69 -42.02 45.99 -14.76
C PHE D 69 -42.73 46.94 -13.79
N THR D 70 -44.04 47.11 -13.91
CA THR D 70 -44.75 47.93 -12.95
C THR D 70 -44.60 47.37 -11.55
N LYS D 71 -44.79 46.05 -11.40
CA LYS D 71 -44.62 45.42 -10.10
C LYS D 71 -43.17 45.54 -9.63
N LEU D 72 -42.21 45.41 -10.54
CA LEU D 72 -40.80 45.56 -10.18
C LEU D 72 -40.54 46.94 -9.62
N VAL D 73 -41.06 47.98 -10.27
CA VAL D 73 -40.92 49.33 -9.76
C VAL D 73 -41.58 49.45 -8.40
N TYR D 74 -42.72 48.79 -8.22
CA TYR D 74 -43.43 48.88 -6.95
C TYR D 74 -42.59 48.29 -5.81
N GLN D 75 -42.03 47.09 -6.00
CA GLN D 75 -41.20 46.54 -4.94
C GLN D 75 -39.90 47.30 -4.78
N ASN D 76 -39.37 47.92 -5.84
CA ASN D 76 -38.19 48.77 -5.67
C ASN D 76 -38.50 49.95 -4.76
N ILE D 77 -39.64 50.59 -4.99
CA ILE D 77 -40.03 51.72 -4.14
C ILE D 77 -40.25 51.25 -2.71
N PHE D 78 -40.92 50.12 -2.54
CA PHE D 78 -41.14 49.59 -1.19
C PHE D 78 -39.82 49.28 -0.50
N THR D 79 -38.89 48.67 -1.21
CA THR D 79 -37.59 48.35 -0.63
C THR D 79 -36.85 49.61 -0.24
N ALA D 80 -36.88 50.64 -1.09
CA ALA D 80 -36.23 51.90 -0.75
C ALA D 80 -36.85 52.50 0.50
N MET D 81 -38.18 52.51 0.59
CA MET D 81 -38.83 53.10 1.74
C MET D 81 -38.44 52.35 3.01
N GLN D 82 -38.48 51.02 2.96
CA GLN D 82 -38.13 50.23 4.14
C GLN D 82 -36.68 50.46 4.53
N ALA D 83 -35.79 50.48 3.54
CA ALA D 83 -34.37 50.68 3.83
C ALA D 83 -34.12 52.02 4.49
N MET D 84 -34.76 53.08 3.99
CA MET D 84 -34.50 54.40 4.57
C MET D 84 -35.15 54.53 5.95
N ILE D 85 -36.30 53.90 6.18
CA ILE D 85 -36.86 53.90 7.53
C ILE D 85 -35.92 53.16 8.49
N ARG D 86 -35.41 52.01 8.06
CA ARG D 86 -34.49 51.26 8.92
C ARG D 86 -33.23 52.08 9.20
N ALA D 87 -32.74 52.80 8.19
CA ALA D 87 -31.59 53.67 8.39
C ALA D 87 -31.91 54.77 9.40
N MET D 88 -33.09 55.36 9.30
CA MET D 88 -33.49 56.37 10.26
C MET D 88 -33.51 55.80 11.68
N ASP D 89 -34.04 54.59 11.82
CA ASP D 89 -34.11 53.97 13.15
C ASP D 89 -32.71 53.69 13.69
N THR D 90 -31.85 53.09 12.88
CA THR D 90 -30.50 52.77 13.34
C THR D 90 -29.73 54.04 13.70
N LEU D 91 -29.86 55.07 12.87
CA LEU D 91 -29.23 56.36 13.13
C LEU D 91 -30.01 57.18 14.15
N LYS D 92 -31.20 56.75 14.55
CA LYS D 92 -31.98 57.40 15.59
C LYS D 92 -32.25 58.87 15.25
N ILE D 93 -32.54 59.14 13.99
CA ILE D 93 -32.87 60.49 13.55
C ILE D 93 -34.34 60.76 13.87
N PRO D 94 -34.67 61.81 14.61
CA PRO D 94 -36.08 62.07 14.93
C PRO D 94 -36.87 62.47 13.70
N TYR D 95 -38.17 62.19 13.76
CA TYR D 95 -39.10 62.52 12.69
C TYR D 95 -39.79 63.85 12.97
N LYS D 96 -40.22 64.51 11.89
CA LYS D 96 -40.93 65.78 12.03
C LYS D 96 -42.43 65.58 12.17
N TYR D 97 -42.98 64.59 11.46
CA TYR D 97 -44.43 64.34 11.46
C TYR D 97 -44.75 63.19 12.40
N GLU D 98 -45.49 63.49 13.46
CA GLU D 98 -45.88 62.45 14.41
C GLU D 98 -46.83 61.44 13.78
N HIS D 99 -47.80 61.92 12.99
CA HIS D 99 -48.77 61.02 12.39
C HIS D 99 -48.10 60.02 11.45
N ASN D 100 -47.17 60.49 10.61
CA ASN D 100 -46.48 59.59 9.70
C ASN D 100 -45.76 58.47 10.44
N LYS D 101 -45.40 58.68 11.70
CA LYS D 101 -44.80 57.62 12.50
C LYS D 101 -45.67 56.36 12.44
N ALA D 102 -46.99 56.51 12.62
CA ALA D 102 -47.86 55.37 12.47
C ALA D 102 -47.67 54.72 11.10
N HIS D 103 -47.74 55.53 10.04
CA HIS D 103 -47.45 55.02 8.70
C HIS D 103 -46.09 54.34 8.67
N ALA D 104 -45.09 54.97 9.31
CA ALA D 104 -43.77 54.36 9.36
C ALA D 104 -43.85 52.94 9.92
N GLN D 105 -44.57 52.76 11.03
CA GLN D 105 -44.77 51.42 11.55
C GLN D 105 -45.41 50.52 10.51
N LEU D 106 -46.47 51.02 9.85
CA LEU D 106 -47.08 50.25 8.77
C LEU D 106 -46.05 49.90 7.70
N VAL D 107 -45.14 50.84 7.41
CA VAL D 107 -44.10 50.58 6.43
C VAL D 107 -43.25 49.40 6.88
N ARG D 108 -42.90 49.36 8.17
CA ARG D 108 -42.15 48.22 8.68
C ARG D 108 -42.90 46.92 8.50
N GLU D 109 -44.24 46.98 8.51
CA GLU D 109 -45.05 45.77 8.39
C GLU D 109 -45.17 45.28 6.96
N VAL D 110 -44.90 46.12 5.97
CA VAL D 110 -45.06 45.71 4.58
C VAL D 110 -43.96 44.72 4.22
N ASP D 111 -44.35 43.62 3.59
CA ASP D 111 -43.43 42.57 3.17
C ASP D 111 -43.62 42.33 1.68
N VAL D 112 -42.51 42.37 0.93
CA VAL D 112 -42.57 42.26 -0.52
C VAL D 112 -42.55 40.83 -1.02
N GLU D 113 -42.53 39.84 -0.13
CA GLU D 113 -42.61 38.45 -0.56
C GLU D 113 -44.00 38.13 -1.07
N LYS D 114 -45.03 38.49 -0.31
CA LYS D 114 -46.41 38.40 -0.78
C LYS D 114 -46.84 39.77 -1.31
N VAL D 115 -46.18 40.18 -2.38
CA VAL D 115 -46.35 41.53 -2.91
C VAL D 115 -47.48 41.56 -3.93
N SER D 116 -48.04 42.75 -4.12
CA SER D 116 -49.07 42.99 -5.12
C SER D 116 -48.90 44.43 -5.61
N ALA D 117 -49.92 44.93 -6.29
CA ALA D 117 -49.89 46.31 -6.76
C ALA D 117 -50.02 47.28 -5.59
N PHE D 118 -49.56 48.51 -5.81
CA PHE D 118 -49.64 49.53 -4.76
C PHE D 118 -51.10 49.82 -4.42
N GLU D 119 -51.35 50.04 -3.14
CA GLU D 119 -52.69 50.29 -2.63
C GLU D 119 -52.81 51.73 -2.15
N ASN D 120 -54.05 52.20 -2.09
CA ASN D 120 -54.33 53.56 -1.65
C ASN D 120 -53.75 53.90 -0.29
N PRO D 121 -53.89 53.06 0.74
CA PRO D 121 -53.36 53.44 2.07
C PRO D 121 -51.86 53.62 2.09
N TYR D 122 -51.14 53.10 1.11
CA TYR D 122 -49.68 53.19 1.09
C TYR D 122 -49.17 54.41 0.34
N VAL D 123 -49.87 54.85 -0.70
CA VAL D 123 -49.37 55.96 -1.51
C VAL D 123 -49.30 57.23 -0.67
N ASP D 124 -50.35 57.51 0.10
CA ASP D 124 -50.34 58.72 0.92
C ASP D 124 -49.25 58.66 1.98
N ALA D 125 -49.06 57.50 2.60
CA ALA D 125 -48.01 57.37 3.60
C ALA D 125 -46.64 57.58 2.98
N ILE D 126 -46.40 57.00 1.80
CA ILE D 126 -45.11 57.17 1.13
C ILE D 126 -44.90 58.64 0.78
N LYS D 127 -45.94 59.31 0.28
CA LYS D 127 -45.80 60.73 -0.07
C LYS D 127 -45.49 61.56 1.17
N SER D 128 -46.19 61.31 2.28
CA SER D 128 -45.92 62.05 3.50
C SER D 128 -44.51 61.81 3.99
N LEU D 129 -44.05 60.55 3.95
CA LEU D 129 -42.69 60.24 4.40
C LEU D 129 -41.67 60.97 3.53
N TRP D 130 -41.80 60.85 2.21
CA TRP D 130 -40.84 61.49 1.31
C TRP D 130 -40.84 63.00 1.50
N ASN D 131 -42.01 63.60 1.69
CA ASN D 131 -42.09 65.02 1.96
C ASN D 131 -41.57 65.40 3.35
N ASP D 132 -41.31 64.42 4.20
CA ASP D 132 -40.83 64.71 5.55
C ASP D 132 -39.38 65.20 5.49
N PRO D 133 -39.08 66.40 5.98
CA PRO D 133 -37.69 66.89 5.90
C PRO D 133 -36.69 66.01 6.63
N GLY D 134 -37.09 65.38 7.73
CA GLY D 134 -36.13 64.56 8.48
C GLY D 134 -35.63 63.38 7.68
N ILE D 135 -36.55 62.64 7.05
CA ILE D 135 -36.12 61.52 6.23
C ILE D 135 -35.42 62.01 4.97
N GLN D 136 -35.77 63.20 4.50
CA GLN D 136 -35.03 63.78 3.38
C GLN D 136 -33.57 64.00 3.75
N GLU D 137 -33.32 64.54 4.94
CA GLU D 137 -31.95 64.71 5.41
C GLU D 137 -31.27 63.35 5.59
N CYS D 138 -32.00 62.37 6.12
CA CYS D 138 -31.45 61.03 6.24
C CYS D 138 -30.99 60.50 4.90
N TYR D 139 -31.83 60.65 3.87
CA TYR D 139 -31.47 60.20 2.54
C TYR D 139 -30.29 60.98 1.98
N ASP D 140 -30.25 62.30 2.21
CA ASP D 140 -29.08 63.07 1.82
C ASP D 140 -27.83 62.53 2.50
N ARG D 141 -27.98 61.95 3.69
CA ARG D 141 -26.91 61.22 4.36
C ARG D 141 -26.88 59.75 3.97
N ARG D 142 -27.30 59.42 2.75
CA ARG D 142 -27.44 58.03 2.34
C ARG D 142 -26.12 57.27 2.33
N ARG D 143 -24.99 57.99 2.38
CA ARG D 143 -23.70 57.32 2.31
C ARG D 143 -23.51 56.30 3.42
N GLU D 144 -24.25 56.45 4.52
CA GLU D 144 -24.08 55.56 5.67
C GLU D 144 -24.80 54.22 5.52
N TYR D 145 -25.56 54.02 4.45
CA TYR D 145 -26.29 52.77 4.28
C TYR D 145 -26.54 52.53 2.81
N GLN D 146 -26.85 51.28 2.47
CA GLN D 146 -27.13 50.91 1.09
C GLN D 146 -28.45 51.54 0.63
N LEU D 147 -28.50 51.91 -0.65
CA LEU D 147 -29.70 52.50 -1.22
C LEU D 147 -29.58 52.48 -2.74
N SER D 148 -30.71 52.27 -3.40
CA SER D 148 -30.75 52.28 -4.85
C SER D 148 -30.61 53.71 -5.35
N ASP D 149 -29.83 53.87 -6.43
CA ASP D 149 -29.64 55.20 -7.00
C ASP D 149 -30.89 55.72 -7.71
N SER D 150 -31.89 54.87 -7.92
CA SER D 150 -33.13 55.28 -8.57
C SER D 150 -34.16 55.84 -7.60
N THR D 151 -33.81 55.95 -6.32
CA THR D 151 -34.78 56.41 -5.33
C THR D 151 -35.29 57.81 -5.66
N LYS D 152 -34.39 58.73 -5.99
CA LYS D 152 -34.79 60.10 -6.27
C LYS D 152 -35.72 60.17 -7.48
N TYR D 153 -35.42 59.40 -8.52
CA TYR D 153 -36.23 59.41 -9.72
C TYR D 153 -37.66 58.97 -9.42
N TYR D 154 -37.81 57.85 -8.71
CA TYR D 154 -39.14 57.39 -8.36
C TYR D 154 -39.86 58.34 -7.41
N LEU D 155 -39.14 58.92 -6.45
CA LEU D 155 -39.75 59.89 -5.56
C LEU D 155 -40.30 61.08 -6.33
N ASN D 156 -39.52 61.57 -7.31
CA ASN D 156 -40.02 62.64 -8.17
C ASN D 156 -41.23 62.19 -8.97
N ASP D 157 -41.20 60.96 -9.47
CA ASP D 157 -42.35 60.45 -10.22
C ASP D 157 -43.61 60.44 -9.36
N LEU D 158 -43.50 59.90 -8.14
CA LEU D 158 -44.58 59.97 -7.17
C LEU D 158 -45.89 59.41 -7.73
N ASP D 159 -46.91 60.28 -7.85
CA ASP D 159 -48.26 59.80 -8.15
C ASP D 159 -48.31 59.05 -9.48
N ARG D 160 -47.64 59.57 -10.51
CA ARG D 160 -47.70 58.95 -11.82
C ARG D 160 -47.30 57.48 -11.75
N VAL D 161 -46.16 57.19 -11.11
CA VAL D 161 -45.75 55.80 -10.95
C VAL D 161 -46.74 55.06 -10.06
N ALA D 162 -47.16 55.67 -8.95
CA ALA D 162 -48.10 55.04 -8.04
C ALA D 162 -49.54 55.10 -8.55
N ASP D 163 -49.81 55.85 -9.60
CA ASP D 163 -51.15 55.92 -10.14
C ASP D 163 -51.56 54.54 -10.66
N PRO D 164 -52.83 54.14 -10.49
CA PRO D 164 -53.24 52.82 -11.01
C PRO D 164 -52.99 52.67 -12.50
N ALA D 165 -53.17 53.74 -13.28
CA ALA D 165 -52.90 53.70 -14.72
C ALA D 165 -51.40 53.88 -14.94
N TYR D 166 -50.66 52.83 -14.58
CA TYR D 166 -49.21 52.83 -14.66
C TYR D 166 -48.77 52.35 -16.04
N LEU D 167 -48.14 53.24 -16.80
CA LEU D 167 -47.61 52.94 -18.13
C LEU D 167 -46.16 53.39 -18.16
N PRO D 168 -45.26 52.67 -17.49
CA PRO D 168 -43.87 53.13 -17.39
C PRO D 168 -43.23 53.30 -18.75
N THR D 169 -42.44 54.35 -18.90
CA THR D 169 -41.71 54.62 -20.13
C THR D 169 -40.39 53.84 -20.13
N GLN D 170 -39.64 53.97 -21.21
CA GLN D 170 -38.35 53.29 -21.30
C GLN D 170 -37.45 53.69 -20.15
N GLN D 171 -37.50 54.96 -19.74
CA GLN D 171 -36.66 55.40 -18.63
C GLN D 171 -37.01 54.64 -17.36
N ASP D 172 -38.31 54.48 -17.07
CA ASP D 172 -38.71 53.77 -15.86
C ASP D 172 -38.21 52.34 -15.87
N VAL D 173 -38.34 51.66 -17.02
CA VAL D 173 -37.85 50.29 -17.12
C VAL D 173 -36.35 50.23 -16.93
N LEU D 174 -35.62 51.17 -17.55
CA LEU D 174 -34.17 51.17 -17.40
C LEU D 174 -33.77 51.44 -15.96
N ARG D 175 -34.49 52.32 -15.27
CA ARG D 175 -34.13 52.73 -13.91
C ARG D 175 -34.73 51.83 -12.85
N VAL D 176 -35.00 50.56 -13.16
CA VAL D 176 -35.47 49.57 -12.21
C VAL D 176 -34.30 48.66 -11.86
N ARG D 177 -34.15 48.33 -10.58
CA ARG D 177 -33.05 47.53 -10.09
C ARG D 177 -33.54 46.12 -9.79
N VAL D 178 -32.89 45.13 -10.39
CA VAL D 178 -33.19 43.73 -10.14
C VAL D 178 -31.85 42.99 -10.04
N PRO D 179 -31.41 42.58 -8.84
CA PRO D 179 -30.11 41.93 -8.72
C PRO D 179 -29.99 40.70 -9.60
N THR D 180 -29.07 40.75 -10.57
CA THR D 180 -28.79 39.59 -11.39
C THR D 180 -27.92 38.60 -10.63
N THR D 181 -27.95 37.34 -11.06
CA THR D 181 -27.13 36.31 -10.47
C THR D 181 -26.98 35.18 -11.49
N GLY D 182 -25.79 34.59 -11.53
CA GLY D 182 -25.50 33.56 -12.49
C GLY D 182 -25.17 34.13 -13.87
N ILE D 183 -24.54 33.31 -14.68
CA ILE D 183 -24.12 33.73 -16.02
C ILE D 183 -25.34 33.74 -16.93
N ILE D 184 -25.55 34.84 -17.62
CA ILE D 184 -26.68 35.01 -18.54
C ILE D 184 -26.09 35.46 -19.87
N GLU D 185 -25.98 34.53 -20.82
CA GLU D 185 -25.56 34.89 -22.16
C GLU D 185 -26.72 35.57 -22.90
N TYR D 186 -26.43 36.71 -23.50
CA TYR D 186 -27.40 37.48 -24.27
C TYR D 186 -26.93 37.50 -25.71
N PRO D 187 -27.43 36.59 -26.54
CA PRO D 187 -27.09 36.63 -27.96
C PRO D 187 -27.58 37.93 -28.59
N PHE D 188 -26.79 38.44 -29.53
CA PHE D 188 -27.14 39.65 -30.25
C PHE D 188 -26.16 39.80 -31.41
N ASP D 189 -26.48 40.72 -32.32
CA ASP D 189 -25.65 40.94 -33.48
C ASP D 189 -25.68 42.42 -33.85
N LEU D 190 -24.59 42.88 -34.47
CA LEU D 190 -24.51 44.24 -34.98
C LEU D 190 -25.21 44.28 -36.34
N GLN D 191 -25.02 45.39 -37.06
CA GLN D 191 -25.62 45.52 -38.38
C GLN D 191 -25.04 44.51 -39.36
N SER D 192 -23.81 44.06 -39.16
CA SER D 192 -23.16 43.13 -40.06
C SER D 192 -22.42 41.99 -39.37
N VAL D 193 -22.22 42.05 -38.05
CA VAL D 193 -21.49 41.02 -37.32
C VAL D 193 -22.32 40.61 -36.11
N ILE D 194 -22.02 39.41 -35.61
CA ILE D 194 -22.71 38.84 -34.46
C ILE D 194 -21.78 38.90 -33.27
N PHE D 195 -22.21 39.59 -32.21
CA PHE D 195 -21.45 39.71 -30.98
C PHE D 195 -22.35 39.33 -29.81
N ARG D 196 -22.10 38.16 -29.22
CA ARG D 196 -22.88 37.70 -28.09
C ARG D 196 -22.30 38.27 -26.81
N MET D 197 -23.17 38.79 -25.95
CA MET D 197 -22.75 39.38 -24.69
C MET D 197 -22.95 38.38 -23.56
N VAL D 198 -22.33 38.64 -22.42
CA VAL D 198 -22.50 37.83 -21.22
C VAL D 198 -22.65 38.76 -20.03
N ASP D 199 -23.80 38.70 -19.38
CA ASP D 199 -24.02 39.45 -18.16
C ASP D 199 -23.81 38.54 -16.96
N VAL D 200 -23.10 39.06 -15.96
CA VAL D 200 -22.75 38.30 -14.77
C VAL D 200 -23.03 39.16 -13.54
N GLY D 201 -23.22 38.49 -12.41
CA GLY D 201 -23.43 39.20 -11.17
C GLY D 201 -22.16 39.85 -10.67
N GLY D 202 -22.33 40.88 -9.84
CA GLY D 202 -21.20 41.64 -9.35
C GLY D 202 -20.95 41.46 -7.88
N GLN D 203 -21.84 40.77 -7.18
CA GLN D 203 -21.65 40.51 -5.76
C GLN D 203 -20.44 39.60 -5.55
N ARG D 204 -19.72 39.83 -4.45
CA ARG D 204 -18.49 39.08 -4.20
C ARG D 204 -18.75 37.58 -4.18
N SER D 205 -19.84 37.17 -3.53
CA SER D 205 -20.14 35.74 -3.44
C SER D 205 -20.35 35.13 -4.82
N GLU D 206 -20.81 35.93 -5.78
CA GLU D 206 -21.17 35.41 -7.10
C GLU D 206 -20.02 35.46 -8.09
N ARG D 207 -19.02 36.32 -7.87
CA ARG D 207 -17.94 36.45 -8.84
C ARG D 207 -17.22 35.13 -9.08
N ARG D 208 -17.15 34.29 -8.07
CA ARG D 208 -16.50 32.98 -8.22
C ARG D 208 -17.07 32.18 -9.38
N LYS D 209 -18.30 32.49 -9.80
CA LYS D 209 -18.94 31.73 -10.86
C LYS D 209 -18.44 32.11 -12.25
N TRP D 210 -17.57 33.11 -12.37
CA TRP D 210 -17.10 33.56 -13.67
C TRP D 210 -16.13 32.59 -14.32
N ILE D 211 -15.57 31.65 -13.57
CA ILE D 211 -14.54 30.76 -14.10
C ILE D 211 -14.95 30.20 -15.46
N HIS D 212 -16.24 29.89 -15.62
CA HIS D 212 -16.68 29.14 -16.78
C HIS D 212 -16.98 30.00 -17.99
N CYS D 213 -17.04 31.32 -17.84
CA CYS D 213 -17.35 32.21 -18.96
C CYS D 213 -16.12 32.80 -19.62
N PHE D 214 -14.92 32.42 -19.19
CA PHE D 214 -13.68 32.96 -19.74
C PHE D 214 -13.13 32.13 -20.90
N GLU D 215 -13.90 31.16 -21.39
CA GLU D 215 -13.33 30.15 -22.29
C GLU D 215 -12.70 30.78 -23.52
N ASN D 216 -13.46 31.59 -24.25
CA ASN D 216 -13.01 32.13 -25.54
C ASN D 216 -13.35 33.61 -25.64
N VAL D 217 -13.03 34.36 -24.60
CA VAL D 217 -13.35 35.79 -24.58
C VAL D 217 -12.60 36.49 -25.71
N THR D 218 -13.33 37.31 -26.46
CA THR D 218 -12.73 38.09 -27.54
C THR D 218 -12.43 39.52 -27.12
N SER D 219 -13.21 40.06 -26.19
CA SER D 219 -12.95 41.39 -25.66
C SER D 219 -13.78 41.56 -24.40
N ILE D 220 -13.25 42.32 -23.45
CA ILE D 220 -13.85 42.50 -22.14
C ILE D 220 -14.31 43.94 -22.00
N MET D 221 -15.55 44.12 -21.56
CA MET D 221 -16.07 45.42 -21.18
C MET D 221 -16.19 45.46 -19.66
N PHE D 222 -15.55 46.45 -19.05
CA PHE D 222 -15.51 46.57 -17.59
C PHE D 222 -16.28 47.81 -17.16
N LEU D 223 -17.17 47.64 -16.20
CA LEU D 223 -18.02 48.73 -15.71
C LEU D 223 -17.61 49.09 -14.30
N VAL D 224 -17.42 50.38 -14.05
CA VAL D 224 -17.10 50.90 -12.73
C VAL D 224 -18.00 52.10 -12.47
N ALA D 225 -18.64 52.12 -11.31
CA ALA D 225 -19.50 53.24 -10.94
C ALA D 225 -18.65 54.42 -10.52
N LEU D 226 -18.76 55.53 -11.25
CA LEU D 226 -17.98 56.71 -10.92
C LEU D 226 -18.35 57.26 -9.55
N SER D 227 -19.57 57.00 -9.10
CA SER D 227 -20.02 57.48 -7.79
C SER D 227 -19.80 56.47 -6.67
N GLU D 228 -19.20 55.32 -6.96
CA GLU D 228 -18.93 54.34 -5.93
C GLU D 228 -17.83 54.78 -4.98
N TYR D 229 -17.12 55.87 -5.28
CA TYR D 229 -16.03 56.32 -4.43
C TYR D 229 -16.50 56.69 -3.03
N ASP D 230 -17.78 56.99 -2.86
CA ASP D 230 -18.31 57.43 -1.58
C ASP D 230 -18.97 56.31 -0.78
N GLN D 231 -19.56 55.32 -1.46
CA GLN D 231 -20.31 54.27 -0.80
C GLN D 231 -19.45 53.02 -0.64
N VAL D 232 -19.59 52.36 0.51
CA VAL D 232 -18.89 51.11 0.77
C VAL D 232 -19.64 49.97 0.10
N LEU D 233 -19.02 48.78 0.06
CA LEU D 233 -19.68 47.63 -0.54
C LEU D 233 -20.96 47.30 0.22
N VAL D 234 -21.77 46.44 -0.38
CA VAL D 234 -22.94 45.90 0.29
C VAL D 234 -22.56 44.71 1.16
N GLU D 235 -21.78 43.79 0.60
CA GLU D 235 -21.32 42.63 1.36
C GLU D 235 -20.41 43.01 2.51
N SER D 236 -19.71 44.14 2.40
CA SER D 236 -18.83 44.61 3.47
C SER D 236 -19.10 46.09 3.72
N ASP D 237 -19.20 46.44 4.99
CA ASP D 237 -19.51 47.81 5.40
C ASP D 237 -18.26 48.61 5.78
N ASN D 238 -17.08 48.06 5.54
CA ASN D 238 -15.83 48.73 5.89
C ASN D 238 -14.92 49.01 4.70
N GLU D 239 -15.07 48.27 3.60
CA GLU D 239 -14.22 48.44 2.43
C GLU D 239 -14.91 49.36 1.42
N ASN D 240 -14.20 50.38 0.96
CA ASN D 240 -14.75 51.28 -0.04
C ASN D 240 -15.01 50.54 -1.35
N ARG D 241 -16.10 50.89 -2.02
CA ARG D 241 -16.45 50.22 -3.27
C ARG D 241 -15.38 50.43 -4.33
N MET D 242 -14.84 51.64 -4.42
CA MET D 242 -13.86 51.94 -5.46
C MET D 242 -12.61 51.08 -5.28
N GLU D 243 -12.17 50.87 -4.04
CA GLU D 243 -11.00 50.02 -3.82
C GLU D 243 -11.25 48.61 -4.32
N GLU D 244 -12.43 48.05 -4.03
CA GLU D 244 -12.77 46.72 -4.52
C GLU D 244 -12.80 46.69 -6.04
N SER D 245 -13.36 47.73 -6.65
CA SER D 245 -13.41 47.79 -8.11
C SER D 245 -12.01 47.82 -8.71
N LYS D 246 -11.13 48.62 -8.12
CA LYS D 246 -9.75 48.68 -8.62
C LYS D 246 -9.05 47.34 -8.46
N ALA D 247 -9.26 46.68 -7.32
CA ALA D 247 -8.65 45.37 -7.11
C ALA D 247 -9.16 44.37 -8.14
N LEU D 248 -10.46 44.38 -8.42
CA LEU D 248 -11.01 43.46 -9.39
C LEU D 248 -10.48 43.74 -10.79
N PHE D 249 -10.36 45.03 -11.14
CA PHE D 249 -9.80 45.38 -12.44
C PHE D 249 -8.37 44.88 -12.56
N ARG D 250 -7.57 45.06 -11.51
CA ARG D 250 -6.20 44.54 -11.53
C ARG D 250 -6.21 43.03 -11.68
N THR D 251 -7.10 42.35 -10.96
CA THR D 251 -7.17 40.89 -11.04
C THR D 251 -7.52 40.44 -12.45
N ILE D 252 -8.44 41.14 -13.11
CA ILE D 252 -8.87 40.75 -14.45
C ILE D 252 -7.76 41.00 -15.45
N ILE D 253 -7.09 42.15 -15.35
CA ILE D 253 -5.98 42.44 -16.27
C ILE D 253 -4.85 41.45 -16.05
N THR D 254 -4.61 41.06 -14.80
CA THR D 254 -3.54 40.11 -14.50
C THR D 254 -3.79 38.73 -15.10
N TYR D 255 -5.01 38.44 -15.55
CA TYR D 255 -5.30 37.12 -16.09
C TYR D 255 -4.36 36.82 -17.25
N PRO D 256 -3.63 35.71 -17.22
CA PRO D 256 -2.66 35.45 -18.30
C PRO D 256 -3.30 35.18 -19.64
N TRP D 257 -4.46 34.53 -19.66
CA TRP D 257 -5.07 34.08 -20.89
C TRP D 257 -5.93 35.13 -21.57
N PHE D 258 -6.05 36.33 -20.99
CA PHE D 258 -6.71 37.44 -21.63
C PHE D 258 -5.73 38.31 -22.42
N GLN D 259 -4.46 37.91 -22.50
CA GLN D 259 -3.47 38.75 -23.17
C GLN D 259 -3.84 39.03 -24.61
N ASN D 260 -4.64 38.17 -25.22
CA ASN D 260 -5.03 38.30 -26.62
C ASN D 260 -6.42 38.91 -26.78
N SER D 261 -7.02 39.39 -25.69
CA SER D 261 -8.35 39.99 -25.71
C SER D 261 -8.27 41.44 -25.29
N SER D 262 -8.98 42.30 -26.01
CA SER D 262 -9.02 43.72 -25.68
C SER D 262 -9.90 43.95 -24.46
N VAL D 263 -9.62 45.06 -23.77
CA VAL D 263 -10.37 45.46 -22.59
C VAL D 263 -10.85 46.89 -22.78
N ILE D 264 -12.11 47.14 -22.44
CA ILE D 264 -12.72 48.46 -22.52
C ILE D 264 -13.29 48.80 -21.16
N LEU D 265 -12.94 49.97 -20.64
CA LEU D 265 -13.29 50.38 -19.29
C LEU D 265 -14.38 51.46 -19.38
N PHE D 266 -15.63 51.05 -19.23
CA PHE D 266 -16.75 51.98 -19.27
C PHE D 266 -16.88 52.66 -17.91
N LEU D 267 -16.70 53.98 -17.89
CA LEU D 267 -16.85 54.76 -16.66
C LEU D 267 -18.30 55.21 -16.58
N ASN D 268 -19.11 54.42 -15.91
CA ASN D 268 -20.55 54.63 -15.84
C ASN D 268 -20.91 55.53 -14.66
N LYS D 269 -22.15 56.02 -14.67
CA LYS D 269 -22.71 56.81 -13.58
C LYS D 269 -21.97 58.15 -13.42
N LYS D 270 -21.58 58.75 -14.55
CA LYS D 270 -20.99 60.08 -14.48
C LYS D 270 -21.98 61.12 -13.97
N ASP D 271 -23.27 60.96 -14.32
CA ASP D 271 -24.28 61.88 -13.83
C ASP D 271 -24.48 61.80 -12.32
N LEU D 272 -24.19 60.64 -11.71
CA LEU D 272 -24.18 60.57 -10.26
C LEU D 272 -22.95 61.25 -9.67
N LEU D 273 -21.79 61.04 -10.27
CA LEU D 273 -20.56 61.62 -9.74
C LEU D 273 -20.55 63.13 -9.82
N GLU D 274 -21.09 63.70 -10.91
CA GLU D 274 -21.07 65.15 -11.06
C GLU D 274 -21.80 65.85 -9.91
N GLU D 275 -22.71 65.15 -9.23
CA GLU D 275 -23.39 65.67 -8.05
C GLU D 275 -22.74 65.21 -6.75
N LYS D 276 -22.25 63.97 -6.70
CA LYS D 276 -21.60 63.48 -5.49
C LYS D 276 -20.36 64.30 -5.17
N ILE D 277 -19.55 64.61 -6.18
CA ILE D 277 -18.37 65.43 -5.97
C ILE D 277 -18.76 66.81 -5.49
N MET D 278 -19.80 67.40 -6.10
CA MET D 278 -20.28 68.70 -5.65
C MET D 278 -20.74 68.65 -4.20
N TYR D 279 -21.26 67.50 -3.75
CA TYR D 279 -21.71 67.35 -2.39
C TYR D 279 -20.70 66.63 -1.49
N SER D 280 -19.72 65.94 -2.06
CA SER D 280 -18.74 65.20 -1.27
C SER D 280 -17.34 65.48 -1.82
N HIS D 281 -16.37 65.54 -0.91
CA HIS D 281 -15.00 65.82 -1.26
C HIS D 281 -14.25 64.52 -1.52
N LEU D 282 -13.67 64.39 -2.72
CA LEU D 282 -12.97 63.17 -3.09
C LEU D 282 -11.73 62.95 -2.23
N VAL D 283 -11.23 63.99 -1.57
CA VAL D 283 -10.03 63.84 -0.75
C VAL D 283 -10.28 62.85 0.38
N ASP D 284 -11.44 62.92 1.03
CA ASP D 284 -11.71 62.04 2.15
C ASP D 284 -11.65 60.57 1.74
N TYR D 285 -12.24 60.23 0.60
CA TYR D 285 -12.20 58.85 0.14
C TYR D 285 -10.80 58.45 -0.27
N PHE D 286 -10.23 59.13 -1.27
CA PHE D 286 -8.85 58.91 -1.71
C PHE D 286 -8.08 60.22 -1.56
N PRO D 287 -7.30 60.39 -0.49
CA PRO D 287 -6.57 61.65 -0.34
C PRO D 287 -5.58 61.94 -1.46
N GLU D 288 -5.12 60.90 -2.17
CA GLU D 288 -4.14 61.11 -3.23
C GLU D 288 -4.65 62.04 -4.32
N TYR D 289 -5.97 62.19 -4.45
CA TYR D 289 -6.56 63.08 -5.45
C TYR D 289 -6.48 64.51 -4.92
N ASP D 290 -5.31 65.12 -5.09
CA ASP D 290 -5.05 66.47 -4.61
C ASP D 290 -5.50 67.54 -5.58
N GLY D 291 -6.37 67.22 -6.53
CA GLY D 291 -6.85 68.18 -7.49
C GLY D 291 -7.84 69.15 -6.88
N PRO D 292 -8.22 70.18 -7.63
CA PRO D 292 -9.18 71.15 -7.12
C PRO D 292 -10.55 70.53 -6.89
N GLN D 293 -11.25 71.05 -5.90
CA GLN D 293 -12.56 70.51 -5.53
C GLN D 293 -13.65 71.06 -6.44
N ARG D 294 -14.72 70.28 -6.58
CA ARG D 294 -15.92 70.64 -7.34
C ARG D 294 -15.71 70.54 -8.85
N ASP D 295 -14.56 70.03 -9.30
CA ASP D 295 -14.28 69.89 -10.73
C ASP D 295 -14.64 68.48 -11.15
N ALA D 296 -15.82 68.33 -11.75
CA ALA D 296 -16.26 67.02 -12.18
C ALA D 296 -15.31 66.42 -13.21
N GLN D 297 -14.87 67.23 -14.18
CA GLN D 297 -13.92 66.75 -15.18
C GLN D 297 -12.61 66.34 -14.53
N ALA D 298 -12.13 67.13 -13.56
CA ALA D 298 -10.89 66.79 -12.89
C ALA D 298 -11.01 65.48 -12.13
N ALA D 299 -12.12 65.29 -11.41
CA ALA D 299 -12.31 64.05 -10.67
C ALA D 299 -12.40 62.86 -11.62
N ARG D 300 -13.12 63.03 -12.73
CA ARG D 300 -13.25 61.95 -13.70
C ARG D 300 -11.89 61.58 -14.29
N GLU D 301 -11.09 62.58 -14.63
CA GLU D 301 -9.75 62.32 -15.16
C GLU D 301 -8.89 61.62 -14.13
N PHE D 302 -8.98 62.05 -12.86
CA PHE D 302 -8.20 61.42 -11.81
C PHE D 302 -8.60 59.95 -11.67
N ILE D 303 -9.89 59.66 -11.68
CA ILE D 303 -10.34 58.27 -11.57
C ILE D 303 -9.85 57.45 -12.75
N LEU D 304 -9.96 58.01 -13.96
CA LEU D 304 -9.51 57.29 -15.15
C LEU D 304 -8.02 56.97 -15.07
N LYS D 305 -7.21 57.96 -14.66
CA LYS D 305 -5.78 57.73 -14.52
C LYS D 305 -5.50 56.67 -13.45
N MET D 306 -6.20 56.76 -12.32
CA MET D 306 -5.97 55.79 -11.25
C MET D 306 -6.28 54.39 -11.72
N PHE D 307 -7.35 54.23 -12.50
CA PHE D 307 -7.71 52.89 -12.95
C PHE D 307 -6.76 52.38 -14.03
N VAL D 308 -6.37 53.25 -14.97
CA VAL D 308 -5.47 52.80 -16.03
C VAL D 308 -4.09 52.48 -15.47
N ASP D 309 -3.70 53.13 -14.37
CA ASP D 309 -2.40 52.84 -13.78
C ASP D 309 -2.28 51.41 -13.29
N LEU D 310 -3.40 50.76 -12.96
CA LEU D 310 -3.33 49.42 -12.38
C LEU D 310 -2.80 48.38 -13.35
N ASN D 311 -2.74 48.68 -14.65
CA ASN D 311 -2.24 47.70 -15.59
C ASN D 311 -0.78 47.37 -15.29
N PRO D 312 -0.36 46.12 -15.43
CA PRO D 312 1.02 45.75 -15.05
C PRO D 312 2.05 46.13 -16.10
N ASP D 313 1.67 46.05 -17.38
CA ASP D 313 2.61 46.25 -18.48
C ASP D 313 2.05 47.30 -19.43
N SER D 314 2.84 48.34 -19.68
CA SER D 314 2.35 49.46 -20.49
C SER D 314 2.10 49.07 -21.94
N ASP D 315 2.75 48.01 -22.43
CA ASP D 315 2.51 47.59 -23.81
C ASP D 315 1.02 47.32 -24.05
N LYS D 316 0.31 46.85 -23.04
CA LYS D 316 -1.13 46.66 -23.15
C LYS D 316 -1.82 48.01 -23.29
N ILE D 317 -2.96 48.00 -23.98
CA ILE D 317 -3.76 49.20 -24.22
C ILE D 317 -5.11 49.03 -23.55
N ILE D 318 -5.55 50.08 -22.86
CA ILE D 318 -6.84 50.09 -22.17
C ILE D 318 -7.66 51.25 -22.73
N TYR D 319 -8.86 50.95 -23.20
CA TYR D 319 -9.75 51.96 -23.75
C TYR D 319 -10.83 52.30 -22.73
N SER D 320 -11.02 53.60 -22.50
CA SER D 320 -11.96 54.08 -21.50
C SER D 320 -12.94 55.04 -22.14
N HIS D 321 -14.17 55.02 -21.64
CA HIS D 321 -15.23 55.88 -22.16
C HIS D 321 -16.15 56.28 -21.02
N PHE D 322 -16.23 57.58 -20.75
CA PHE D 322 -17.22 58.07 -19.81
C PHE D 322 -18.61 57.89 -20.40
N THR D 323 -19.57 57.49 -19.57
CA THR D 323 -20.88 57.11 -20.06
C THR D 323 -21.89 57.19 -18.92
N CYS D 324 -23.15 56.93 -19.28
CA CYS D 324 -24.23 56.87 -18.30
C CYS D 324 -25.30 55.95 -18.88
N ALA D 325 -25.40 54.74 -18.33
CA ALA D 325 -26.31 53.74 -18.90
C ALA D 325 -27.74 54.23 -18.96
N THR D 326 -28.14 55.12 -18.06
CA THR D 326 -29.52 55.60 -18.03
C THR D 326 -29.86 56.51 -19.20
N ASP D 327 -28.87 56.94 -19.99
CA ASP D 327 -29.10 57.80 -21.14
C ASP D 327 -28.83 57.02 -22.40
N THR D 328 -29.83 56.93 -23.28
CA THR D 328 -29.70 56.13 -24.49
C THR D 328 -28.66 56.72 -25.43
N GLU D 329 -28.61 58.05 -25.53
CA GLU D 329 -27.69 58.68 -26.49
C GLU D 329 -26.24 58.37 -26.15
N ASN D 330 -25.89 58.42 -24.86
CA ASN D 330 -24.51 58.13 -24.47
C ASN D 330 -24.14 56.70 -24.83
N ILE D 331 -25.03 55.75 -24.59
CA ILE D 331 -24.75 54.36 -24.92
C ILE D 331 -24.60 54.20 -26.43
N ARG D 332 -25.49 54.85 -27.20
CA ARG D 332 -25.36 54.80 -28.66
C ARG D 332 -23.98 55.28 -29.09
N PHE D 333 -23.58 56.46 -28.61
CA PHE D 333 -22.31 57.04 -29.03
C PHE D 333 -21.16 56.12 -28.64
N VAL D 334 -21.18 55.60 -27.41
CA VAL D 334 -20.08 54.76 -26.95
C VAL D 334 -20.00 53.48 -27.77
N PHE D 335 -21.14 52.83 -27.98
CA PHE D 335 -21.14 51.57 -28.72
C PHE D 335 -20.73 51.76 -30.17
N ALA D 336 -21.07 52.91 -30.76
CA ALA D 336 -20.70 53.15 -32.15
C ALA D 336 -19.20 52.99 -32.34
N ALA D 337 -18.40 53.39 -31.36
CA ALA D 337 -16.96 53.25 -31.44
C ALA D 337 -16.46 51.94 -30.83
N VAL D 338 -17.18 51.41 -29.83
CA VAL D 338 -16.76 50.15 -29.23
C VAL D 338 -16.82 49.03 -30.26
N LYS D 339 -17.90 49.00 -31.06
CA LYS D 339 -18.01 47.97 -32.09
C LYS D 339 -16.87 48.07 -33.09
N ASP D 340 -16.54 49.30 -33.52
CA ASP D 340 -15.45 49.48 -34.48
C ASP D 340 -14.13 49.02 -33.88
N THR D 341 -13.87 49.36 -32.61
CA THR D 341 -12.64 48.94 -31.98
C THR D 341 -12.55 47.43 -31.88
N ILE D 342 -13.66 46.78 -31.51
CA ILE D 342 -13.67 45.33 -31.40
C ILE D 342 -13.42 44.70 -32.77
N LEU D 343 -14.08 45.23 -33.81
CA LEU D 343 -13.90 44.69 -35.15
C LEU D 343 -12.46 44.84 -35.62
N GLN D 344 -11.85 46.00 -35.37
CA GLN D 344 -10.46 46.19 -35.75
C GLN D 344 -9.55 45.24 -34.97
N LEU D 345 -9.86 45.02 -33.69
CA LEU D 345 -9.03 44.14 -32.88
C LEU D 345 -8.99 42.73 -33.45
N ASN D 346 -10.15 42.19 -33.83
CA ASN D 346 -10.25 40.82 -34.35
C ASN D 346 -10.59 40.91 -35.83
N LEU D 347 -9.61 40.61 -36.67
CA LEU D 347 -9.80 40.61 -38.12
C LEU D 347 -10.33 39.28 -38.63
N LYS D 348 -10.45 38.26 -37.79
CA LYS D 348 -10.95 36.96 -38.21
C LYS D 348 -11.78 36.32 -37.10
C1 SRW E . -1.87 -40.77 -0.93
O1 SRW E . -0.52 -40.88 -1.30
C2 SRW E . -0.03 -42.22 -1.33
C3 SRW E . 1.21 -42.55 -1.92
C4 SRW E . 1.66 -43.88 -1.93
C5 SRW E . 0.89 -44.89 -1.37
C6 SRW E . -0.32 -44.56 -0.79
C7 SRW E . -0.78 -43.26 -0.77
C8 SRW E . 2.12 -41.49 -2.57
C9 SRW E . 1.47 -40.73 -3.72
C10 SRW E . 2.60 -39.91 -4.39
N1 SRW E . 3.41 -39.10 -3.45
C11 SRW E . 3.70 -39.61 -2.10
C12 SRW E . 2.55 -40.47 -1.52
C13 SRW E . 3.49 -37.64 -3.69
N2 SRW E . 2.47 -37.02 -3.95
C14 SRW E . 2.34 -35.73 -4.19
N3 SRW E . 3.47 -34.82 -4.15
C15 SRW E . 4.67 -35.57 -3.84
C16 SRW E . 4.56 -36.95 -3.63
C17 SRW E . 5.82 -37.56 -3.34
C18 SRW E . 7.03 -36.85 -3.25
C19 SRW E . 7.01 -35.50 -3.48
C20 SRW E . 5.85 -34.84 -3.77
N4 SRW E . 8.28 -37.57 -2.93
C21 SRW E . 8.40 -39.01 -3.24
C22 SRW E . 9.42 -36.85 -2.32
C23 SRW E . 10.71 -37.16 -3.11
O2 SRW E . 11.57 -36.05 -3.09
C24 SRW E . 0.93 -35.19 -4.50
F1 SRW E . 0.19 -35.16 -3.35
C25 SRW E . 0.59 -33.92 -5.35
C26 SRW E . -0.04 -35.21 -5.72
O4 STU F . 20.08 -15.61 -5.82
C25 STU F . 19.42 -15.49 -7.04
C24 STU F . 20.36 -15.21 -8.20
C23 STU F . 21.78 -15.36 -7.64
C22 STU F . 21.96 -14.30 -6.57
C21 STU F . 20.99 -14.64 -5.46
C26 STU F . 21.84 -15.32 -4.38
N2 STU F . 20.38 -13.44 -4.88
C18 STU F . 19.12 -12.97 -5.26
C19 STU F . 18.21 -13.48 -6.19
C6 STU F . 17.00 -12.83 -6.40
C7 STU F . 16.70 -11.66 -5.66
C10 STU F . 17.61 -11.18 -4.75
C11 STU F . 18.81 -11.82 -4.54
C12 STU F . 19.95 -11.57 -3.68
C17 STU F . 20.88 -12.59 -3.92
C16 STU F . 22.08 -12.60 -3.21
C15 STU F . 22.30 -11.58 -2.30
C14 STU F . 21.37 -10.59 -2.07
C13 STU F . 20.17 -10.56 -2.75
C9 STU F . 16.99 -9.94 -4.14
N1 STU F . 15.70 -9.79 -4.79
C8 STU F . 15.53 -10.78 -5.67
O5 STU F . 14.55 -10.94 -6.37
C5 STU F . 16.32 -13.61 -7.42
C20 STU F . 17.16 -14.68 -7.76
C1 STU F . 16.78 -15.61 -8.71
C2 STU F . 15.55 -15.44 -9.30
C3 STU F . 14.72 -14.38 -8.97
C4 STU F . 15.07 -13.45 -8.03
N3 STU F . 18.31 -14.56 -6.99
O6 STU F . 21.53 -13.06 -7.13
C27 STU F . 22.67 -12.18 -7.10
N4 STU F . 22.76 -15.16 -8.72
C28 STU F . 22.87 -16.43 -9.43
PB GDP G . -25.36 45.39 -12.42
O1B GDP G . -24.01 45.35 -13.10
O2B GDP G . -25.18 45.22 -10.94
O3B GDP G . -26.24 44.28 -12.95
O3A GDP G . -26.05 46.81 -12.70
PA GDP G . -27.56 47.04 -12.21
O1A GDP G . -28.50 46.88 -13.37
O2A GDP G . -27.89 46.10 -11.08
O5' GDP G . -27.57 48.56 -11.70
C5' GDP G . -28.26 48.88 -10.49
C4' GDP G . -29.03 50.18 -10.65
O4' GDP G . -28.15 51.22 -11.04
C3' GDP G . -30.08 50.05 -11.74
O3' GDP G . -31.38 50.15 -11.17
C2' GDP G . -29.84 51.23 -12.67
O2' GDP G . -31.05 51.96 -12.86
C1' GDP G . -28.81 52.09 -11.97
N9 GDP G . -27.84 52.65 -12.92
C8 GDP G . -26.95 51.96 -13.67
N7 GDP G . -26.21 52.79 -14.44
C5 GDP G . -26.61 54.05 -14.18
C6 GDP G . -26.25 55.41 -14.65
O6 GDP G . -25.35 55.56 -15.49
N1 GDP G . -26.91 56.45 -14.14
C2 GDP G . -27.88 56.30 -13.22
N2 GDP G . -28.52 57.40 -12.75
N3 GDP G . -28.28 55.09 -12.76
C4 GDP G . -27.69 53.95 -13.18
MG MG H . -27.32 42.79 -13.22
AL ALF I . -25.76 43.12 -9.75
F1 ALF I . -27.09 44.19 -9.18
F2 ALF I . -24.44 42.05 -10.32
F3 ALF I . -26.87 42.38 -10.96
F4 ALF I . -24.66 43.85 -8.54
#